data_8AQL
#
_entry.id   8AQL
#
_cell.length_a   58.928
_cell.length_b   125.107
_cell.length_c   134.568
_cell.angle_alpha   90.00
_cell.angle_beta   93.58
_cell.angle_gamma   90.00
#
_symmetry.space_group_name_H-M   'P 1 21 1'
#
loop_
_entity.id
_entity.type
_entity.pdbx_description
1 polymer 'Serine hydroxymethyltransferase, mitochondrial'
2 non-polymer N-GLYCINE-[3-HYDROXY-2-METHYL-5-PHOSPHONOOXYMETHYL-PYRIDIN-4-YL-METHANE]
3 non-polymer 1,2-ETHANEDIOL
4 water water
#
_entity_poly.entity_id   1
_entity_poly.type   'polypeptide(L)'
_entity_poly.pdbx_seq_one_letter_code
;SNAAQTQTGEANRGWTGQESLSDSDPEMWELLQREKDRQCRGLELIASENFCSRAALEALGSCLNNKYSEGYPGKRYYGG
AEVVDEIELLCQRRALEAFDLDPAQWGVNVQPYSGSPANLAVYTALLQPHDRIMGLDLPDGGHLTHGYMSDVKRISATSI
FFESMPYKLNPKTGLIDYNQLALTARLFRPRLIIAGTSAYARLIDYARMREVCDEVKAHLLADMAHISGLVAAKVIPSPF
KHADIVTTTTHKTLRGARSGLIFYRKGVKAVDPKTGREIPYTFEDRINFAVFPSLQGGPHNHAIAAVAVALKQACTPMFR
EYSLQVLKNARAMADALLERGYSLVSGGTDNHLVLVDLRPKGLDGARAERVLELVSITANKNTCPGDRSAITPGGLRLGA
PALTSRQFREDDFRRVVDFIDEGVNIGLEVKSKTAKLQDFKSFLLKDSETSQRLANLRQRVEQFARAFPMPGFDEH
;
_entity_poly.pdbx_strand_id   A,B,C,D
#
loop_
_chem_comp.id
_chem_comp.type
_chem_comp.name
_chem_comp.formula
EDO non-polymer 1,2-ETHANEDIOL 'C2 H6 O2'
PLG non-polymer N-GLYCINE-[3-HYDROXY-2-METHYL-5-PHOSPHONOOXYMETHYL-PYRIDIN-4-YL-METHANE] 'C10 H15 N2 O7 P'
#
# COMPACT_ATOMS: atom_id res chain seq x y z
N TRP A 15 32.96 -30.76 -29.09
CA TRP A 15 32.16 -30.71 -27.86
C TRP A 15 30.76 -31.29 -28.10
N THR A 16 30.37 -32.26 -27.26
CA THR A 16 29.08 -32.94 -27.34
C THR A 16 28.13 -32.58 -26.20
N GLY A 17 28.62 -32.07 -25.08
CA GLY A 17 27.74 -31.97 -23.93
C GLY A 17 27.41 -33.30 -23.29
N GLN A 18 28.13 -34.35 -23.68
CA GLN A 18 27.98 -35.69 -23.13
C GLN A 18 29.20 -36.11 -22.32
N GLU A 19 30.19 -35.22 -22.17
CA GLU A 19 31.39 -35.53 -21.38
C GLU A 19 31.04 -35.53 -19.90
N SER A 20 31.77 -36.33 -19.12
CA SER A 20 31.51 -36.40 -17.71
C SER A 20 32.03 -35.17 -17.00
N LEU A 21 31.43 -34.87 -15.84
CA LEU A 21 31.91 -33.76 -15.03
C LEU A 21 33.36 -33.96 -14.64
N SER A 22 33.73 -35.18 -14.25
CA SER A 22 35.10 -35.42 -13.79
C SER A 22 36.15 -35.13 -14.86
N ASP A 23 35.84 -35.38 -16.14
CA ASP A 23 36.77 -35.10 -17.22
C ASP A 23 36.75 -33.63 -17.64
N SER A 24 35.57 -33.02 -17.72
CA SER A 24 35.43 -31.70 -18.33
C SER A 24 35.61 -30.54 -17.36
N ASP A 25 35.41 -30.73 -16.06
CA ASP A 25 35.57 -29.67 -15.06
C ASP A 25 36.18 -30.28 -13.80
N PRO A 26 37.47 -30.60 -13.85
CA PRO A 26 38.10 -31.24 -12.68
C PRO A 26 38.02 -30.39 -11.43
N GLU A 27 38.11 -29.07 -11.58
CA GLU A 27 38.02 -28.18 -10.42
C GLU A 27 36.70 -28.38 -9.69
N MET A 28 35.59 -28.33 -10.41
CA MET A 28 34.30 -28.54 -9.77
C MET A 28 34.17 -29.95 -9.23
N TRP A 29 34.63 -30.95 -10.00
CA TRP A 29 34.54 -32.33 -9.55
C TRP A 29 35.21 -32.50 -8.19
N GLU A 30 36.39 -31.90 -8.00
CA GLU A 30 37.11 -32.00 -6.73
C GLU A 30 36.36 -31.32 -5.60
N LEU A 31 35.71 -30.20 -5.88
CA LEU A 31 34.86 -29.58 -4.87
C LEU A 31 33.70 -30.48 -4.48
N LEU A 32 33.03 -31.13 -5.45
CA LEU A 32 31.92 -32.02 -5.09
C LEU A 32 32.39 -33.16 -4.22
N GLN A 33 33.57 -33.73 -4.53
CA GLN A 33 34.07 -34.83 -3.72
C GLN A 33 34.42 -34.36 -2.32
N ARG A 34 34.98 -33.14 -2.19
CA ARG A 34 35.30 -32.60 -0.88
C ARG A 34 34.04 -32.40 -0.04
N GLU A 35 32.94 -31.96 -0.66
CA GLU A 35 31.72 -31.76 0.11
C GLU A 35 31.14 -33.11 0.55
N LYS A 36 31.15 -34.09 -0.37
CA LYS A 36 30.73 -35.44 -0.02
C LYS A 36 31.55 -35.98 1.13
N ASP A 37 32.88 -35.77 1.10
CA ASP A 37 33.71 -36.27 2.18
C ASP A 37 33.35 -35.57 3.48
N ARG A 38 33.06 -34.28 3.42
CA ARG A 38 32.69 -33.56 4.62
C ARG A 38 31.42 -34.12 5.22
N GLN A 39 30.42 -34.41 4.36
CA GLN A 39 29.17 -34.98 4.83
C GLN A 39 29.36 -36.35 5.46
N CYS A 40 30.26 -37.16 4.89
CA CYS A 40 30.45 -38.51 5.38
C CYS A 40 31.21 -38.53 6.71
N ARG A 41 32.17 -37.63 6.90
CA ARG A 41 33.03 -37.73 8.07
C ARG A 41 32.49 -36.97 9.29
N GLY A 42 31.38 -36.24 9.14
CA GLY A 42 30.85 -35.43 10.22
C GLY A 42 29.62 -35.99 10.92
N LEU A 43 29.35 -35.40 12.10
CA LEU A 43 28.08 -35.65 12.80
C LEU A 43 27.24 -34.43 12.48
N GLU A 44 26.32 -34.61 11.57
CA GLU A 44 25.48 -33.53 11.09
C GLU A 44 24.23 -33.48 11.94
N LEU A 45 24.17 -32.49 12.81
CA LEU A 45 23.06 -32.27 13.74
C LEU A 45 22.19 -31.07 13.37
N ILE A 46 22.33 -30.51 12.16
CA ILE A 46 21.47 -29.40 11.82
C ILE A 46 20.07 -29.96 11.58
N ALA A 47 19.09 -29.42 12.28
CA ALA A 47 17.78 -30.09 12.36
C ALA A 47 17.00 -30.10 11.05
N SER A 48 17.31 -29.17 10.14
CA SER A 48 16.67 -29.04 8.85
C SER A 48 17.39 -29.77 7.74
N GLU A 49 18.46 -30.50 8.03
CA GLU A 49 19.21 -31.20 7.00
C GLU A 49 18.84 -32.67 6.93
N ASN A 50 19.09 -33.26 5.76
CA ASN A 50 19.00 -34.71 5.61
C ASN A 50 19.89 -35.11 4.44
N PHE A 51 19.88 -36.40 4.14
CA PHE A 51 20.69 -36.94 3.05
C PHE A 51 19.74 -37.57 2.04
N CYS A 52 19.65 -36.93 0.87
CA CYS A 52 18.68 -37.33 -0.14
C CYS A 52 19.14 -38.60 -0.86
N SER A 53 18.16 -39.45 -1.25
CA SER A 53 18.49 -40.67 -1.96
C SER A 53 19.08 -40.46 -3.34
N ARG A 54 19.89 -41.44 -3.75
CA ARG A 54 20.43 -41.47 -5.09
C ARG A 54 19.32 -41.40 -6.15
N ALA A 55 18.24 -42.15 -5.93
CA ALA A 55 17.17 -42.18 -6.95
C ALA A 55 16.57 -40.81 -7.16
N ALA A 56 16.34 -40.08 -6.08
CA ALA A 56 15.82 -38.74 -6.22
C ALA A 56 16.81 -37.84 -6.93
N LEU A 57 18.07 -37.94 -6.57
CA LEU A 57 19.11 -37.14 -7.19
C LEU A 57 19.25 -37.43 -8.67
N GLU A 58 19.10 -38.70 -9.08
CA GLU A 58 19.11 -39.02 -10.51
C GLU A 58 18.00 -38.31 -11.29
N ALA A 59 16.81 -38.18 -10.70
CA ALA A 59 15.76 -37.39 -11.35
C ALA A 59 16.11 -35.91 -11.35
N LEU A 60 16.71 -35.43 -10.26
CA LEU A 60 17.02 -34.01 -10.13
C LEU A 60 18.01 -33.56 -11.21
N GLY A 61 19.00 -34.41 -11.50
CA GLY A 61 19.99 -34.15 -12.53
C GLY A 61 19.68 -34.74 -13.89
N SER A 62 18.55 -34.37 -14.48
CA SER A 62 18.04 -35.06 -15.65
C SER A 62 17.61 -34.08 -16.75
N CYS A 63 17.23 -34.67 -17.88
CA CYS A 63 16.78 -33.88 -19.01
C CYS A 63 15.54 -33.09 -18.71
N LEU A 64 14.88 -33.36 -17.58
CA LEU A 64 13.71 -32.58 -17.20
C LEU A 64 14.07 -31.12 -16.98
N ASN A 65 15.34 -30.84 -16.68
CA ASN A 65 15.79 -29.47 -16.58
C ASN A 65 15.46 -28.68 -17.84
N ASN A 66 15.41 -29.37 -18.98
CA ASN A 66 15.38 -28.68 -20.27
C ASN A 66 13.98 -28.16 -20.67
N LYS A 67 12.90 -28.56 -20.00
CA LYS A 67 11.55 -28.32 -20.49
C LYS A 67 10.94 -27.10 -19.82
N TYR A 68 10.57 -26.10 -20.64
CA TYR A 68 9.69 -25.01 -20.24
C TYR A 68 8.23 -25.47 -20.25
N SER A 69 7.55 -25.35 -19.13
CA SER A 69 6.15 -25.79 -19.03
C SER A 69 5.30 -24.87 -18.13
N GLU A 70 5.39 -23.57 -18.37
CA GLU A 70 4.56 -22.60 -17.67
C GLU A 70 3.10 -23.02 -17.72
N GLY A 71 2.39 -22.82 -16.61
CA GLY A 71 1.00 -23.25 -16.50
C GLY A 71 0.85 -24.52 -15.68
N TYR A 72 -0.27 -25.20 -15.90
CA TYR A 72 -0.60 -26.40 -15.16
C TYR A 72 -0.95 -27.53 -16.12
N PRO A 73 -0.95 -28.78 -15.64
CA PRO A 73 -1.22 -29.91 -16.52
C PRO A 73 -2.50 -29.70 -17.30
N GLY A 74 -2.41 -29.86 -18.62
CA GLY A 74 -3.55 -29.72 -19.49
C GLY A 74 -3.98 -28.28 -19.71
N LYS A 75 -3.29 -27.32 -19.08
CA LYS A 75 -3.55 -25.90 -19.20
C LYS A 75 -2.19 -25.17 -19.30
N ARG A 76 -1.39 -25.55 -20.28
CA ARG A 76 -0.05 -25.00 -20.44
C ARG A 76 -0.05 -23.90 -21.49
N TYR A 77 1.00 -23.09 -21.45
CA TYR A 77 1.19 -22.07 -22.48
C TYR A 77 1.67 -22.68 -23.78
N TYR A 78 2.60 -23.64 -23.71
CA TYR A 78 3.24 -24.20 -24.89
C TYR A 78 3.00 -25.69 -24.96
N GLY A 79 3.20 -26.25 -26.17
CA GLY A 79 2.99 -27.66 -26.41
C GLY A 79 4.17 -28.49 -25.99
N GLY A 80 4.10 -29.78 -26.31
CA GLY A 80 5.17 -30.71 -25.96
C GLY A 80 5.20 -31.14 -24.51
N ALA A 81 4.12 -30.90 -23.76
CA ALA A 81 4.05 -31.09 -22.31
C ALA A 81 3.44 -32.42 -21.89
N GLU A 82 3.24 -33.35 -22.84
CA GLU A 82 2.55 -34.62 -22.56
C GLU A 82 3.16 -35.34 -21.37
N VAL A 83 4.49 -35.41 -21.36
CA VAL A 83 5.18 -36.21 -20.35
C VAL A 83 5.33 -35.44 -19.05
N VAL A 84 5.73 -34.15 -19.12
CA VAL A 84 5.79 -33.35 -17.90
C VAL A 84 4.42 -33.22 -17.25
N ASP A 85 3.34 -33.20 -18.06
CA ASP A 85 2.00 -33.25 -17.46
C ASP A 85 1.85 -34.50 -16.59
N GLU A 86 2.17 -35.66 -17.16
CA GLU A 86 2.06 -36.92 -16.42
C GLU A 86 2.89 -36.90 -15.16
N ILE A 87 4.11 -36.30 -15.22
CA ILE A 87 4.98 -36.27 -14.05
C ILE A 87 4.40 -35.37 -12.98
N GLU A 88 3.95 -34.18 -13.37
CA GLU A 88 3.39 -33.26 -12.39
C GLU A 88 2.15 -33.87 -11.73
N LEU A 89 1.28 -34.49 -12.51
CA LEU A 89 0.10 -35.12 -11.92
C LEU A 89 0.47 -36.28 -11.02
N LEU A 90 1.46 -37.10 -11.43
CA LEU A 90 1.95 -38.17 -10.57
C LEU A 90 2.49 -37.60 -9.26
N CYS A 91 3.26 -36.50 -9.33
CA CYS A 91 3.76 -35.89 -8.11
C CYS A 91 2.63 -35.47 -7.17
N GLN A 92 1.59 -34.85 -7.72
CA GLN A 92 0.43 -34.44 -6.93
C GLN A 92 -0.23 -35.63 -6.23
N ARG A 93 -0.44 -36.71 -6.99
CA ARG A 93 -1.11 -37.89 -6.43
C ARG A 93 -0.25 -38.48 -5.32
N ARG A 94 1.08 -38.48 -5.52
CA ARG A 94 1.97 -39.04 -4.50
C ARG A 94 2.04 -38.14 -3.27
N ALA A 95 1.95 -36.81 -3.44
CA ALA A 95 1.86 -35.88 -2.30
C ALA A 95 0.60 -36.14 -1.49
N LEU A 96 -0.55 -36.21 -2.15
CA LEU A 96 -1.75 -36.52 -1.42
C LEU A 96 -1.64 -37.85 -0.72
N GLU A 97 -1.06 -38.85 -1.38
CA GLU A 97 -1.00 -40.18 -0.80
C GLU A 97 -0.12 -40.19 0.44
N ALA A 98 1.02 -39.47 0.38
CA ALA A 98 1.92 -39.49 1.52
C ALA A 98 1.28 -38.90 2.76
N PHE A 99 0.30 -37.99 2.60
CA PHE A 99 -0.39 -37.36 3.73
C PHE A 99 -1.81 -37.88 3.95
N ASP A 100 -2.15 -39.01 3.34
CA ASP A 100 -3.43 -39.69 3.58
C ASP A 100 -4.63 -38.82 3.21
N LEU A 101 -4.48 -38.03 2.15
CA LEU A 101 -5.49 -37.03 1.77
C LEU A 101 -6.41 -37.56 0.66
N ASP A 102 -7.71 -37.36 0.85
CA ASP A 102 -8.69 -37.73 -0.15
C ASP A 102 -8.65 -36.70 -1.27
N PRO A 103 -8.35 -37.09 -2.50
CA PRO A 103 -8.23 -36.10 -3.58
C PRO A 103 -9.50 -35.36 -3.88
N ALA A 104 -10.65 -35.84 -3.41
CA ALA A 104 -11.86 -35.05 -3.60
C ALA A 104 -11.99 -33.92 -2.60
N GLN A 105 -11.13 -33.90 -1.56
CA GLN A 105 -11.19 -32.90 -0.49
C GLN A 105 -9.93 -32.05 -0.43
N TRP A 106 -8.86 -32.46 -1.10
CA TRP A 106 -7.61 -31.75 -1.03
C TRP A 106 -6.95 -31.71 -2.40
N GLY A 107 -6.30 -30.60 -2.69
CA GLY A 107 -5.45 -30.48 -3.86
C GLY A 107 -4.07 -30.07 -3.38
N VAL A 108 -3.12 -30.05 -4.31
CA VAL A 108 -1.73 -29.67 -3.99
C VAL A 108 -1.04 -29.06 -5.21
N ASN A 109 -0.24 -28.05 -4.95
CA ASN A 109 0.58 -27.37 -5.95
C ASN A 109 2.01 -27.77 -5.69
N VAL A 110 2.66 -28.40 -6.68
CA VAL A 110 3.99 -28.98 -6.55
C VAL A 110 5.08 -28.12 -7.21
N GLN A 111 4.73 -26.90 -7.65
CA GLN A 111 5.67 -26.00 -8.30
C GLN A 111 6.50 -25.05 -7.45
N PRO A 112 6.18 -24.76 -6.17
CA PRO A 112 7.00 -23.79 -5.46
C PRO A 112 8.46 -24.22 -5.46
N TYR A 113 9.35 -23.24 -5.61
CA TYR A 113 10.76 -23.54 -5.78
C TYR A 113 11.43 -23.92 -4.47
N SER A 114 10.87 -23.54 -3.32
CA SER A 114 11.43 -23.88 -2.02
C SER A 114 10.35 -23.54 -1.00
N GLY A 115 10.68 -23.67 0.29
CA GLY A 115 9.73 -23.29 1.32
C GLY A 115 9.32 -21.84 1.30
N SER A 116 10.31 -20.94 1.20
CA SER A 116 9.98 -19.52 1.26
C SER A 116 9.06 -19.13 0.09
N PRO A 117 9.29 -19.63 -1.12
CA PRO A 117 8.33 -19.36 -2.22
C PRO A 117 6.94 -19.87 -1.94
N ALA A 118 6.85 -21.04 -1.32
CA ALA A 118 5.54 -21.61 -1.02
C ALA A 118 4.74 -20.69 -0.11
N ASN A 119 5.37 -20.17 0.95
CA ASN A 119 4.64 -19.31 1.89
C ASN A 119 4.28 -17.97 1.24
N LEU A 120 5.20 -17.38 0.49
CA LEU A 120 4.86 -16.13 -0.15
C LEU A 120 3.69 -16.29 -1.12
N ALA A 121 3.65 -17.41 -1.83
CA ALA A 121 2.52 -17.65 -2.74
C ALA A 121 1.19 -17.75 -1.99
N VAL A 122 1.16 -18.41 -0.82
CA VAL A 122 -0.08 -18.45 -0.04
C VAL A 122 -0.52 -17.04 0.32
N TYR A 123 0.39 -16.19 0.82
CA TYR A 123 -0.02 -14.84 1.19
C TYR A 123 -0.55 -14.07 -0.01
N THR A 124 0.13 -14.23 -1.15
CA THR A 124 -0.23 -13.47 -2.34
C THR A 124 -1.56 -13.93 -2.87
N ALA A 125 -1.86 -15.22 -2.70
CA ALA A 125 -3.15 -15.78 -3.14
C ALA A 125 -4.31 -15.28 -2.29
N LEU A 126 -4.15 -15.21 -0.97
CA LEU A 126 -5.28 -15.04 -0.07
C LEU A 126 -5.39 -13.63 0.53
N LEU A 127 -4.31 -12.83 0.45
CA LEU A 127 -4.20 -11.55 1.15
C LEU A 127 -3.96 -10.44 0.13
N GLN A 128 -4.49 -9.25 0.42
CA GLN A 128 -4.12 -8.06 -0.33
C GLN A 128 -2.83 -7.55 0.26
N PRO A 129 -2.04 -6.80 -0.51
CA PRO A 129 -0.89 -6.11 0.07
C PRO A 129 -1.28 -5.35 1.35
N HIS A 130 -0.43 -5.45 2.38
CA HIS A 130 -0.58 -4.80 3.68
C HIS A 130 -1.64 -5.45 4.55
N ASP A 131 -2.23 -6.57 4.11
CA ASP A 131 -3.08 -7.33 4.99
C ASP A 131 -2.22 -7.96 6.11
N ARG A 132 -2.88 -8.34 7.19
CA ARG A 132 -2.21 -8.70 8.42
C ARG A 132 -1.98 -10.18 8.59
N ILE A 133 -0.76 -10.53 9.04
CA ILE A 133 -0.37 -11.90 9.36
C ILE A 133 0.20 -11.95 10.77
N MET A 134 0.02 -13.08 11.45
CA MET A 134 0.71 -13.33 12.72
C MET A 134 1.43 -14.64 12.66
N GLY A 135 2.71 -14.65 13.06
CA GLY A 135 3.46 -15.88 13.20
C GLY A 135 4.31 -15.85 14.47
N LEU A 136 4.85 -17.02 14.83
CA LEU A 136 5.73 -17.10 15.98
C LEU A 136 7.00 -16.32 15.71
N ASP A 137 7.36 -15.47 16.68
CA ASP A 137 8.52 -14.62 16.53
C ASP A 137 9.77 -15.43 16.26
N LEU A 138 10.66 -14.89 15.42
CA LEU A 138 11.88 -15.59 15.05
C LEU A 138 12.70 -16.01 16.27
N PRO A 139 13.04 -15.12 17.22
CA PRO A 139 13.80 -15.58 18.37
C PRO A 139 13.09 -16.62 19.22
N ASP A 140 11.75 -16.72 19.08
CA ASP A 140 10.97 -17.69 19.81
C ASP A 140 10.75 -19.00 19.06
N GLY A 141 11.36 -19.16 17.89
CA GLY A 141 11.25 -20.42 17.18
C GLY A 141 10.57 -20.39 15.82
N GLY A 142 10.06 -19.23 15.39
CA GLY A 142 9.40 -19.09 14.12
C GLY A 142 10.39 -18.94 12.98
N HIS A 143 9.85 -18.82 11.77
CA HIS A 143 10.61 -18.70 10.55
C HIS A 143 10.51 -17.29 10.01
N LEU A 144 11.57 -16.87 9.31
CA LEU A 144 11.56 -15.55 8.66
C LEU A 144 10.29 -15.27 7.89
N THR A 145 9.81 -16.27 7.13
CA THR A 145 8.67 -16.05 6.24
C THR A 145 7.35 -16.07 6.95
N HIS A 146 7.32 -16.14 8.29
CA HIS A 146 6.10 -15.96 9.05
C HIS A 146 5.91 -14.51 9.45
N GLY A 147 6.73 -13.61 8.89
CA GLY A 147 6.50 -12.19 8.99
C GLY A 147 7.53 -11.42 9.79
N TYR A 148 8.74 -11.91 9.84
CA TYR A 148 9.68 -11.32 10.76
C TYR A 148 10.14 -9.93 10.36
N MET A 149 10.06 -9.02 11.33
CA MET A 149 10.75 -7.73 11.33
C MET A 149 11.25 -7.46 12.74
N SER A 150 12.34 -6.68 12.83
CA SER A 150 12.92 -6.33 14.12
C SER A 150 12.47 -4.92 14.51
N ASP A 151 12.84 -4.51 15.72
CA ASP A 151 12.55 -3.16 16.16
C ASP A 151 13.11 -2.11 15.20
N VAL A 152 14.13 -2.47 14.38
CA VAL A 152 14.88 -1.47 13.62
C VAL A 152 14.71 -1.53 12.09
N LYS A 153 14.18 -2.63 11.53
CA LYS A 153 14.21 -2.83 10.08
C LYS A 153 13.20 -3.91 9.73
N ARG A 154 12.54 -3.75 8.58
CA ARG A 154 11.75 -4.84 8.02
C ARG A 154 12.72 -5.82 7.33
N ILE A 155 12.69 -7.09 7.76
CA ILE A 155 13.69 -8.09 7.37
C ILE A 155 13.12 -9.02 6.30
N SER A 156 12.07 -9.79 6.65
CA SER A 156 11.46 -10.68 5.65
C SER A 156 10.56 -9.88 4.71
N ALA A 157 10.52 -10.28 3.43
CA ALA A 157 9.59 -9.70 2.48
C ALA A 157 8.16 -9.83 2.98
N THR A 158 7.91 -10.85 3.82
CA THR A 158 6.56 -11.08 4.33
C THR A 158 6.15 -10.02 5.35
N SER A 159 7.09 -9.22 5.83
CA SER A 159 6.81 -8.05 6.66
C SER A 159 6.82 -6.73 5.88
N ILE A 160 7.24 -6.76 4.61
CA ILE A 160 7.24 -5.58 3.74
C ILE A 160 5.94 -5.49 2.96
N PHE A 161 5.59 -6.57 2.26
CA PHE A 161 4.40 -6.60 1.43
C PHE A 161 3.14 -6.87 2.25
N PHE A 162 3.27 -7.35 3.49
CA PHE A 162 2.15 -7.64 4.38
C PHE A 162 2.51 -7.07 5.73
N GLU A 163 1.53 -6.96 6.59
CA GLU A 163 1.70 -6.33 7.88
C GLU A 163 1.67 -7.44 8.94
N SER A 164 2.80 -7.69 9.61
CA SER A 164 2.92 -8.77 10.56
C SER A 164 3.00 -8.26 12.00
N MET A 165 2.58 -9.12 12.91
CA MET A 165 2.79 -8.93 14.34
C MET A 165 3.08 -10.32 14.91
N PRO A 166 4.10 -10.47 15.74
CA PRO A 166 4.47 -11.81 16.22
C PRO A 166 3.61 -12.23 17.40
N TYR A 167 3.53 -13.54 17.55
CA TYR A 167 3.18 -14.12 18.82
C TYR A 167 4.41 -14.79 19.47
N LYS A 168 4.28 -15.05 20.76
CA LYS A 168 5.38 -15.37 21.63
C LYS A 168 5.19 -16.68 22.38
N LEU A 169 6.31 -17.25 22.85
CA LEU A 169 6.33 -18.30 23.84
C LEU A 169 5.99 -17.73 25.19
N ASN A 170 5.44 -18.57 26.02
CA ASN A 170 5.40 -18.32 27.44
C ASN A 170 6.80 -18.52 27.97
N PRO A 171 7.45 -17.50 28.49
CA PRO A 171 8.88 -17.63 28.84
C PRO A 171 9.10 -18.59 29.99
N LYS A 172 8.08 -18.85 30.81
CA LYS A 172 8.23 -19.77 31.94
C LYS A 172 8.27 -21.23 31.48
N THR A 173 7.43 -21.58 30.49
CA THR A 173 7.20 -22.96 30.08
C THR A 173 7.90 -23.32 28.78
N GLY A 174 8.25 -22.33 27.96
CA GLY A 174 8.83 -22.60 26.67
C GLY A 174 7.85 -23.06 25.61
N LEU A 175 6.56 -23.08 25.95
CA LEU A 175 5.54 -23.42 24.97
C LEU A 175 4.91 -22.17 24.36
N ILE A 176 4.36 -22.34 23.16
CA ILE A 176 3.57 -21.26 22.55
C ILE A 176 2.51 -20.83 23.57
N ASP A 177 2.39 -19.52 23.80
CA ASP A 177 1.36 -18.97 24.67
C ASP A 177 0.05 -18.76 23.90
N TYR A 178 -0.79 -19.79 23.92
CA TYR A 178 -2.02 -19.73 23.14
C TYR A 178 -3.01 -18.72 23.71
N ASN A 179 -2.98 -18.53 25.03
CA ASN A 179 -3.85 -17.53 25.64
C ASN A 179 -3.54 -16.14 25.13
N GLN A 180 -2.25 -15.80 25.08
CA GLN A 180 -1.89 -14.46 24.65
C GLN A 180 -2.09 -14.30 23.16
N LEU A 181 -1.86 -15.37 22.38
CA LEU A 181 -2.18 -15.29 20.98
C LEU A 181 -3.66 -14.92 20.79
N ALA A 182 -4.54 -15.62 21.50
CA ALA A 182 -5.96 -15.29 21.36
C ALA A 182 -6.23 -13.83 21.69
N LEU A 183 -5.64 -13.36 22.78
CA LEU A 183 -5.85 -11.99 23.23
C LEU A 183 -5.39 -10.99 22.19
N THR A 184 -4.18 -11.15 21.66
CA THR A 184 -3.66 -10.14 20.77
C THR A 184 -4.28 -10.25 19.38
N ALA A 185 -4.66 -11.47 18.95
CA ALA A 185 -5.31 -11.62 17.65
C ALA A 185 -6.64 -10.86 17.60
N ARG A 186 -7.35 -10.79 18.73
CA ARG A 186 -8.60 -10.06 18.79
C ARG A 186 -8.39 -8.58 18.52
N LEU A 187 -7.23 -8.06 18.93
CA LEU A 187 -6.94 -6.64 18.81
C LEU A 187 -6.32 -6.33 17.46
N PHE A 188 -5.41 -7.19 16.97
CA PHE A 188 -4.67 -6.99 15.71
C PHE A 188 -5.49 -7.39 14.49
N ARG A 189 -6.43 -8.35 14.64
CA ARG A 189 -7.31 -8.79 13.55
C ARG A 189 -6.54 -9.31 12.32
N PRO A 190 -5.71 -10.32 12.50
CA PRO A 190 -4.98 -10.89 11.37
C PRO A 190 -5.95 -11.49 10.37
N ARG A 191 -5.54 -11.49 9.11
CA ARG A 191 -6.25 -12.22 8.06
C ARG A 191 -5.76 -13.64 7.93
N LEU A 192 -4.57 -13.92 8.44
CA LEU A 192 -3.96 -15.24 8.40
C LEU A 192 -3.01 -15.40 9.59
N ILE A 193 -3.04 -16.59 10.19
CA ILE A 193 -2.14 -16.93 11.29
C ILE A 193 -1.39 -18.20 10.90
N ILE A 194 -0.05 -18.19 11.07
CA ILE A 194 0.83 -19.32 10.71
C ILE A 194 1.11 -20.15 11.95
N ALA A 195 0.81 -21.45 11.88
CA ALA A 195 1.16 -22.43 12.91
C ALA A 195 2.26 -23.30 12.32
N GLY A 196 3.49 -23.08 12.75
CA GLY A 196 4.58 -23.87 12.24
C GLY A 196 5.88 -23.24 12.71
N THR A 197 6.93 -24.05 12.87
CA THR A 197 8.13 -23.57 13.55
C THR A 197 9.41 -24.03 12.88
N SER A 198 10.48 -23.27 13.12
CA SER A 198 11.83 -23.73 12.79
C SER A 198 12.62 -24.26 13.98
N ALA A 199 12.34 -23.77 15.18
CA ALA A 199 12.99 -24.27 16.38
C ALA A 199 12.02 -24.36 17.54
N TYR A 200 11.31 -25.50 17.61
CA TYR A 200 10.32 -25.80 18.64
C TYR A 200 10.30 -27.31 18.79
N ALA A 201 10.42 -27.79 20.02
CA ALA A 201 10.55 -29.23 20.28
C ALA A 201 9.22 -29.90 20.63
N ARG A 202 8.13 -29.16 20.71
CA ARG A 202 6.84 -29.68 21.17
C ARG A 202 5.87 -29.70 20.00
N LEU A 203 4.77 -30.42 20.21
CA LEU A 203 3.73 -30.47 19.19
C LEU A 203 2.87 -29.23 19.29
N ILE A 204 2.41 -28.73 18.16
CA ILE A 204 1.59 -27.54 18.15
C ILE A 204 0.14 -27.94 18.37
N ASP A 205 -0.60 -27.14 19.14
CA ASP A 205 -2.03 -27.39 19.36
C ASP A 205 -2.83 -26.81 18.22
N TYR A 206 -2.92 -27.58 17.11
CA TYR A 206 -3.59 -27.09 15.91
C TYR A 206 -5.07 -26.84 16.15
N ALA A 207 -5.72 -27.69 16.96
CA ALA A 207 -7.10 -27.44 17.32
C ALA A 207 -7.28 -26.06 17.97
N ARG A 208 -6.38 -25.67 18.90
CA ARG A 208 -6.49 -24.36 19.52
C ARG A 208 -6.21 -23.25 18.53
N MET A 209 -5.16 -23.40 17.71
CA MET A 209 -4.88 -22.42 16.66
C MET A 209 -6.12 -22.22 15.79
N ARG A 210 -6.81 -23.31 15.43
CA ARG A 210 -7.99 -23.17 14.59
C ARG A 210 -9.12 -22.45 15.31
N GLU A 211 -9.31 -22.75 16.60
CA GLU A 211 -10.31 -22.05 17.40
C GLU A 211 -10.09 -20.55 17.32
N VAL A 212 -8.83 -20.12 17.48
CA VAL A 212 -8.52 -18.70 17.44
C VAL A 212 -8.83 -18.15 16.05
N CYS A 213 -8.40 -18.85 15.02
CA CYS A 213 -8.63 -18.39 13.66
C CYS A 213 -10.12 -18.30 13.35
N ASP A 214 -10.90 -19.28 13.79
CA ASP A 214 -12.34 -19.22 13.56
C ASP A 214 -12.96 -18.03 14.31
N GLU A 215 -12.49 -17.74 15.52
CA GLU A 215 -13.03 -16.62 16.29
C GLU A 215 -12.78 -15.29 15.60
N VAL A 216 -11.54 -15.03 15.17
CA VAL A 216 -11.21 -13.75 14.55
C VAL A 216 -11.37 -13.76 13.03
N LYS A 217 -11.83 -14.86 12.44
CA LYS A 217 -12.09 -14.97 11.02
C LYS A 217 -10.82 -14.82 10.20
N ALA A 218 -9.76 -15.48 10.66
CA ALA A 218 -8.50 -15.61 9.97
C ALA A 218 -8.38 -16.99 9.33
N HIS A 219 -7.62 -17.07 8.24
CA HIS A 219 -7.18 -18.36 7.73
C HIS A 219 -6.08 -18.92 8.61
N LEU A 220 -6.10 -20.23 8.84
CA LEU A 220 -5.03 -20.93 9.53
C LEU A 220 -4.14 -21.59 8.48
N LEU A 221 -2.87 -21.19 8.41
CA LEU A 221 -1.87 -21.86 7.60
C LEU A 221 -0.96 -22.65 8.53
N ALA A 222 -0.83 -23.94 8.26
CA ALA A 222 0.16 -24.78 8.92
C ALA A 222 1.38 -24.88 8.03
N ASP A 223 2.49 -24.38 8.52
CA ASP A 223 3.78 -24.51 7.82
C ASP A 223 4.51 -25.65 8.51
N MET A 224 4.42 -26.84 7.93
CA MET A 224 4.90 -28.07 8.54
C MET A 224 6.30 -28.48 8.05
N ALA A 225 7.06 -27.56 7.47
CA ALA A 225 8.36 -27.87 6.87
C ALA A 225 9.19 -28.83 7.73
N HIS A 226 9.40 -28.49 9.00
CA HIS A 226 10.32 -29.31 9.80
C HIS A 226 9.79 -30.71 10.05
N ILE A 227 8.47 -30.85 10.21
CA ILE A 227 7.85 -32.08 10.72
C ILE A 227 7.15 -32.88 9.64
N SER A 228 7.23 -32.46 8.37
CA SER A 228 6.43 -33.07 7.32
C SER A 228 6.65 -34.57 7.20
N GLY A 229 7.89 -35.04 7.35
CA GLY A 229 8.11 -36.46 7.25
C GLY A 229 7.51 -37.22 8.42
N LEU A 230 7.56 -36.62 9.61
CA LEU A 230 6.95 -37.22 10.79
C LEU A 230 5.43 -37.31 10.64
N VAL A 231 4.82 -36.28 10.03
CA VAL A 231 3.40 -36.27 9.72
C VAL A 231 3.05 -37.34 8.68
N ALA A 232 3.81 -37.39 7.59
CA ALA A 232 3.55 -38.41 6.58
C ALA A 232 3.65 -39.80 7.17
N ALA A 233 4.63 -40.03 8.04
CA ALA A 233 4.77 -41.37 8.65
C ALA A 233 3.71 -41.67 9.72
N LYS A 234 2.88 -40.70 10.08
CA LYS A 234 1.85 -40.83 11.13
C LYS A 234 2.46 -41.14 12.49
N VAL A 235 3.64 -40.55 12.77
CA VAL A 235 4.26 -40.72 14.07
C VAL A 235 3.93 -39.58 15.03
N ILE A 236 3.40 -38.47 14.54
CA ILE A 236 2.88 -37.35 15.33
C ILE A 236 1.57 -36.92 14.70
N PRO A 237 0.74 -36.14 15.41
CA PRO A 237 -0.56 -35.75 14.86
C PRO A 237 -0.43 -34.86 13.63
N SER A 238 -1.42 -34.92 12.78
CA SER A 238 -1.38 -34.27 11.47
C SER A 238 -2.03 -32.88 11.53
N PRO A 239 -1.39 -31.86 10.98
CA PRO A 239 -2.04 -30.54 10.93
C PRO A 239 -3.23 -30.50 10.01
N PHE A 240 -3.32 -31.43 9.06
CA PHE A 240 -4.40 -31.42 8.07
C PHE A 240 -5.76 -31.64 8.73
N LYS A 241 -5.80 -32.15 9.97
CA LYS A 241 -7.08 -32.24 10.65
C LYS A 241 -7.63 -30.89 11.03
N HIS A 242 -6.80 -29.85 11.17
CA HIS A 242 -7.29 -28.58 11.67
C HIS A 242 -6.98 -27.38 10.79
N ALA A 243 -6.05 -27.49 9.86
CA ALA A 243 -5.77 -26.41 8.93
C ALA A 243 -6.28 -26.83 7.56
N ASP A 244 -6.79 -25.85 6.82
CA ASP A 244 -7.24 -26.11 5.46
C ASP A 244 -6.23 -25.68 4.39
N ILE A 245 -5.12 -25.02 4.77
CA ILE A 245 -3.95 -24.74 3.91
C ILE A 245 -2.73 -25.22 4.66
N VAL A 246 -1.85 -25.96 3.98
CA VAL A 246 -0.60 -26.47 4.59
C VAL A 246 0.53 -26.29 3.60
N THR A 247 1.64 -25.67 4.05
CA THR A 247 2.87 -25.58 3.26
C THR A 247 3.96 -26.45 3.84
N THR A 248 4.91 -26.82 3.00
CA THR A 248 6.06 -27.54 3.48
C THR A 248 7.19 -27.45 2.47
N THR A 249 8.39 -27.72 2.97
CA THR A 249 9.49 -28.07 2.11
C THR A 249 9.49 -29.58 1.86
N THR A 250 10.30 -29.98 0.90
CA THR A 250 10.46 -31.39 0.58
C THR A 250 11.82 -31.99 0.97
N HIS A 251 12.73 -31.18 1.54
CA HIS A 251 14.12 -31.56 1.84
C HIS A 251 14.50 -31.70 3.31
N LYS A 252 13.58 -31.68 4.22
CA LYS A 252 13.91 -31.79 5.65
C LYS A 252 13.61 -33.24 6.05
N THR A 253 12.60 -33.45 6.91
CA THR A 253 12.27 -34.81 7.31
C THR A 253 11.64 -35.63 6.20
N LEU A 254 11.21 -35.02 5.09
CA LEU A 254 10.72 -35.79 3.95
C LEU A 254 11.86 -36.34 3.09
N ARG A 255 13.09 -35.85 3.26
CA ARG A 255 14.28 -36.49 2.71
C ARG A 255 14.30 -36.45 1.16
N GLY A 256 13.73 -35.41 0.56
CA GLY A 256 13.77 -35.23 -0.88
C GLY A 256 14.67 -34.10 -1.35
N ALA A 257 14.50 -33.75 -2.63
CA ALA A 257 15.25 -32.65 -3.22
C ALA A 257 14.71 -31.33 -2.66
N ARG A 258 15.49 -30.25 -2.81
CA ARG A 258 14.99 -28.95 -2.32
C ARG A 258 13.83 -28.44 -3.19
N SER A 259 12.70 -28.18 -2.56
CA SER A 259 11.46 -27.76 -3.24
C SER A 259 10.42 -27.41 -2.18
N GLY A 260 9.21 -27.06 -2.64
CA GLY A 260 8.13 -26.68 -1.76
C GLY A 260 6.84 -27.27 -2.30
N LEU A 261 5.84 -27.31 -1.42
CA LEU A 261 4.50 -27.78 -1.76
C LEU A 261 3.47 -26.92 -1.01
N ILE A 262 2.28 -26.73 -1.62
CA ILE A 262 1.17 -26.04 -0.99
C ILE A 262 -0.03 -26.94 -1.13
N PHE A 263 -0.58 -27.38 0.00
CA PHE A 263 -1.81 -28.17 0.02
C PHE A 263 -2.99 -27.30 0.44
N TYR A 264 -4.19 -27.61 -0.09
CA TYR A 264 -5.37 -26.79 0.18
C TYR A 264 -6.63 -27.64 0.05
N ARG A 265 -7.63 -27.31 0.86
CA ARG A 265 -8.92 -27.96 0.70
C ARG A 265 -9.56 -27.54 -0.60
N LYS A 266 -10.36 -28.44 -1.16
CA LYS A 266 -11.11 -28.12 -2.36
C LYS A 266 -12.45 -28.81 -2.24
N GLY A 267 -13.36 -28.41 -3.12
CA GLY A 267 -14.68 -29.02 -3.14
C GLY A 267 -15.66 -28.24 -2.29
N VAL A 268 -16.65 -28.93 -1.71
CA VAL A 268 -17.73 -28.28 -0.98
C VAL A 268 -17.28 -28.00 0.44
N LYS A 269 -17.55 -26.77 0.91
CA LYS A 269 -17.10 -26.33 2.24
C LYS A 269 -18.25 -26.44 3.25
N ILE A 279 -21.78 -24.18 -1.74
CA ILE A 279 -20.73 -23.28 -1.26
C ILE A 279 -19.35 -23.96 -1.28
N PRO A 280 -18.52 -23.67 -2.29
CA PRO A 280 -17.20 -24.32 -2.40
C PRO A 280 -16.08 -23.55 -1.73
N TYR A 281 -15.01 -24.29 -1.42
CA TYR A 281 -13.73 -23.68 -1.13
C TYR A 281 -13.28 -22.91 -2.37
N THR A 282 -12.51 -21.83 -2.13
CA THR A 282 -11.95 -21.01 -3.20
C THR A 282 -10.44 -20.88 -3.07
N PHE A 283 -9.79 -21.85 -2.42
CA PHE A 283 -8.35 -21.80 -2.31
C PHE A 283 -7.68 -22.15 -3.63
N GLU A 284 -8.20 -23.16 -4.33
CA GLU A 284 -7.40 -23.81 -5.39
C GLU A 284 -7.01 -22.82 -6.48
N ASP A 285 -8.00 -22.10 -7.03
CA ASP A 285 -7.70 -21.21 -8.15
C ASP A 285 -6.81 -20.05 -7.73
N ARG A 286 -7.03 -19.49 -6.55
CA ARG A 286 -6.17 -18.39 -6.07
C ARG A 286 -4.73 -18.83 -5.80
N ILE A 287 -4.54 -20.01 -5.19
CA ILE A 287 -3.19 -20.49 -4.90
C ILE A 287 -2.46 -20.80 -6.19
N ASN A 288 -3.11 -21.52 -7.11
CA ASN A 288 -2.44 -21.87 -8.35
C ASN A 288 -2.07 -20.61 -9.14
N PHE A 289 -2.96 -19.63 -9.16
CA PHE A 289 -2.67 -18.40 -9.88
C PHE A 289 -1.52 -17.62 -9.24
N ALA A 290 -1.45 -17.59 -7.91
CA ALA A 290 -0.37 -16.90 -7.21
C ALA A 290 0.99 -17.51 -7.55
N VAL A 291 1.07 -18.83 -7.61
CA VAL A 291 2.32 -19.47 -7.95
C VAL A 291 2.72 -19.13 -9.38
N PHE A 292 1.79 -19.31 -10.32
CA PHE A 292 1.99 -18.96 -11.73
C PHE A 292 0.63 -18.52 -12.29
N PRO A 293 0.51 -17.33 -12.90
CA PRO A 293 1.57 -16.44 -13.38
C PRO A 293 2.10 -15.41 -12.41
N SER A 294 1.60 -15.33 -11.18
CA SER A 294 1.94 -14.15 -10.40
C SER A 294 3.40 -14.15 -9.99
N LEU A 295 3.86 -15.23 -9.34
CA LEU A 295 5.15 -15.16 -8.68
C LEU A 295 6.26 -15.88 -9.41
N GLN A 296 6.03 -17.07 -9.92
CA GLN A 296 7.08 -17.85 -10.54
C GLN A 296 7.00 -17.80 -12.04
N GLY A 297 8.05 -18.30 -12.69
CA GLY A 297 7.99 -18.57 -14.11
C GLY A 297 7.88 -20.06 -14.43
N GLY A 298 8.77 -20.60 -15.25
CA GLY A 298 8.69 -21.98 -15.58
C GLY A 298 8.97 -22.87 -14.39
N PRO A 299 8.19 -23.94 -14.21
CA PRO A 299 8.47 -24.88 -13.13
C PRO A 299 9.80 -25.59 -13.33
N HIS A 300 10.33 -26.11 -12.23
CA HIS A 300 11.55 -26.90 -12.28
C HIS A 300 11.19 -28.37 -12.32
N ASN A 301 11.00 -28.87 -13.54
CA ASN A 301 10.43 -30.21 -13.68
C ASN A 301 11.36 -31.28 -13.13
N HIS A 302 12.66 -31.03 -13.15
CA HIS A 302 13.59 -31.97 -12.55
C HIS A 302 13.35 -32.08 -11.06
N ALA A 303 13.12 -30.94 -10.41
CA ALA A 303 12.81 -30.93 -8.98
C ALA A 303 11.48 -31.60 -8.69
N ILE A 304 10.44 -31.29 -9.48
CA ILE A 304 9.15 -31.99 -9.35
C ILE A 304 9.31 -33.51 -9.37
N ALA A 305 10.05 -34.00 -10.33
CA ALA A 305 10.25 -35.43 -10.45
C ALA A 305 10.95 -36.01 -9.23
N ALA A 306 12.03 -35.34 -8.80
CA ALA A 306 12.80 -35.78 -7.63
C ALA A 306 11.94 -35.80 -6.39
N VAL A 307 11.10 -34.78 -6.24
CA VAL A 307 10.14 -34.73 -5.16
C VAL A 307 9.19 -35.92 -5.25
N ALA A 308 8.71 -36.21 -6.46
CA ALA A 308 7.78 -37.35 -6.61
C ALA A 308 8.46 -38.65 -6.19
N VAL A 309 9.75 -38.81 -6.49
CA VAL A 309 10.48 -40.00 -6.08
C VAL A 309 10.53 -40.11 -4.55
N ALA A 310 10.84 -38.99 -3.88
CA ALA A 310 10.94 -39.00 -2.43
C ALA A 310 9.59 -39.22 -1.78
N LEU A 311 8.53 -38.66 -2.36
CA LEU A 311 7.17 -38.85 -1.85
C LEU A 311 6.75 -40.32 -1.89
N LYS A 312 7.08 -41.03 -2.97
CA LYS A 312 6.77 -42.44 -3.01
C LYS A 312 7.51 -43.19 -1.91
N GLN A 313 8.79 -42.83 -1.66
CA GLN A 313 9.52 -43.44 -0.56
C GLN A 313 8.81 -43.17 0.77
N ALA A 314 8.22 -41.99 0.92
CA ALA A 314 7.62 -41.61 2.18
C ALA A 314 6.34 -42.39 2.46
N CYS A 315 5.80 -43.04 1.45
CA CYS A 315 4.58 -43.79 1.62
C CYS A 315 4.79 -45.20 2.20
N THR A 316 6.06 -45.62 2.42
CA THR A 316 6.42 -47.02 2.66
C THR A 316 6.62 -47.35 4.12
N PRO A 317 6.55 -48.64 4.47
CA PRO A 317 6.82 -49.03 5.85
C PRO A 317 8.23 -48.65 6.28
N MET A 318 9.19 -48.74 5.36
CA MET A 318 10.55 -48.29 5.61
C MET A 318 10.56 -46.90 6.21
N PHE A 319 9.78 -46.00 5.61
CA PHE A 319 9.84 -44.61 6.02
C PHE A 319 9.14 -44.39 7.36
N ARG A 320 8.12 -45.19 7.65
CA ARG A 320 7.52 -45.09 8.98
C ARG A 320 8.50 -45.57 10.05
N GLU A 321 9.28 -46.61 9.76
CA GLU A 321 10.29 -47.06 10.72
C GLU A 321 11.38 -45.99 10.88
N TYR A 322 11.76 -45.35 9.78
CA TYR A 322 12.75 -44.28 9.85
C TYR A 322 12.23 -43.16 10.74
N SER A 323 11.00 -42.74 10.53
CA SER A 323 10.44 -41.65 11.30
C SER A 323 10.31 -42.02 12.78
N LEU A 324 9.86 -43.24 13.08
CA LEU A 324 9.84 -43.67 14.48
C LEU A 324 11.24 -43.57 15.09
N GLN A 325 12.26 -44.04 14.37
CA GLN A 325 13.63 -43.97 14.86
C GLN A 325 14.11 -42.54 15.05
N VAL A 326 13.67 -41.60 14.20
CA VAL A 326 14.00 -40.19 14.41
C VAL A 326 13.50 -39.73 15.77
N LEU A 327 12.24 -40.04 16.09
CA LEU A 327 11.71 -39.68 17.41
C LEU A 327 12.52 -40.31 18.54
N LYS A 328 12.78 -41.61 18.45
CA LYS A 328 13.54 -42.28 19.50
C LYS A 328 14.91 -41.67 19.66
N ASN A 329 15.58 -41.38 18.56
CA ASN A 329 16.93 -40.82 18.62
C ASN A 329 16.93 -39.43 19.23
N ALA A 330 15.98 -38.56 18.85
CA ALA A 330 15.92 -37.25 19.48
C ALA A 330 15.70 -37.39 20.97
N ARG A 331 14.81 -38.29 21.39
CA ARG A 331 14.56 -38.50 22.82
C ARG A 331 15.79 -39.06 23.52
N ALA A 332 16.49 -39.99 22.90
CA ALA A 332 17.74 -40.49 23.47
C ALA A 332 18.75 -39.38 23.65
N MET A 333 18.84 -38.47 22.70
CA MET A 333 19.80 -37.38 22.79
C MET A 333 19.43 -36.44 23.93
N ALA A 334 18.15 -36.10 24.00
CA ALA A 334 17.65 -35.25 25.07
C ALA A 334 17.94 -35.86 26.42
N ASP A 335 17.61 -37.15 26.59
CA ASP A 335 17.83 -37.82 27.86
C ASP A 335 19.31 -37.82 28.26
N ALA A 336 20.21 -38.04 27.30
CA ALA A 336 21.63 -38.09 27.61
C ALA A 336 22.14 -36.72 28.02
N LEU A 337 21.63 -35.65 27.39
CA LEU A 337 22.01 -34.28 27.79
C LEU A 337 21.53 -33.95 29.19
N LEU A 338 20.28 -34.31 29.52
CA LEU A 338 19.75 -34.06 30.87
C LEU A 338 20.57 -34.79 31.91
N GLU A 339 20.92 -36.04 31.62
CA GLU A 339 21.70 -36.82 32.58
C GLU A 339 23.07 -36.21 32.79
N ARG A 340 23.55 -35.42 31.84
CA ARG A 340 24.82 -34.75 32.00
C ARG A 340 24.66 -33.33 32.55
N GLY A 341 23.46 -32.98 33.01
CA GLY A 341 23.21 -31.71 33.66
C GLY A 341 22.88 -30.55 32.73
N TYR A 342 22.69 -30.79 31.44
CA TYR A 342 22.20 -29.77 30.53
C TYR A 342 20.71 -29.54 30.77
N SER A 343 20.24 -28.36 30.44
CA SER A 343 18.81 -28.08 30.48
C SER A 343 18.29 -28.09 29.05
N LEU A 344 16.99 -28.34 28.91
CA LEU A 344 16.32 -28.32 27.62
C LEU A 344 15.16 -27.33 27.62
N VAL A 345 15.13 -26.45 26.61
CA VAL A 345 14.02 -25.51 26.51
C VAL A 345 12.71 -26.29 26.35
N SER A 346 11.67 -25.88 27.09
CA SER A 346 10.37 -26.54 27.20
C SER A 346 10.45 -27.83 27.97
N GLY A 347 11.62 -28.23 28.47
CA GLY A 347 11.73 -29.38 29.34
C GLY A 347 11.84 -30.74 28.69
N GLY A 348 12.04 -30.83 27.39
CA GLY A 348 11.97 -32.12 26.73
C GLY A 348 11.69 -31.92 25.24
N THR A 349 11.42 -33.04 24.56
CA THR A 349 11.05 -33.02 23.16
C THR A 349 9.97 -34.05 22.86
N ASP A 350 9.12 -33.69 21.89
CA ASP A 350 8.16 -34.61 21.27
C ASP A 350 8.38 -34.76 19.77
N ASN A 351 9.52 -34.30 19.23
CA ASN A 351 9.71 -34.38 17.79
C ASN A 351 11.14 -34.74 17.43
N HIS A 352 11.63 -34.27 16.30
CA HIS A 352 12.91 -34.67 15.76
C HIS A 352 14.08 -33.87 16.30
N LEU A 353 13.83 -32.87 17.13
CA LEU A 353 14.92 -31.96 17.50
C LEU A 353 14.92 -31.75 19.00
N VAL A 354 16.02 -31.17 19.49
CA VAL A 354 16.16 -30.83 20.89
C VAL A 354 16.76 -29.43 20.97
N LEU A 355 16.23 -28.64 21.90
CA LEU A 355 16.68 -27.27 22.12
C LEU A 355 17.42 -27.29 23.44
N VAL A 356 18.79 -27.29 23.37
CA VAL A 356 19.62 -27.39 24.55
C VAL A 356 19.91 -26.00 25.07
N ASP A 357 19.79 -25.84 26.39
CA ASP A 357 20.16 -24.60 27.05
C ASP A 357 21.51 -24.80 27.73
N LEU A 358 22.52 -24.11 27.25
CA LEU A 358 23.87 -24.28 27.76
C LEU A 358 24.20 -23.38 28.94
N ARG A 359 23.29 -22.49 29.32
CA ARG A 359 23.58 -21.57 30.42
C ARG A 359 23.88 -22.28 31.73
N PRO A 360 23.18 -23.34 32.12
CA PRO A 360 23.57 -24.08 33.33
C PRO A 360 24.93 -24.77 33.25
N LYS A 361 25.61 -24.67 32.10
CA LYS A 361 27.00 -25.09 32.00
C LYS A 361 27.98 -23.93 31.90
N GLY A 362 27.49 -22.73 31.63
CA GLY A 362 28.34 -21.55 31.58
C GLY A 362 29.03 -21.30 30.24
N LEU A 363 28.46 -21.77 29.14
CA LEU A 363 29.05 -21.56 27.81
C LEU A 363 27.94 -21.20 26.84
N ASP A 364 28.09 -20.08 26.14
CA ASP A 364 27.01 -19.68 25.24
C ASP A 364 27.04 -20.47 23.92
N GLY A 365 25.93 -20.39 23.19
CA GLY A 365 25.79 -21.16 21.96
C GLY A 365 26.70 -20.75 20.82
N ALA A 366 27.08 -19.47 20.76
CA ALA A 366 28.00 -19.00 19.72
C ALA A 366 29.35 -19.66 19.88
N ARG A 367 29.89 -19.62 21.09
CA ARG A 367 31.13 -20.30 21.44
C ARG A 367 31.02 -21.80 21.20
N ALA A 368 29.92 -22.41 21.65
CA ALA A 368 29.79 -23.86 21.53
C ALA A 368 29.68 -24.29 20.07
N GLU A 369 28.90 -23.56 19.28
CA GLU A 369 28.73 -23.96 17.88
C GLU A 369 30.06 -24.02 17.17
N ARG A 370 30.94 -23.07 17.45
CA ARG A 370 32.21 -22.98 16.73
C ARG A 370 33.15 -24.08 17.18
N VAL A 371 33.18 -24.36 18.48
CA VAL A 371 33.97 -25.46 18.97
C VAL A 371 33.57 -26.73 18.25
N LEU A 372 32.26 -27.01 18.28
CA LEU A 372 31.80 -28.25 17.69
C LEU A 372 32.13 -28.30 16.21
N GLU A 373 31.95 -27.18 15.50
CA GLU A 373 32.26 -27.15 14.07
C GLU A 373 33.68 -27.64 13.82
N LEU A 374 34.64 -27.17 14.63
CA LEU A 374 36.04 -27.51 14.42
C LEU A 374 36.36 -28.95 14.76
N VAL A 375 35.41 -29.70 15.33
CA VAL A 375 35.58 -31.12 15.58
C VAL A 375 34.56 -31.94 14.77
N SER A 376 34.04 -31.32 13.71
CA SER A 376 33.21 -31.98 12.71
C SER A 376 31.83 -32.36 13.23
N ILE A 377 31.28 -31.56 14.14
CA ILE A 377 29.91 -31.70 14.62
C ILE A 377 29.21 -30.40 14.26
N THR A 378 28.22 -30.46 13.37
CA THR A 378 27.55 -29.25 12.91
C THR A 378 26.21 -29.14 13.63
N ALA A 379 26.05 -28.06 14.36
CA ALA A 379 24.83 -27.68 15.02
C ALA A 379 24.65 -26.19 14.81
N ASN A 380 23.57 -25.62 15.31
CA ASN A 380 23.46 -24.17 15.27
C ASN A 380 23.05 -23.58 16.61
N LYS A 381 23.66 -22.45 16.91
CA LYS A 381 23.28 -21.64 18.07
C LYS A 381 21.79 -21.28 18.00
N ASN A 382 21.17 -21.18 19.18
CA ASN A 382 19.74 -20.98 19.28
C ASN A 382 19.44 -20.08 20.46
N THR A 383 18.64 -19.04 20.23
CA THR A 383 18.22 -18.15 21.28
C THR A 383 17.35 -18.90 22.29
N CYS A 384 17.62 -18.64 23.61
CA CYS A 384 16.84 -19.27 24.68
C CYS A 384 15.98 -18.22 25.40
N PRO A 385 14.85 -18.62 25.98
CA PRO A 385 14.09 -17.65 26.79
C PRO A 385 14.97 -17.03 27.85
N GLY A 386 14.89 -15.71 27.97
CA GLY A 386 15.70 -14.98 28.92
C GLY A 386 17.01 -14.44 28.38
N ASP A 387 17.49 -14.95 27.24
CA ASP A 387 18.71 -14.42 26.66
C ASP A 387 18.64 -12.90 26.53
N ARG A 388 19.77 -12.24 26.70
CA ARG A 388 19.82 -10.79 26.50
C ARG A 388 20.66 -10.36 25.32
N SER A 389 21.51 -11.24 24.78
CA SER A 389 22.33 -10.90 23.62
C SER A 389 22.15 -11.95 22.54
N ALA A 390 21.78 -11.48 21.34
CA ALA A 390 21.68 -12.35 20.18
C ALA A 390 23.05 -12.85 19.71
N ILE A 391 24.11 -12.08 20.00
CA ILE A 391 25.47 -12.44 19.59
C ILE A 391 25.98 -13.64 20.39
N THR A 392 25.49 -13.83 21.61
CA THR A 392 25.84 -14.97 22.43
C THR A 392 24.56 -15.59 22.99
N PRO A 393 23.75 -16.23 22.15
CA PRO A 393 22.53 -16.87 22.63
C PRO A 393 22.85 -18.04 23.55
N GLY A 394 21.83 -18.49 24.29
CA GLY A 394 22.11 -19.40 25.38
C GLY A 394 22.22 -20.85 25.00
N GLY A 395 21.79 -21.21 23.78
CA GLY A 395 21.61 -22.60 23.46
C GLY A 395 22.05 -23.09 22.09
N LEU A 396 21.66 -24.34 21.80
CA LEU A 396 21.93 -25.00 20.53
C LEU A 396 20.66 -25.73 20.13
N ARG A 397 20.39 -25.78 18.81
CA ARG A 397 19.36 -26.64 18.24
C ARG A 397 20.08 -27.85 17.65
N LEU A 398 19.66 -29.04 18.05
CA LEU A 398 20.22 -30.29 17.57
C LEU A 398 19.09 -31.14 16.99
N GLY A 399 19.31 -31.72 15.81
CA GLY A 399 18.31 -32.59 15.20
C GLY A 399 18.79 -34.01 14.93
N ALA A 400 17.85 -34.93 14.92
CA ALA A 400 18.09 -36.34 14.64
C ALA A 400 17.91 -36.81 13.20
N PRO A 401 17.22 -36.09 12.30
CA PRO A 401 16.94 -36.72 10.99
C PRO A 401 18.14 -37.17 10.18
N ALA A 402 19.18 -36.33 10.05
CA ALA A 402 20.26 -36.65 9.10
C ALA A 402 21.02 -37.90 9.51
N LEU A 403 21.48 -37.95 10.77
CA LEU A 403 22.19 -39.13 11.22
C LEU A 403 21.29 -40.36 11.30
N THR A 404 19.99 -40.19 11.60
CA THR A 404 19.11 -41.34 11.58
C THR A 404 19.09 -42.00 10.17
N SER A 405 19.20 -41.17 9.11
CA SER A 405 19.30 -41.66 7.74
C SER A 405 20.58 -42.41 7.48
N ARG A 406 21.55 -42.31 8.38
CA ARG A 406 22.78 -43.08 8.34
C ARG A 406 22.73 -44.30 9.25
N GLN A 407 21.54 -44.73 9.65
CA GLN A 407 21.35 -45.92 10.47
C GLN A 407 21.84 -45.74 11.91
N PHE A 408 22.00 -44.50 12.37
CA PHE A 408 22.21 -44.29 13.81
C PHE A 408 20.98 -44.75 14.60
N ARG A 409 21.22 -45.39 15.74
CA ARG A 409 20.21 -45.76 16.71
C ARG A 409 20.50 -45.04 18.04
N GLU A 410 19.74 -45.39 19.07
CA GLU A 410 19.79 -44.63 20.32
C GLU A 410 21.18 -44.61 20.92
N ASP A 411 21.86 -45.76 20.97
CA ASP A 411 23.20 -45.80 21.56
C ASP A 411 24.17 -44.91 20.80
N ASP A 412 24.04 -44.86 19.47
CA ASP A 412 24.89 -43.98 18.68
C ASP A 412 24.64 -42.52 19.02
N PHE A 413 23.39 -42.11 19.23
CA PHE A 413 23.13 -40.74 19.68
C PHE A 413 23.69 -40.49 21.09
N ARG A 414 23.74 -41.51 21.93
CA ARG A 414 24.43 -41.33 23.20
C ARG A 414 25.91 -41.04 22.99
N ARG A 415 26.56 -41.75 22.06
CA ARG A 415 27.94 -41.41 21.73
C ARG A 415 28.05 -39.98 21.21
N VAL A 416 27.08 -39.55 20.38
CA VAL A 416 27.07 -38.19 19.87
C VAL A 416 27.09 -37.20 21.03
N VAL A 417 26.25 -37.43 22.03
CA VAL A 417 26.22 -36.56 23.19
C VAL A 417 27.54 -36.61 23.97
N ASP A 418 28.15 -37.80 24.09
CA ASP A 418 29.49 -37.87 24.68
C ASP A 418 30.48 -36.94 23.97
N PHE A 419 30.49 -36.94 22.64
CA PHE A 419 31.42 -36.08 21.92
C PHE A 419 31.07 -34.60 22.14
N ILE A 420 29.78 -34.26 22.07
CA ILE A 420 29.34 -32.88 22.32
C ILE A 420 29.86 -32.39 23.67
N ASP A 421 29.71 -33.21 24.70
CA ASP A 421 30.11 -32.81 26.04
C ASP A 421 31.63 -32.55 26.10
N GLU A 422 32.42 -33.38 25.41
CA GLU A 422 33.86 -33.09 25.35
C GLU A 422 34.12 -31.74 24.70
N GLY A 423 33.41 -31.45 23.62
CA GLY A 423 33.54 -30.17 22.95
C GLY A 423 33.18 -29.01 23.85
N VAL A 424 32.05 -29.13 24.54
CA VAL A 424 31.65 -28.12 25.53
C VAL A 424 32.76 -27.90 26.56
N ASN A 425 33.38 -29.00 27.04
CA ASN A 425 34.43 -28.85 28.04
C ASN A 425 35.64 -28.09 27.48
N ILE A 426 36.02 -28.37 26.23
CA ILE A 426 37.07 -27.57 25.60
C ILE A 426 36.64 -26.11 25.52
N GLY A 427 35.40 -25.86 25.12
CA GLY A 427 34.92 -24.50 25.06
C GLY A 427 35.03 -23.79 26.41
N LEU A 428 34.69 -24.49 27.48
CA LEU A 428 34.83 -23.91 28.82
C LEU A 428 36.29 -23.56 29.12
N GLU A 429 37.22 -24.46 28.80
CA GLU A 429 38.63 -24.20 29.07
C GLU A 429 39.11 -22.97 28.31
N VAL A 430 38.69 -22.81 27.06
CA VAL A 430 39.09 -21.67 26.26
C VAL A 430 38.42 -20.41 26.79
N LYS A 431 37.17 -20.53 27.23
CA LYS A 431 36.48 -19.39 27.81
C LYS A 431 37.26 -18.83 28.99
N SER A 432 37.84 -19.72 29.79
CA SER A 432 38.58 -19.28 30.98
C SER A 432 39.92 -18.64 30.63
N LYS A 433 40.40 -18.77 29.39
CA LYS A 433 41.65 -18.16 28.95
C LYS A 433 41.46 -16.99 28.00
N THR A 434 40.22 -16.66 27.61
CA THR A 434 39.99 -15.59 26.64
C THR A 434 38.90 -14.66 27.13
N ALA A 435 38.78 -13.52 26.44
CA ALA A 435 37.89 -12.43 26.82
C ALA A 435 36.69 -12.36 25.88
N LYS A 436 36.91 -11.75 24.71
CA LYS A 436 35.87 -11.44 23.75
C LYS A 436 35.62 -12.64 22.84
N LEU A 437 34.43 -12.65 22.21
CA LEU A 437 34.10 -13.74 21.31
C LEU A 437 35.18 -13.90 20.25
N GLN A 438 35.72 -12.78 19.76
CA GLN A 438 36.75 -12.82 18.73
C GLN A 438 38.02 -13.47 19.25
N ASP A 439 38.36 -13.22 20.52
CA ASP A 439 39.57 -13.82 21.10
C ASP A 439 39.38 -15.31 21.34
N PHE A 440 38.18 -15.71 21.76
CA PHE A 440 37.83 -17.12 21.86
C PHE A 440 38.03 -17.80 20.52
N LYS A 441 37.50 -17.21 19.46
CA LYS A 441 37.56 -17.85 18.16
C LYS A 441 38.99 -17.95 17.65
N SER A 442 39.81 -16.92 17.87
CA SER A 442 41.19 -17.01 17.38
C SER A 442 42.01 -17.98 18.22
N PHE A 443 41.71 -18.09 19.51
CA PHE A 443 42.41 -19.03 20.38
C PHE A 443 42.26 -20.46 19.86
N LEU A 444 41.03 -20.84 19.46
CA LEU A 444 40.78 -22.19 18.95
C LEU A 444 41.72 -22.57 17.80
N LEU A 445 42.10 -21.60 16.96
CA LEU A 445 42.97 -21.81 15.81
C LEU A 445 44.44 -21.61 16.13
N LYS A 446 44.75 -20.69 17.04
CA LYS A 446 46.14 -20.25 17.20
C LYS A 446 46.82 -20.77 18.45
N ASP A 447 46.07 -21.29 19.42
CA ASP A 447 46.66 -21.81 20.65
C ASP A 447 47.05 -23.26 20.37
N SER A 448 48.36 -23.53 20.41
CA SER A 448 48.82 -24.87 20.02
C SER A 448 48.18 -25.95 20.88
N GLU A 449 48.09 -25.73 22.19
CA GLU A 449 47.49 -26.75 23.06
C GLU A 449 46.03 -26.98 22.71
N THR A 450 45.27 -25.89 22.53
CA THR A 450 43.87 -26.05 22.16
C THR A 450 43.74 -26.71 20.80
N SER A 451 44.60 -26.32 19.84
CA SER A 451 44.50 -26.89 18.51
C SER A 451 44.78 -28.39 18.51
N GLN A 452 45.72 -28.84 19.36
CA GLN A 452 46.02 -30.26 19.46
C GLN A 452 44.84 -31.02 20.07
N ARG A 453 44.20 -30.44 21.10
CA ARG A 453 43.04 -31.09 21.70
C ARG A 453 41.87 -31.19 20.71
N LEU A 454 41.59 -30.10 19.98
CA LEU A 454 40.53 -30.14 18.97
C LEU A 454 40.84 -31.20 17.92
N ALA A 455 42.10 -31.28 17.47
CA ALA A 455 42.47 -32.23 16.44
C ALA A 455 42.25 -33.66 16.92
N ASN A 456 42.54 -33.91 18.19
CA ASN A 456 42.38 -35.25 18.76
C ASN A 456 40.90 -35.60 18.81
N LEU A 457 40.07 -34.68 19.29
CA LEU A 457 38.64 -34.92 19.31
C LEU A 457 38.07 -35.09 17.89
N ARG A 458 38.49 -34.24 16.95
CA ARG A 458 38.05 -34.33 15.55
C ARG A 458 38.34 -35.69 14.95
N GLN A 459 39.52 -36.25 15.20
CA GLN A 459 39.86 -37.52 14.59
C GLN A 459 38.95 -38.62 15.13
N ARG A 460 38.64 -38.58 16.42
CA ARG A 460 37.74 -39.56 16.99
C ARG A 460 36.33 -39.41 16.46
N VAL A 461 35.84 -38.16 16.37
CA VAL A 461 34.52 -37.94 15.80
C VAL A 461 34.47 -38.50 14.38
N GLU A 462 35.50 -38.20 13.57
CA GLU A 462 35.45 -38.57 12.16
C GLU A 462 35.59 -40.08 11.99
N GLN A 463 36.42 -40.71 12.80
CA GLN A 463 36.55 -42.17 12.77
C GLN A 463 35.20 -42.83 13.05
N PHE A 464 34.46 -42.29 14.01
CA PHE A 464 33.14 -42.80 14.33
C PHE A 464 32.14 -42.58 13.19
N ALA A 465 32.04 -41.36 12.68
CA ALA A 465 31.03 -41.02 11.69
C ALA A 465 31.26 -41.78 10.37
N ARG A 466 32.50 -41.89 9.94
CA ARG A 466 32.78 -42.53 8.65
C ARG A 466 32.31 -43.98 8.62
N ALA A 467 32.18 -44.64 9.78
CA ALA A 467 31.82 -46.05 9.81
C ALA A 467 30.36 -46.32 9.42
N PHE A 468 29.52 -45.26 9.29
CA PHE A 468 28.09 -45.41 9.03
C PHE A 468 27.79 -45.22 7.55
N PRO A 469 26.77 -45.86 7.01
CA PRO A 469 26.48 -45.71 5.59
C PRO A 469 25.95 -44.31 5.32
N MET A 470 25.83 -44.01 4.01
CA MET A 470 25.39 -42.71 3.55
C MET A 470 24.53 -42.78 2.29
N PRO A 471 23.27 -42.28 2.35
CA PRO A 471 22.47 -42.21 1.13
C PRO A 471 23.14 -41.36 0.05
N GLY A 472 22.84 -41.71 -1.21
CA GLY A 472 23.22 -40.93 -2.37
C GLY A 472 24.23 -41.63 -3.25
N PHE A 473 25.01 -40.84 -4.01
CA PHE A 473 26.09 -41.37 -4.83
C PHE A 473 27.33 -41.75 -3.97
N ASP A 474 28.25 -42.48 -4.57
CA ASP A 474 29.39 -42.95 -3.82
C ASP A 474 30.31 -41.81 -3.42
N GLU A 475 30.58 -40.87 -4.34
CA GLU A 475 31.64 -39.89 -4.13
C GLU A 475 31.23 -38.44 -4.40
N HIS A 476 29.97 -38.17 -4.70
CA HIS A 476 29.53 -36.80 -5.00
C HIS A 476 28.08 -36.60 -4.66
N GLN B 7 10.16 -65.31 2.77
CA GLN B 7 10.56 -63.93 2.50
C GLN B 7 11.94 -63.92 1.84
N THR B 8 12.04 -63.35 0.65
CA THR B 8 13.27 -63.43 -0.14
C THR B 8 13.36 -62.22 -1.06
N GLY B 9 14.54 -62.03 -1.63
CA GLY B 9 14.77 -61.00 -2.63
C GLY B 9 14.62 -59.59 -2.13
N GLU B 10 13.72 -58.82 -2.73
CA GLU B 10 13.52 -57.45 -2.31
C GLU B 10 12.89 -57.37 -0.92
N ALA B 11 12.10 -58.38 -0.55
CA ALA B 11 11.55 -58.45 0.80
C ALA B 11 12.64 -58.77 1.84
N ASN B 12 13.76 -59.32 1.39
CA ASN B 12 14.91 -59.49 2.26
C ASN B 12 16.05 -58.58 1.81
N ARG B 13 15.82 -57.26 1.80
CA ARG B 13 16.87 -56.30 1.46
C ARG B 13 16.50 -54.96 2.06
N GLY B 14 17.42 -54.38 2.84
CA GLY B 14 17.15 -53.10 3.47
C GLY B 14 17.44 -51.92 2.57
N TRP B 15 16.73 -50.84 2.86
CA TRP B 15 16.84 -49.60 2.09
C TRP B 15 18.17 -48.92 2.39
N THR B 16 18.86 -48.47 1.33
CA THR B 16 20.13 -47.78 1.49
C THR B 16 20.07 -46.31 1.07
N GLY B 17 19.07 -45.92 0.27
CA GLY B 17 19.15 -44.64 -0.43
C GLY B 17 20.28 -44.53 -1.42
N GLN B 18 20.88 -45.65 -1.82
CA GLN B 18 21.86 -45.74 -2.89
C GLN B 18 21.31 -46.50 -4.08
N GLU B 19 20.05 -46.91 -4.03
CA GLU B 19 19.47 -47.62 -5.16
C GLU B 19 19.36 -46.70 -6.37
N SER B 20 19.48 -47.31 -7.54
CA SER B 20 19.24 -46.58 -8.78
C SER B 20 17.77 -46.29 -8.99
N LEU B 21 17.46 -45.12 -9.53
CA LEU B 21 16.09 -44.77 -9.90
C LEU B 21 15.44 -45.85 -10.76
N SER B 22 16.17 -46.39 -11.72
CA SER B 22 15.55 -47.36 -12.62
C SER B 22 15.08 -48.61 -11.89
N ASP B 23 15.69 -48.98 -10.76
CA ASP B 23 15.25 -50.14 -10.02
C ASP B 23 14.20 -49.79 -8.97
N SER B 24 14.40 -48.66 -8.28
CA SER B 24 13.59 -48.30 -7.13
C SER B 24 12.28 -47.62 -7.50
N ASP B 25 12.18 -46.98 -8.67
CA ASP B 25 10.96 -46.28 -9.07
C ASP B 25 10.80 -46.47 -10.57
N PRO B 26 10.40 -47.68 -10.99
CA PRO B 26 10.22 -47.90 -12.43
C PRO B 26 9.22 -46.97 -13.08
N GLU B 27 8.17 -46.57 -12.37
CA GLU B 27 7.19 -45.68 -12.97
C GLU B 27 7.84 -44.36 -13.35
N MET B 28 8.58 -43.76 -12.42
CA MET B 28 9.23 -42.49 -12.73
C MET B 28 10.32 -42.69 -13.76
N TRP B 29 11.02 -43.81 -13.70
CA TRP B 29 12.09 -44.03 -14.68
C TRP B 29 11.54 -44.06 -16.09
N GLU B 30 10.39 -44.70 -16.28
CA GLU B 30 9.78 -44.76 -17.61
C GLU B 30 9.40 -43.37 -18.09
N LEU B 31 8.87 -42.55 -17.19
CA LEU B 31 8.53 -41.17 -17.55
C LEU B 31 9.77 -40.38 -17.98
N LEU B 32 10.88 -40.48 -17.26
CA LEU B 32 12.07 -39.73 -17.62
C LEU B 32 12.58 -40.15 -19.00
N GLN B 33 12.56 -41.44 -19.26
CA GLN B 33 12.97 -41.92 -20.58
C GLN B 33 12.04 -41.41 -21.70
N ARG B 34 10.75 -41.39 -21.42
CA ARG B 34 9.79 -40.87 -22.40
C ARG B 34 10.04 -39.41 -22.71
N GLU B 35 10.40 -38.63 -21.68
CA GLU B 35 10.70 -37.21 -21.92
C GLU B 35 11.99 -37.05 -22.73
N LYS B 36 13.02 -37.85 -22.40
CA LYS B 36 14.25 -37.84 -23.20
C LYS B 36 13.94 -38.18 -24.66
N ASP B 37 13.12 -39.21 -24.88
CA ASP B 37 12.75 -39.58 -26.25
C ASP B 37 12.02 -38.44 -26.94
N ARG B 38 11.10 -37.76 -26.24
CA ARG B 38 10.40 -36.62 -26.82
C ARG B 38 11.40 -35.55 -27.26
N GLN B 39 12.41 -35.28 -26.41
CA GLN B 39 13.39 -34.24 -26.74
C GLN B 39 14.23 -34.63 -27.94
N CYS B 40 14.59 -35.90 -28.04
CA CYS B 40 15.47 -36.32 -29.11
C CYS B 40 14.78 -36.39 -30.47
N ARG B 41 13.48 -36.71 -30.48
CA ARG B 41 12.76 -36.88 -31.74
C ARG B 41 12.08 -35.61 -32.22
N GLY B 42 12.12 -34.52 -31.47
CA GLY B 42 11.46 -33.30 -31.89
C GLY B 42 12.34 -32.26 -32.54
N LEU B 43 11.70 -31.37 -33.30
CA LEU B 43 12.31 -30.12 -33.73
C LEU B 43 11.89 -29.08 -32.69
N GLU B 44 12.76 -28.86 -31.72
CA GLU B 44 12.46 -28.06 -30.55
C GLU B 44 12.84 -26.62 -30.87
N LEU B 45 11.83 -25.79 -31.15
CA LEU B 45 12.02 -24.41 -31.57
C LEU B 45 11.54 -23.40 -30.53
N ILE B 46 11.30 -23.81 -29.29
CA ILE B 46 10.96 -22.84 -28.26
C ILE B 46 12.22 -22.03 -27.96
N ALA B 47 12.13 -20.71 -28.13
CA ALA B 47 13.32 -19.87 -28.11
C ALA B 47 13.99 -19.78 -26.75
N SER B 48 13.29 -20.12 -25.67
CA SER B 48 13.84 -20.13 -24.33
C SER B 48 14.40 -21.48 -23.91
N GLU B 49 14.39 -22.47 -24.79
CA GLU B 49 14.84 -23.79 -24.35
C GLU B 49 16.24 -24.09 -24.85
N ASN B 50 16.88 -25.05 -24.18
CA ASN B 50 18.19 -25.51 -24.62
C ASN B 50 18.38 -26.90 -24.06
N PHE B 51 19.54 -27.49 -24.36
CA PHE B 51 19.85 -28.85 -23.88
C PHE B 51 21.09 -28.81 -23.00
N CYS B 52 20.89 -28.99 -21.69
CA CYS B 52 21.99 -28.83 -20.73
C CYS B 52 22.98 -29.99 -20.84
N SER B 53 24.29 -29.69 -20.66
CA SER B 53 25.35 -30.70 -20.69
C SER B 53 25.23 -31.73 -19.57
N ARG B 54 25.73 -32.94 -19.85
CA ARG B 54 25.82 -33.96 -18.81
C ARG B 54 26.60 -33.45 -17.59
N ALA B 55 27.69 -32.72 -17.83
CA ALA B 55 28.54 -32.31 -16.73
C ALA B 55 27.79 -31.40 -15.77
N ALA B 56 27.01 -30.49 -16.30
CA ALA B 56 26.23 -29.63 -15.42
C ALA B 56 25.15 -30.40 -14.70
N LEU B 57 24.48 -31.32 -15.42
CA LEU B 57 23.43 -32.12 -14.79
C LEU B 57 23.99 -33.02 -13.69
N GLU B 58 25.24 -33.47 -13.83
CA GLU B 58 25.86 -34.31 -12.80
C GLU B 58 26.06 -33.51 -11.51
N ALA B 59 26.36 -32.22 -11.62
CA ALA B 59 26.45 -31.35 -10.45
C ALA B 59 25.08 -31.00 -9.89
N LEU B 60 24.08 -30.87 -10.79
CA LEU B 60 22.73 -30.54 -10.37
C LEU B 60 22.14 -31.64 -9.49
N GLY B 61 22.45 -32.88 -9.80
CA GLY B 61 21.95 -34.02 -9.05
C GLY B 61 22.99 -34.58 -8.10
N SER B 62 23.43 -33.76 -7.15
CA SER B 62 24.55 -34.11 -6.30
C SER B 62 24.22 -33.91 -4.83
N CYS B 63 25.16 -34.33 -3.99
CA CYS B 63 25.06 -34.15 -2.55
C CYS B 63 25.03 -32.69 -2.13
N LEU B 64 25.25 -31.77 -3.04
CA LEU B 64 25.11 -30.36 -2.66
C LEU B 64 23.68 -30.02 -2.32
N ASN B 65 22.71 -30.83 -2.78
CA ASN B 65 21.32 -30.67 -2.38
C ASN B 65 21.15 -30.72 -0.87
N ASN B 66 22.01 -31.47 -0.18
CA ASN B 66 21.80 -31.73 1.23
C ASN B 66 22.22 -30.56 2.16
N LYS B 67 22.85 -29.49 1.64
CA LYS B 67 23.50 -28.53 2.52
C LYS B 67 22.67 -27.25 2.64
N TYR B 68 22.31 -26.90 3.89
CA TYR B 68 21.73 -25.60 4.26
C TYR B 68 22.86 -24.59 4.40
N SER B 69 22.80 -23.50 3.65
CA SER B 69 23.85 -22.48 3.73
C SER B 69 23.27 -21.08 3.60
N GLU B 70 22.17 -20.84 4.33
CA GLU B 70 21.63 -19.49 4.42
C GLU B 70 22.74 -18.49 4.69
N GLY B 71 22.68 -17.38 3.99
CA GLY B 71 23.70 -16.36 4.12
C GLY B 71 24.59 -16.28 2.89
N TYR B 72 25.80 -15.79 3.06
CA TYR B 72 26.74 -15.60 1.97
C TYR B 72 28.10 -16.13 2.38
N PRO B 73 28.99 -16.35 1.42
CA PRO B 73 30.30 -16.91 1.76
C PRO B 73 30.98 -16.13 2.85
N GLY B 74 31.42 -16.84 3.89
CA GLY B 74 32.08 -16.20 5.02
C GLY B 74 31.14 -15.44 5.92
N LYS B 75 29.85 -15.46 5.64
CA LYS B 75 28.84 -14.75 6.42
C LYS B 75 27.61 -15.63 6.43
N ARG B 76 27.76 -16.84 6.93
CA ARG B 76 26.69 -17.83 6.95
C ARG B 76 26.10 -17.88 8.34
N TYR B 77 24.86 -18.35 8.40
CA TYR B 77 24.23 -18.59 9.69
C TYR B 77 24.75 -19.85 10.35
N TYR B 78 25.14 -20.87 9.57
CA TYR B 78 25.57 -22.15 10.10
C TYR B 78 27.00 -22.45 9.64
N GLY B 79 27.73 -23.25 10.44
CA GLY B 79 29.04 -23.71 10.04
C GLY B 79 28.98 -24.88 9.07
N GLY B 80 30.15 -25.48 8.86
CA GLY B 80 30.29 -26.56 7.90
C GLY B 80 30.21 -26.11 6.46
N ALA B 81 30.37 -24.82 6.21
CA ALA B 81 30.17 -24.26 4.89
C ALA B 81 31.44 -24.09 4.07
N GLU B 82 32.59 -24.63 4.52
CA GLU B 82 33.84 -24.33 3.85
C GLU B 82 33.79 -24.67 2.36
N VAL B 83 33.19 -25.80 1.99
CA VAL B 83 33.21 -26.22 0.59
C VAL B 83 32.18 -25.43 -0.22
N VAL B 84 30.95 -25.31 0.30
CA VAL B 84 29.93 -24.55 -0.42
C VAL B 84 30.35 -23.08 -0.57
N ASP B 85 31.13 -22.55 0.38
CA ASP B 85 31.67 -21.19 0.20
C ASP B 85 32.59 -21.12 -1.01
N GLU B 86 33.54 -22.07 -1.11
CA GLU B 86 34.41 -22.12 -2.29
C GLU B 86 33.61 -22.28 -3.58
N ILE B 87 32.58 -23.14 -3.56
CA ILE B 87 31.75 -23.31 -4.74
C ILE B 87 31.02 -22.02 -5.10
N GLU B 88 30.40 -21.36 -4.12
CA GLU B 88 29.65 -20.15 -4.44
C GLU B 88 30.59 -19.05 -4.96
N LEU B 89 31.75 -18.91 -4.33
CA LEU B 89 32.71 -17.92 -4.79
C LEU B 89 33.21 -18.25 -6.19
N LEU B 90 33.42 -19.53 -6.48
CA LEU B 90 33.84 -19.93 -7.81
C LEU B 90 32.79 -19.57 -8.86
N CYS B 91 31.53 -19.86 -8.56
CA CYS B 91 30.44 -19.49 -9.46
C CYS B 91 30.44 -17.98 -9.73
N GLN B 92 30.55 -17.17 -8.66
CA GLN B 92 30.62 -15.72 -8.83
C GLN B 92 31.77 -15.34 -9.77
N ARG B 93 32.97 -15.89 -9.54
CA ARG B 93 34.12 -15.53 -10.36
C ARG B 93 33.90 -15.93 -11.80
N ARG B 94 33.30 -17.11 -12.02
CA ARG B 94 33.08 -17.58 -13.38
C ARG B 94 31.98 -16.78 -14.07
N ALA B 95 31.00 -16.27 -13.30
CA ALA B 95 29.98 -15.39 -13.83
C ALA B 95 30.57 -14.08 -14.32
N LEU B 96 31.44 -13.48 -13.52
CA LEU B 96 32.09 -12.24 -13.92
C LEU B 96 33.03 -12.46 -15.10
N GLU B 97 33.77 -13.57 -15.09
CA GLU B 97 34.66 -13.89 -16.20
C GLU B 97 33.87 -14.05 -17.49
N ALA B 98 32.72 -14.74 -17.43
CA ALA B 98 31.95 -15.03 -18.65
C ALA B 98 31.44 -13.76 -19.32
N PHE B 99 31.22 -12.70 -18.54
CA PHE B 99 30.73 -11.42 -19.07
C PHE B 99 31.80 -10.33 -19.10
N ASP B 100 33.07 -10.69 -18.95
CA ASP B 100 34.20 -9.76 -19.04
C ASP B 100 34.05 -8.56 -18.10
N LEU B 101 33.77 -8.84 -16.83
CA LEU B 101 33.52 -7.82 -15.83
C LEU B 101 34.64 -7.80 -14.80
N ASP B 102 35.14 -6.59 -14.50
CA ASP B 102 36.14 -6.39 -13.45
C ASP B 102 35.47 -6.55 -12.09
N PRO B 103 35.91 -7.49 -11.24
CA PRO B 103 35.27 -7.64 -9.92
C PRO B 103 35.40 -6.42 -9.02
N ALA B 104 36.24 -5.46 -9.37
CA ALA B 104 36.29 -4.24 -8.60
C ALA B 104 35.15 -3.30 -8.95
N GLN B 105 34.51 -3.52 -10.11
CA GLN B 105 33.44 -2.70 -10.61
C GLN B 105 32.09 -3.38 -10.61
N TRP B 106 32.06 -4.72 -10.56
CA TRP B 106 30.83 -5.48 -10.64
C TRP B 106 30.83 -6.59 -9.60
N GLY B 107 29.67 -6.87 -9.01
CA GLY B 107 29.49 -8.10 -8.28
C GLY B 107 28.32 -8.88 -8.83
N VAL B 108 28.14 -10.07 -8.28
CA VAL B 108 27.06 -10.95 -8.72
C VAL B 108 26.47 -11.72 -7.55
N ASN B 109 25.16 -11.87 -7.56
CA ASN B 109 24.45 -12.77 -6.66
C ASN B 109 24.04 -14.00 -7.49
N VAL B 110 24.51 -15.17 -7.07
CA VAL B 110 24.28 -16.44 -7.76
C VAL B 110 23.16 -17.29 -7.11
N GLN B 111 22.47 -16.78 -6.07
CA GLN B 111 21.42 -17.54 -5.41
C GLN B 111 20.02 -17.51 -5.96
N PRO B 112 19.59 -16.54 -6.80
CA PRO B 112 18.18 -16.58 -7.22
C PRO B 112 17.77 -17.93 -7.82
N TYR B 113 16.57 -18.39 -7.41
CA TYR B 113 16.17 -19.73 -7.81
C TYR B 113 15.81 -19.82 -9.31
N SER B 114 15.46 -18.71 -9.96
CA SER B 114 15.12 -18.72 -11.37
C SER B 114 15.08 -17.27 -11.83
N GLY B 115 14.62 -17.04 -13.05
CA GLY B 115 14.59 -15.68 -13.56
C GLY B 115 13.60 -14.78 -12.83
N SER B 116 12.39 -15.28 -12.57
CA SER B 116 11.36 -14.48 -11.93
C SER B 116 11.78 -14.09 -10.53
N PRO B 117 12.35 -14.99 -9.72
CA PRO B 117 12.91 -14.58 -8.41
C PRO B 117 14.00 -13.55 -8.52
N ALA B 118 14.82 -13.60 -9.59
CA ALA B 118 15.90 -12.63 -9.70
C ALA B 118 15.35 -11.20 -9.86
N ASN B 119 14.38 -11.04 -10.76
CA ASN B 119 13.77 -9.73 -10.99
C ASN B 119 13.06 -9.24 -9.74
N LEU B 120 12.31 -10.12 -9.08
CA LEU B 120 11.56 -9.65 -7.91
C LEU B 120 12.50 -9.14 -6.80
N ALA B 121 13.67 -9.80 -6.67
CA ALA B 121 14.70 -9.38 -5.72
C ALA B 121 15.25 -8.00 -6.06
N VAL B 122 15.49 -7.71 -7.35
CA VAL B 122 15.95 -6.35 -7.71
C VAL B 122 14.90 -5.32 -7.31
N TYR B 123 13.61 -5.59 -7.58
CA TYR B 123 12.59 -4.62 -7.26
C TYR B 123 12.51 -4.44 -5.76
N THR B 124 12.59 -5.54 -5.01
CA THR B 124 12.46 -5.47 -3.57
C THR B 124 13.67 -4.74 -2.97
N ALA B 125 14.83 -4.89 -3.58
CA ALA B 125 16.06 -4.24 -3.10
C ALA B 125 16.06 -2.73 -3.30
N LEU B 126 15.59 -2.25 -4.46
CA LEU B 126 15.78 -0.86 -4.83
C LEU B 126 14.53 0.00 -4.71
N LEU B 127 13.34 -0.61 -4.59
CA LEU B 127 12.10 0.14 -4.56
C LEU B 127 11.31 -0.13 -3.29
N GLN B 128 10.45 0.80 -2.96
CA GLN B 128 9.47 0.60 -1.91
C GLN B 128 8.21 0.00 -2.54
N PRO B 129 7.38 -0.68 -1.76
CA PRO B 129 6.08 -1.10 -2.32
C PRO B 129 5.33 0.04 -2.99
N HIS B 130 4.74 -0.24 -4.16
CA HIS B 130 3.97 0.71 -4.98
C HIS B 130 4.82 1.71 -5.74
N ASP B 131 6.15 1.60 -5.68
CA ASP B 131 6.98 2.42 -6.54
C ASP B 131 6.81 1.97 -7.99
N ARG B 132 7.14 2.86 -8.92
CA ARG B 132 6.77 2.69 -10.32
C ARG B 132 7.87 2.08 -11.17
N ILE B 133 7.49 1.15 -12.05
CA ILE B 133 8.40 0.52 -12.98
C ILE B 133 7.78 0.54 -14.37
N MET B 134 8.61 0.52 -15.39
CA MET B 134 8.12 0.45 -16.75
C MET B 134 8.84 -0.65 -17.49
N GLY B 135 8.06 -1.50 -18.18
CA GLY B 135 8.61 -2.58 -18.99
C GLY B 135 7.87 -2.72 -20.31
N LEU B 136 8.46 -3.50 -21.22
CA LEU B 136 7.82 -3.73 -22.51
C LEU B 136 6.58 -4.54 -22.26
N ASP B 137 5.46 -4.10 -22.81
CA ASP B 137 4.20 -4.81 -22.60
C ASP B 137 4.32 -6.25 -23.10
N LEU B 138 3.65 -7.17 -22.37
CA LEU B 138 3.71 -8.60 -22.68
C LEU B 138 3.31 -8.93 -24.12
N PRO B 139 2.17 -8.46 -24.63
CA PRO B 139 1.85 -8.70 -26.04
C PRO B 139 2.88 -8.12 -26.98
N ASP B 140 3.67 -7.15 -26.53
CA ASP B 140 4.66 -6.49 -27.36
C ASP B 140 6.03 -7.14 -27.27
N GLY B 141 6.19 -8.18 -26.44
CA GLY B 141 7.43 -8.91 -26.37
C GLY B 141 8.11 -8.89 -25.02
N GLY B 142 7.55 -8.19 -24.03
CA GLY B 142 8.08 -8.21 -22.69
C GLY B 142 7.72 -9.48 -21.91
N HIS B 143 8.18 -9.54 -20.67
CA HIS B 143 8.00 -10.69 -19.81
C HIS B 143 7.02 -10.31 -18.70
N LEU B 144 6.35 -11.33 -18.15
CA LEU B 144 5.44 -11.14 -17.01
C LEU B 144 6.06 -10.29 -15.91
N THR B 145 7.32 -10.60 -15.57
CA THR B 145 7.94 -9.95 -14.41
C THR B 145 8.39 -8.53 -14.68
N HIS B 146 8.15 -8.01 -15.87
CA HIS B 146 8.42 -6.62 -16.15
C HIS B 146 7.23 -5.75 -15.82
N GLY B 147 6.21 -6.32 -15.17
CA GLY B 147 5.15 -5.52 -14.64
C GLY B 147 3.79 -5.73 -15.24
N TYR B 148 3.55 -6.89 -15.81
CA TYR B 148 2.37 -7.07 -16.62
C TYR B 148 1.10 -7.13 -15.79
N MET B 149 0.14 -6.29 -16.17
CA MET B 149 -1.27 -6.44 -15.81
C MET B 149 -2.11 -6.19 -17.06
N SER B 150 -3.33 -6.75 -17.08
CA SER B 150 -4.23 -6.59 -18.20
C SER B 150 -5.31 -5.55 -17.88
N ASP B 151 -6.21 -5.33 -18.83
CA ASP B 151 -7.27 -4.36 -18.60
C ASP B 151 -8.21 -4.83 -17.50
N VAL B 152 -8.17 -6.11 -17.15
CA VAL B 152 -9.17 -6.67 -16.26
C VAL B 152 -8.61 -7.11 -14.91
N LYS B 153 -7.32 -7.40 -14.79
CA LYS B 153 -6.83 -7.66 -13.45
C LYS B 153 -5.31 -7.66 -13.42
N ARG B 154 -4.78 -7.65 -12.21
CA ARG B 154 -3.34 -7.66 -12.01
C ARG B 154 -2.83 -9.10 -12.09
N ILE B 155 -1.85 -9.34 -12.94
CA ILE B 155 -1.44 -10.68 -13.27
C ILE B 155 -0.14 -11.06 -12.60
N SER B 156 0.96 -10.35 -12.93
CA SER B 156 2.24 -10.56 -12.26
C SER B 156 2.24 -9.94 -10.87
N ALA B 157 2.94 -10.59 -9.93
CA ALA B 157 3.17 -9.94 -8.64
C ALA B 157 3.96 -8.63 -8.77
N THR B 158 4.69 -8.45 -9.87
CA THR B 158 5.41 -7.20 -10.11
C THR B 158 4.47 -6.04 -10.42
N SER B 159 3.18 -6.31 -10.68
CA SER B 159 2.16 -5.28 -10.84
C SER B 159 1.27 -5.16 -9.61
N ILE B 160 1.44 -6.07 -8.66
CA ILE B 160 0.70 -6.07 -7.42
C ILE B 160 1.46 -5.31 -6.34
N PHE B 161 2.69 -5.70 -6.10
CA PHE B 161 3.53 -5.07 -5.11
C PHE B 161 4.17 -3.78 -5.58
N PHE B 162 4.19 -3.54 -6.90
CA PHE B 162 4.75 -2.35 -7.52
C PHE B 162 3.74 -1.85 -8.54
N GLU B 163 3.92 -0.63 -8.97
CA GLU B 163 3.00 0.06 -9.90
C GLU B 163 3.68 0.15 -11.27
N SER B 164 3.15 -0.58 -12.23
CA SER B 164 3.77 -0.67 -13.55
C SER B 164 2.92 0.04 -14.60
N MET B 165 3.61 0.52 -15.63
CA MET B 165 2.98 1.01 -16.82
C MET B 165 3.85 0.53 -17.98
N PRO B 166 3.29 -0.08 -19.01
CA PRO B 166 4.10 -0.62 -20.10
C PRO B 166 4.57 0.46 -21.05
N TYR B 167 5.65 0.14 -21.75
CA TYR B 167 5.95 0.81 -22.99
C TYR B 167 5.76 -0.19 -24.13
N LYS B 168 5.77 0.33 -25.37
CA LYS B 168 5.21 -0.37 -26.52
C LYS B 168 6.15 -0.39 -27.72
N LEU B 169 5.91 -1.32 -28.64
CA LEU B 169 6.48 -1.26 -29.97
C LEU B 169 5.79 -0.17 -30.78
N ASN B 170 6.49 0.34 -31.79
CA ASN B 170 5.87 1.09 -32.87
C ASN B 170 5.28 0.04 -33.80
N PRO B 171 3.95 -0.04 -33.90
CA PRO B 171 3.33 -1.14 -34.66
C PRO B 171 3.79 -1.19 -36.10
N LYS B 172 4.23 -0.06 -36.66
CA LYS B 172 4.55 -0.01 -38.08
C LYS B 172 5.98 -0.42 -38.40
N THR B 173 6.87 -0.46 -37.40
CA THR B 173 8.23 -0.92 -37.59
C THR B 173 8.53 -2.21 -36.82
N GLY B 174 7.71 -2.56 -35.84
CA GLY B 174 7.98 -3.69 -34.98
C GLY B 174 9.12 -3.50 -34.02
N LEU B 175 9.60 -2.26 -33.89
CA LEU B 175 10.70 -1.96 -32.98
C LEU B 175 10.16 -1.23 -31.75
N ILE B 176 10.89 -1.33 -30.64
CA ILE B 176 10.58 -0.56 -29.45
C ILE B 176 10.51 0.92 -29.80
N ASP B 177 9.43 1.56 -29.37
CA ASP B 177 9.23 2.97 -29.66
C ASP B 177 9.90 3.77 -28.55
N TYR B 178 11.20 4.04 -28.77
CA TYR B 178 11.97 4.79 -27.80
C TYR B 178 11.44 6.21 -27.62
N ASN B 179 10.93 6.82 -28.68
CA ASN B 179 10.42 8.17 -28.53
C ASN B 179 9.22 8.22 -27.62
N GLN B 180 8.32 7.24 -27.74
CA GLN B 180 7.17 7.28 -26.88
C GLN B 180 7.55 6.89 -25.47
N LEU B 181 8.52 6.01 -25.31
CA LEU B 181 8.99 5.66 -23.96
C LEU B 181 9.50 6.90 -23.26
N ALA B 182 10.29 7.73 -23.95
CA ALA B 182 10.78 8.95 -23.32
C ALA B 182 9.63 9.85 -22.93
N LEU B 183 8.65 10.00 -23.82
CA LEU B 183 7.52 10.88 -23.58
C LEU B 183 6.73 10.40 -22.37
N THR B 184 6.43 9.11 -22.33
CA THR B 184 5.59 8.63 -21.23
C THR B 184 6.35 8.52 -19.92
N ALA B 185 7.65 8.24 -19.97
CA ALA B 185 8.42 8.18 -18.74
C ALA B 185 8.41 9.51 -18.01
N ARG B 186 8.46 10.63 -18.76
CA ARG B 186 8.39 11.94 -18.16
C ARG B 186 7.10 12.14 -17.38
N LEU B 187 5.99 11.59 -17.89
CA LEU B 187 4.71 11.75 -17.22
C LEU B 187 4.57 10.80 -16.04
N PHE B 188 4.98 9.56 -16.21
CA PHE B 188 4.75 8.50 -15.23
C PHE B 188 5.77 8.53 -14.11
N ARG B 189 6.99 9.05 -14.40
CA ARG B 189 8.07 9.11 -13.42
C ARG B 189 8.43 7.76 -12.79
N PRO B 190 8.82 6.79 -13.60
CA PRO B 190 9.21 5.48 -13.04
C PRO B 190 10.46 5.60 -12.19
N ARG B 191 10.61 4.71 -11.19
CA ARG B 191 11.85 4.61 -10.45
C ARG B 191 12.80 3.60 -11.09
N LEU B 192 12.28 2.71 -11.95
CA LEU B 192 13.08 1.68 -12.61
C LEU B 192 12.46 1.36 -13.96
N ILE B 193 13.29 1.25 -14.99
CA ILE B 193 12.86 0.85 -16.33
C ILE B 193 13.62 -0.42 -16.70
N ILE B 194 12.91 -1.41 -17.24
CA ILE B 194 13.48 -2.68 -17.63
C ILE B 194 13.72 -2.67 -19.13
N ALA B 195 14.95 -2.94 -19.52
CA ALA B 195 15.34 -3.17 -20.90
C ALA B 195 15.66 -4.65 -21.07
N GLY B 196 14.77 -5.40 -21.73
CA GLY B 196 14.95 -6.80 -21.96
C GLY B 196 13.63 -7.43 -22.38
N THR B 197 13.71 -8.53 -23.12
CA THR B 197 12.55 -9.05 -23.83
C THR B 197 12.46 -10.57 -23.79
N SER B 198 11.22 -11.06 -23.92
CA SER B 198 10.96 -12.47 -24.17
C SER B 198 10.78 -12.80 -25.65
N ALA B 199 10.22 -11.87 -26.43
CA ALA B 199 9.92 -12.11 -27.84
C ALA B 199 10.23 -10.85 -28.63
N TYR B 200 11.52 -10.67 -28.97
CA TYR B 200 11.97 -9.51 -29.75
C TYR B 200 13.19 -9.94 -30.55
N ALA B 201 13.16 -9.71 -31.86
CA ALA B 201 14.18 -10.23 -32.75
C ALA B 201 15.31 -9.22 -33.03
N ARG B 202 15.25 -8.04 -32.46
CA ARG B 202 16.25 -7.01 -32.75
C ARG B 202 17.02 -6.66 -31.49
N LEU B 203 18.15 -5.97 -31.67
CA LEU B 203 19.00 -5.56 -30.58
C LEU B 203 18.43 -4.32 -29.90
N ILE B 204 18.46 -4.31 -28.56
CA ILE B 204 17.95 -3.19 -27.79
C ILE B 204 18.97 -2.06 -27.74
N ASP B 205 18.49 -0.83 -27.89
CA ASP B 205 19.34 0.35 -27.86
C ASP B 205 19.55 0.74 -26.39
N TYR B 206 20.48 0.04 -25.75
CA TYR B 206 20.70 0.26 -24.32
C TYR B 206 21.20 1.68 -24.03
N ALA B 207 21.92 2.28 -24.98
CA ALA B 207 22.36 3.65 -24.77
C ALA B 207 21.16 4.59 -24.65
N ARG B 208 20.17 4.41 -25.54
CA ARG B 208 18.99 5.25 -25.47
C ARG B 208 18.22 4.98 -24.19
N MET B 209 18.10 3.70 -23.79
CA MET B 209 17.41 3.40 -22.54
C MET B 209 18.09 4.09 -21.37
N ARG B 210 19.42 4.09 -21.34
CA ARG B 210 20.13 4.80 -20.26
C ARG B 210 19.88 6.30 -20.33
N GLU B 211 19.80 6.86 -21.54
CA GLU B 211 19.46 8.28 -21.66
C GLU B 211 18.13 8.58 -20.99
N VAL B 212 17.11 7.77 -21.30
CA VAL B 212 15.81 8.01 -20.70
C VAL B 212 15.90 7.90 -19.20
N CYS B 213 16.53 6.84 -18.69
CA CYS B 213 16.62 6.65 -17.25
C CYS B 213 17.41 7.78 -16.60
N ASP B 214 18.49 8.23 -17.23
CA ASP B 214 19.21 9.35 -16.65
C ASP B 214 18.34 10.60 -16.61
N GLU B 215 17.56 10.84 -17.66
CA GLU B 215 16.71 12.03 -17.67
C GLU B 215 15.71 12.01 -16.50
N VAL B 216 15.00 10.89 -16.32
CA VAL B 216 13.90 10.83 -15.36
C VAL B 216 14.35 10.30 -14.00
N LYS B 217 15.66 10.09 -13.84
CA LYS B 217 16.24 9.62 -12.57
C LYS B 217 15.69 8.26 -12.15
N ALA B 218 15.67 7.33 -13.09
CA ALA B 218 15.27 5.96 -12.86
C ALA B 218 16.49 5.05 -12.92
N HIS B 219 16.39 3.89 -12.26
CA HIS B 219 17.38 2.84 -12.44
C HIS B 219 17.12 2.15 -13.76
N LEU B 220 18.17 1.78 -14.47
CA LEU B 220 18.05 0.94 -15.65
C LEU B 220 18.43 -0.49 -15.29
N LEU B 221 17.48 -1.41 -15.43
CA LEU B 221 17.69 -2.84 -15.24
C LEU B 221 17.68 -3.49 -16.64
N ALA B 222 18.73 -4.21 -16.99
CA ALA B 222 18.75 -5.00 -18.20
C ALA B 222 18.44 -6.46 -17.82
N ASP B 223 17.34 -6.99 -18.37
CA ASP B 223 16.97 -8.38 -18.16
C ASP B 223 17.34 -9.10 -19.44
N MET B 224 18.54 -9.68 -19.44
CA MET B 224 19.14 -10.26 -20.63
C MET B 224 18.91 -11.77 -20.75
N ALA B 225 17.93 -12.30 -20.02
CA ALA B 225 17.70 -13.75 -19.99
C ALA B 225 17.86 -14.45 -21.36
N HIS B 226 17.16 -13.96 -22.38
CA HIS B 226 17.15 -14.66 -23.68
C HIS B 226 18.50 -14.61 -24.37
N ILE B 227 19.21 -13.47 -24.22
CA ILE B 227 20.42 -13.17 -25.00
C ILE B 227 21.72 -13.42 -24.22
N SER B 228 21.62 -13.91 -22.97
CA SER B 228 22.78 -13.96 -22.09
C SER B 228 23.96 -14.70 -22.70
N GLY B 229 23.72 -15.83 -23.36
CA GLY B 229 24.83 -16.55 -23.99
C GLY B 229 25.42 -15.79 -25.16
N LEU B 230 24.57 -15.12 -25.93
CA LEU B 230 25.09 -14.30 -27.02
C LEU B 230 25.95 -13.15 -26.50
N VAL B 231 25.56 -12.51 -25.40
CA VAL B 231 26.35 -11.46 -24.79
C VAL B 231 27.68 -12.01 -24.30
N ALA B 232 27.62 -13.16 -23.60
CA ALA B 232 28.85 -13.75 -23.07
C ALA B 232 29.84 -14.05 -24.18
N ALA B 233 29.35 -14.52 -25.31
CA ALA B 233 30.21 -14.87 -26.42
C ALA B 233 30.67 -13.66 -27.22
N LYS B 234 30.17 -12.46 -26.89
CA LYS B 234 30.53 -11.23 -27.55
C LYS B 234 30.12 -11.23 -29.03
N VAL B 235 29.01 -11.90 -29.35
CA VAL B 235 28.50 -11.88 -30.72
C VAL B 235 27.44 -10.81 -30.92
N ILE B 236 26.95 -10.18 -29.87
CA ILE B 236 26.06 -9.02 -29.95
C ILE B 236 26.49 -8.03 -28.86
N PRO B 237 26.04 -6.78 -28.93
CA PRO B 237 26.49 -5.80 -27.94
C PRO B 237 26.03 -6.16 -26.53
N SER B 238 26.83 -5.73 -25.54
CA SER B 238 26.60 -6.07 -24.14
C SER B 238 25.80 -4.98 -23.43
N PRO B 239 24.75 -5.37 -22.69
CA PRO B 239 24.04 -4.39 -21.86
C PRO B 239 24.86 -3.85 -20.71
N PHE B 240 25.90 -4.57 -20.28
CA PHE B 240 26.73 -4.08 -19.18
C PHE B 240 27.42 -2.76 -19.49
N LYS B 241 27.52 -2.37 -20.77
CA LYS B 241 28.09 -1.07 -21.11
C LYS B 241 27.20 0.10 -20.71
N HIS B 242 25.93 -0.14 -20.39
CA HIS B 242 25.00 0.96 -20.12
C HIS B 242 24.08 0.72 -18.93
N ALA B 243 23.86 -0.52 -18.52
CA ALA B 243 23.10 -0.80 -17.32
C ALA B 243 24.05 -0.98 -16.15
N ASP B 244 23.60 -0.56 -14.97
CA ASP B 244 24.30 -0.87 -13.73
C ASP B 244 23.71 -2.04 -12.94
N ILE B 245 22.55 -2.58 -13.34
CA ILE B 245 22.00 -3.84 -12.82
C ILE B 245 21.60 -4.71 -14.00
N VAL B 246 21.91 -6.01 -13.96
CA VAL B 246 21.57 -6.92 -15.05
C VAL B 246 21.09 -8.23 -14.47
N THR B 247 19.92 -8.71 -14.90
CA THR B 247 19.46 -10.01 -14.47
C THR B 247 19.46 -10.97 -15.65
N THR B 248 19.45 -12.26 -15.35
CA THR B 248 19.40 -13.28 -16.35
C THR B 248 19.03 -14.58 -15.70
N THR B 249 18.48 -15.47 -16.53
CA THR B 249 18.46 -16.90 -16.28
C THR B 249 19.76 -17.56 -16.77
N THR B 250 19.98 -18.79 -16.29
CA THR B 250 21.14 -19.58 -16.65
C THR B 250 20.82 -20.70 -17.63
N HIS B 251 19.53 -20.89 -17.99
CA HIS B 251 19.08 -22.03 -18.77
C HIS B 251 18.65 -21.75 -20.20
N LYS B 252 18.82 -20.54 -20.71
CA LYS B 252 18.41 -20.27 -22.08
C LYS B 252 19.66 -20.39 -22.94
N THR B 253 20.09 -19.27 -23.54
CA THR B 253 21.28 -19.30 -24.40
C THR B 253 22.57 -19.60 -23.63
N LEU B 254 22.56 -19.51 -22.30
CA LEU B 254 23.75 -19.91 -21.53
C LEU B 254 23.83 -21.41 -21.32
N ARG B 255 22.74 -22.14 -21.56
CA ARG B 255 22.80 -23.57 -21.70
C ARG B 255 23.15 -24.28 -20.40
N GLY B 256 22.71 -23.76 -19.26
CA GLY B 256 22.98 -24.34 -17.98
C GLY B 256 21.74 -24.88 -17.30
N ALA B 257 21.87 -25.13 -16.00
CA ALA B 257 20.75 -25.54 -15.16
C ALA B 257 19.82 -24.37 -14.90
N ARG B 258 18.56 -24.66 -14.55
CA ARG B 258 17.57 -23.61 -14.26
C ARG B 258 17.95 -22.84 -12.99
N SER B 259 18.20 -21.55 -13.17
CA SER B 259 18.58 -20.69 -12.05
C SER B 259 18.55 -19.25 -12.54
N GLY B 260 18.87 -18.32 -11.64
CA GLY B 260 18.99 -16.93 -12.00
C GLY B 260 20.28 -16.33 -11.46
N LEU B 261 20.60 -15.17 -11.99
CA LEU B 261 21.74 -14.37 -11.56
C LEU B 261 21.33 -12.91 -11.53
N ILE B 262 21.90 -12.14 -10.58
CA ILE B 262 21.77 -10.70 -10.54
C ILE B 262 23.17 -10.12 -10.50
N PHE B 263 23.52 -9.32 -11.49
CA PHE B 263 24.77 -8.58 -11.52
C PHE B 263 24.51 -7.13 -11.14
N TYR B 264 25.49 -6.45 -10.51
CA TYR B 264 25.29 -5.09 -10.05
C TYR B 264 26.63 -4.36 -10.00
N ARG B 265 26.61 -3.06 -10.28
CA ARG B 265 27.83 -2.29 -10.12
C ARG B 265 28.19 -2.14 -8.66
N LYS B 266 29.48 -2.00 -8.40
CA LYS B 266 29.97 -1.82 -7.05
C LYS B 266 31.22 -0.95 -7.10
N GLY B 267 31.65 -0.54 -5.92
CA GLY B 267 32.80 0.31 -5.84
C GLY B 267 32.46 1.78 -6.07
N VAL B 268 33.46 2.51 -6.60
CA VAL B 268 33.33 3.95 -6.75
C VAL B 268 32.40 4.28 -7.90
N LYS B 269 31.39 5.09 -7.60
CA LYS B 269 30.50 5.61 -8.63
C LYS B 269 31.01 6.96 -9.10
N ILE B 279 32.54 8.69 -3.74
CA ILE B 279 31.11 8.34 -3.68
C ILE B 279 30.78 6.94 -4.26
N PRO B 280 30.32 6.00 -3.43
CA PRO B 280 30.19 4.61 -3.88
C PRO B 280 28.81 4.26 -4.41
N TYR B 281 28.77 3.17 -5.19
CA TYR B 281 27.50 2.53 -5.49
C TYR B 281 26.95 1.88 -4.23
N THR B 282 25.63 1.70 -4.20
CA THR B 282 24.96 1.18 -3.02
C THR B 282 23.95 0.13 -3.42
N PHE B 283 24.29 -0.63 -4.45
CA PHE B 283 23.44 -1.71 -4.91
C PHE B 283 23.69 -2.99 -4.14
N GLU B 284 24.96 -3.23 -3.82
CA GLU B 284 25.39 -4.55 -3.41
C GLU B 284 24.64 -5.02 -2.18
N ASP B 285 24.70 -4.23 -1.11
CA ASP B 285 24.13 -4.67 0.15
C ASP B 285 22.62 -4.84 0.02
N ARG B 286 21.98 -3.98 -0.77
CA ARG B 286 20.53 -4.04 -0.87
C ARG B 286 20.10 -5.26 -1.64
N ILE B 287 20.77 -5.55 -2.77
CA ILE B 287 20.42 -6.70 -3.58
C ILE B 287 20.69 -8.01 -2.84
N ASN B 288 21.86 -8.12 -2.21
CA ASN B 288 22.15 -9.33 -1.41
C ASN B 288 21.11 -9.51 -0.29
N PHE B 289 20.74 -8.42 0.38
CA PHE B 289 19.77 -8.51 1.47
C PHE B 289 18.40 -8.93 0.94
N ALA B 290 17.99 -8.38 -0.21
CA ALA B 290 16.70 -8.75 -0.78
C ALA B 290 16.64 -10.24 -1.08
N VAL B 291 17.72 -10.80 -1.63
CA VAL B 291 17.69 -12.22 -1.95
C VAL B 291 17.61 -13.04 -0.66
N PHE B 292 18.47 -12.70 0.32
CA PHE B 292 18.45 -13.28 1.62
C PHE B 292 18.93 -12.29 2.67
N PRO B 293 18.16 -12.04 3.75
CA PRO B 293 17.00 -12.81 4.23
C PRO B 293 15.65 -12.43 3.68
N SER B 294 15.48 -11.43 2.80
CA SER B 294 14.11 -10.95 2.58
C SER B 294 13.25 -11.97 1.85
N LEU B 295 13.72 -12.49 0.70
CA LEU B 295 12.84 -13.24 -0.20
C LEU B 295 13.05 -14.75 -0.14
N GLN B 296 14.27 -15.23 -0.18
CA GLN B 296 14.55 -16.65 -0.30
C GLN B 296 14.96 -17.22 1.05
N GLY B 297 15.09 -18.55 1.11
CA GLY B 297 15.68 -19.20 2.27
C GLY B 297 17.03 -19.79 1.91
N GLY B 298 17.26 -21.08 2.16
CA GLY B 298 18.53 -21.68 1.81
C GLY B 298 18.79 -21.75 0.31
N PRO B 299 19.99 -21.37 -0.13
CA PRO B 299 20.36 -21.52 -1.53
C PRO B 299 20.25 -22.95 -2.00
N HIS B 300 20.15 -23.10 -3.31
CA HIS B 300 20.18 -24.41 -3.92
C HIS B 300 21.58 -24.64 -4.45
N ASN B 301 22.43 -25.21 -3.59
CA ASN B 301 23.85 -25.28 -3.89
C ASN B 301 24.12 -26.18 -5.07
N HIS B 302 23.28 -27.20 -5.29
CA HIS B 302 23.43 -28.04 -6.47
C HIS B 302 23.23 -27.21 -7.74
N ALA B 303 22.25 -26.31 -7.76
CA ALA B 303 22.05 -25.43 -8.90
C ALA B 303 23.22 -24.47 -9.09
N ILE B 304 23.69 -23.85 -7.99
CA ILE B 304 24.87 -22.99 -8.07
C ILE B 304 26.04 -23.71 -8.73
N ALA B 305 26.32 -24.93 -8.30
CA ALA B 305 27.40 -25.69 -8.88
C ALA B 305 27.17 -25.97 -10.37
N ALA B 306 25.98 -26.46 -10.75
CA ALA B 306 25.68 -26.70 -12.15
C ALA B 306 25.84 -25.42 -12.99
N VAL B 307 25.37 -24.30 -12.47
CA VAL B 307 25.51 -23.03 -13.16
C VAL B 307 26.98 -22.70 -13.35
N ALA B 308 27.80 -22.97 -12.34
CA ALA B 308 29.23 -22.70 -12.44
C ALA B 308 29.86 -23.55 -13.54
N VAL B 309 29.41 -24.80 -13.67
CA VAL B 309 29.88 -25.66 -14.76
C VAL B 309 29.53 -25.05 -16.12
N ALA B 310 28.30 -24.59 -16.28
CA ALA B 310 27.90 -24.03 -17.56
C ALA B 310 28.59 -22.70 -17.84
N LEU B 311 28.80 -21.89 -16.80
CA LEU B 311 29.52 -20.62 -16.97
C LEU B 311 30.96 -20.84 -17.45
N LYS B 312 31.64 -21.87 -16.93
CA LYS B 312 32.99 -22.15 -17.44
C LYS B 312 32.96 -22.56 -18.92
N GLN B 313 31.95 -23.35 -19.30
CA GLN B 313 31.77 -23.70 -20.71
C GLN B 313 31.58 -22.45 -21.56
N ALA B 314 30.85 -21.47 -21.04
CA ALA B 314 30.52 -20.28 -21.80
C ALA B 314 31.72 -19.37 -22.03
N CYS B 315 32.82 -19.59 -21.32
CA CYS B 315 34.05 -18.84 -21.51
C CYS B 315 34.94 -19.35 -22.65
N THR B 316 34.58 -20.48 -23.28
CA THR B 316 35.49 -21.18 -24.20
C THR B 316 35.32 -20.69 -25.63
N PRO B 317 36.34 -20.92 -26.46
CA PRO B 317 36.15 -20.75 -27.91
C PRO B 317 34.98 -21.56 -28.45
N MET B 318 34.79 -22.79 -27.96
CA MET B 318 33.65 -23.61 -28.39
C MET B 318 32.33 -22.86 -28.25
N PHE B 319 32.14 -22.16 -27.13
CA PHE B 319 30.87 -21.50 -26.89
C PHE B 319 30.68 -20.28 -27.79
N ARG B 320 31.76 -19.56 -28.09
CA ARG B 320 31.62 -18.48 -29.07
C ARG B 320 31.23 -19.02 -30.45
N GLU B 321 31.80 -20.17 -30.84
CA GLU B 321 31.44 -20.74 -32.13
C GLU B 321 30.00 -21.20 -32.12
N TYR B 322 29.56 -21.77 -30.99
CA TYR B 322 28.15 -22.10 -30.82
C TYR B 322 27.27 -20.86 -30.98
N SER B 323 27.60 -19.76 -30.28
CA SER B 323 26.77 -18.55 -30.33
C SER B 323 26.75 -17.92 -31.71
N LEU B 324 27.88 -17.93 -32.42
CA LEU B 324 27.85 -17.41 -33.78
C LEU B 324 26.97 -18.29 -34.67
N GLN B 325 26.97 -19.60 -34.44
CA GLN B 325 26.11 -20.48 -35.23
C GLN B 325 24.64 -20.26 -34.91
N VAL B 326 24.31 -19.95 -33.65
CA VAL B 326 22.93 -19.65 -33.29
C VAL B 326 22.43 -18.47 -34.13
N LEU B 327 23.26 -17.43 -34.28
CA LEU B 327 22.87 -16.27 -35.06
C LEU B 327 22.70 -16.65 -36.51
N LYS B 328 23.66 -17.38 -37.05
CA LYS B 328 23.58 -17.77 -38.45
C LYS B 328 22.35 -18.65 -38.70
N ASN B 329 22.02 -19.54 -37.78
CA ASN B 329 20.87 -20.42 -37.98
C ASN B 329 19.56 -19.65 -37.92
N ALA B 330 19.43 -18.75 -36.97
CA ALA B 330 18.25 -17.89 -36.92
C ALA B 330 18.08 -17.10 -38.22
N ARG B 331 19.17 -16.54 -38.74
CA ARG B 331 19.08 -15.82 -40.01
C ARG B 331 18.71 -16.74 -41.16
N ALA B 332 19.24 -17.97 -41.16
CA ALA B 332 18.91 -18.90 -42.23
C ALA B 332 17.43 -19.25 -42.18
N MET B 333 16.89 -19.41 -40.97
CA MET B 333 15.47 -19.69 -40.80
C MET B 333 14.64 -18.51 -41.30
N ALA B 334 15.03 -17.30 -40.91
CA ALA B 334 14.37 -16.08 -41.37
C ALA B 334 14.38 -16.00 -42.90
N ASP B 335 15.54 -16.24 -43.50
CA ASP B 335 15.65 -16.09 -44.95
C ASP B 335 14.78 -17.12 -45.67
N ALA B 336 14.77 -18.36 -45.18
CA ALA B 336 13.95 -19.40 -45.79
C ALA B 336 12.46 -19.11 -45.64
N LEU B 337 12.05 -18.57 -44.50
CA LEU B 337 10.67 -18.12 -44.33
C LEU B 337 10.31 -17.04 -45.33
N LEU B 338 11.18 -16.01 -45.48
CA LEU B 338 10.88 -14.94 -46.41
C LEU B 338 10.74 -15.45 -47.83
N GLU B 339 11.62 -16.39 -48.25
CA GLU B 339 11.58 -16.96 -49.59
C GLU B 339 10.27 -17.69 -49.86
N ARG B 340 9.67 -18.28 -48.83
CA ARG B 340 8.41 -19.00 -48.98
C ARG B 340 7.19 -18.09 -48.80
N GLY B 341 7.39 -16.78 -48.76
CA GLY B 341 6.29 -15.84 -48.70
C GLY B 341 5.80 -15.48 -47.33
N TYR B 342 6.52 -15.87 -46.28
CA TYR B 342 6.17 -15.49 -44.92
C TYR B 342 6.60 -14.06 -44.63
N SER B 343 5.89 -13.43 -43.70
CA SER B 343 6.21 -12.10 -43.24
C SER B 343 6.83 -12.25 -41.85
N LEU B 344 7.82 -11.41 -41.55
CA LEU B 344 8.47 -11.43 -40.25
C LEU B 344 8.25 -10.09 -39.57
N VAL B 345 7.93 -10.14 -38.28
CA VAL B 345 7.82 -8.91 -37.51
C VAL B 345 9.21 -8.29 -37.40
N SER B 346 9.31 -7.00 -37.70
CA SER B 346 10.56 -6.26 -37.89
C SER B 346 11.34 -6.69 -39.14
N GLY B 347 10.82 -7.60 -39.94
CA GLY B 347 11.46 -7.90 -41.22
C GLY B 347 12.71 -8.76 -41.16
N GLY B 348 13.12 -9.26 -40.01
CA GLY B 348 14.34 -10.04 -39.93
C GLY B 348 14.68 -10.29 -38.48
N THR B 349 15.92 -10.75 -38.26
CA THR B 349 16.41 -11.03 -36.91
C THR B 349 17.87 -10.63 -36.81
N ASP B 350 18.25 -10.11 -35.66
CA ASP B 350 19.64 -9.89 -35.28
C ASP B 350 20.02 -10.74 -34.07
N ASN B 351 19.20 -11.69 -33.68
CA ASN B 351 19.53 -12.50 -32.52
C ASN B 351 19.15 -13.97 -32.74
N HIS B 352 18.77 -14.70 -31.69
CA HIS B 352 18.60 -16.14 -31.75
C HIS B 352 17.20 -16.56 -32.18
N LEU B 353 16.29 -15.61 -32.40
CA LEU B 353 14.91 -15.98 -32.65
C LEU B 353 14.36 -15.23 -33.85
N VAL B 354 13.22 -15.71 -34.32
CA VAL B 354 12.47 -15.12 -35.42
C VAL B 354 11.02 -15.01 -34.99
N LEU B 355 10.38 -13.90 -35.36
CA LEU B 355 8.96 -13.68 -35.10
C LEU B 355 8.22 -13.71 -36.43
N VAL B 356 7.42 -14.75 -36.64
CA VAL B 356 6.69 -14.93 -37.88
C VAL B 356 5.28 -14.37 -37.77
N ASP B 357 4.87 -13.64 -38.79
CA ASP B 357 3.53 -13.11 -38.91
C ASP B 357 2.84 -13.97 -39.95
N LEU B 358 1.96 -14.87 -39.47
CA LEU B 358 1.23 -15.77 -40.34
C LEU B 358 -0.04 -15.16 -40.91
N ARG B 359 -0.51 -14.02 -40.38
CA ARG B 359 -1.77 -13.44 -40.85
C ARG B 359 -1.87 -13.32 -42.36
N PRO B 360 -0.83 -12.91 -43.08
CA PRO B 360 -1.00 -12.78 -44.53
C PRO B 360 -1.17 -14.12 -45.21
N LYS B 361 -0.57 -15.18 -44.67
CA LYS B 361 -0.74 -16.53 -45.19
C LYS B 361 -2.14 -17.08 -44.93
N GLY B 362 -2.91 -16.46 -44.04
CA GLY B 362 -4.27 -16.88 -43.76
C GLY B 362 -4.43 -17.85 -42.61
N LEU B 363 -3.46 -17.95 -41.70
CA LEU B 363 -3.53 -18.90 -40.59
C LEU B 363 -2.99 -18.24 -39.33
N ASP B 364 -3.63 -18.47 -38.20
CA ASP B 364 -3.19 -17.83 -36.97
C ASP B 364 -2.19 -18.72 -36.23
N GLY B 365 -1.62 -18.16 -35.15
CA GLY B 365 -0.59 -18.85 -34.41
C GLY B 365 -1.10 -19.94 -33.52
N ALA B 366 -2.36 -19.83 -33.04
CA ALA B 366 -2.96 -20.89 -32.24
C ALA B 366 -3.18 -22.14 -33.08
N ARG B 367 -3.78 -21.97 -34.26
CA ARG B 367 -3.94 -23.09 -35.19
C ARG B 367 -2.59 -23.68 -35.58
N ALA B 368 -1.63 -22.81 -35.95
CA ALA B 368 -0.34 -23.29 -36.42
C ALA B 368 0.43 -24.02 -35.33
N GLU B 369 0.47 -23.46 -34.11
CA GLU B 369 1.25 -24.12 -33.06
C GLU B 369 0.71 -25.53 -32.79
N ARG B 370 -0.62 -25.71 -32.88
CA ARG B 370 -1.17 -27.03 -32.59
C ARG B 370 -0.84 -28.06 -33.68
N VAL B 371 -1.02 -27.69 -34.95
CA VAL B 371 -0.59 -28.59 -36.03
C VAL B 371 0.88 -28.96 -35.85
N LEU B 372 1.73 -27.96 -35.66
CA LEU B 372 3.16 -28.25 -35.52
C LEU B 372 3.42 -29.20 -34.35
N GLU B 373 2.76 -28.96 -33.21
CA GLU B 373 2.94 -29.81 -32.06
C GLU B 373 2.68 -31.27 -32.40
N LEU B 374 1.61 -31.53 -33.14
CA LEU B 374 1.24 -32.89 -33.50
C LEU B 374 2.19 -33.54 -34.51
N VAL B 375 3.10 -32.79 -35.11
CA VAL B 375 4.14 -33.36 -35.95
C VAL B 375 5.52 -33.20 -35.31
N SER B 376 5.56 -33.00 -34.00
CA SER B 376 6.80 -32.99 -33.23
C SER B 376 7.65 -31.76 -33.52
N ILE B 377 7.02 -30.64 -33.84
CA ILE B 377 7.69 -29.35 -33.97
C ILE B 377 7.10 -28.45 -32.89
N THR B 378 7.92 -28.07 -31.90
CA THR B 378 7.43 -27.28 -30.77
C THR B 378 7.86 -25.83 -30.97
N ALA B 379 6.87 -24.96 -31.13
CA ALA B 379 7.03 -23.53 -31.24
C ALA B 379 5.97 -22.92 -30.35
N ASN B 380 5.87 -21.59 -30.32
CA ASN B 380 4.77 -21.04 -29.55
C ASN B 380 4.11 -19.88 -30.28
N LYS B 381 2.79 -19.85 -30.19
CA LYS B 381 2.00 -18.75 -30.74
C LYS B 381 2.49 -17.43 -30.17
N ASN B 382 2.37 -16.37 -30.98
CA ASN B 382 2.92 -15.07 -30.59
C ASN B 382 2.03 -13.97 -31.16
N THR B 383 1.64 -13.03 -30.30
CA THR B 383 0.92 -11.85 -30.75
C THR B 383 1.78 -11.03 -31.70
N CYS B 384 1.14 -10.51 -32.76
CA CYS B 384 1.78 -9.63 -33.73
C CYS B 384 1.11 -8.27 -33.71
N PRO B 385 1.85 -7.21 -34.03
CA PRO B 385 1.24 -5.87 -34.04
C PRO B 385 0.00 -5.82 -34.92
N GLY B 386 -1.10 -5.32 -34.35
CA GLY B 386 -2.37 -5.23 -35.04
C GLY B 386 -3.32 -6.39 -34.83
N ASP B 387 -2.92 -7.44 -34.12
CA ASP B 387 -3.82 -8.55 -33.87
C ASP B 387 -5.13 -8.05 -33.25
N ARG B 388 -6.24 -8.54 -33.80
CA ARG B 388 -7.58 -8.16 -33.33
C ARG B 388 -8.12 -9.11 -32.27
N SER B 389 -7.34 -10.11 -31.82
CA SER B 389 -7.89 -11.09 -30.89
C SER B 389 -6.83 -12.05 -30.39
N ALA B 390 -6.74 -12.21 -29.07
CA ALA B 390 -5.64 -12.96 -28.47
C ALA B 390 -5.87 -14.47 -28.46
N ILE B 391 -7.12 -14.92 -28.46
CA ILE B 391 -7.37 -16.36 -28.64
C ILE B 391 -6.75 -16.80 -29.96
N THR B 392 -6.61 -15.86 -30.90
CA THR B 392 -6.17 -16.15 -32.27
C THR B 392 -5.04 -15.15 -32.58
N PRO B 393 -3.91 -15.30 -31.90
CA PRO B 393 -2.78 -14.41 -32.18
C PRO B 393 -2.24 -14.70 -33.56
N GLY B 394 -1.53 -13.72 -34.11
CA GLY B 394 -1.21 -13.78 -35.52
C GLY B 394 0.04 -14.51 -35.91
N GLY B 395 0.93 -14.88 -34.97
CA GLY B 395 2.28 -15.26 -35.31
C GLY B 395 2.80 -16.44 -34.51
N LEU B 396 4.07 -16.74 -34.76
CA LEU B 396 4.81 -17.76 -34.06
C LEU B 396 6.17 -17.21 -33.66
N ARG B 397 6.66 -17.62 -32.52
CA ARG B 397 8.04 -17.36 -32.13
C ARG B 397 8.84 -18.64 -32.35
N LEU B 398 9.97 -18.53 -33.06
CA LEU B 398 10.78 -19.68 -33.44
C LEU B 398 12.21 -19.39 -33.03
N GLY B 399 12.84 -20.32 -32.33
CA GLY B 399 14.19 -20.10 -31.80
C GLY B 399 15.20 -21.12 -32.30
N ALA B 400 16.47 -20.66 -32.47
CA ALA B 400 17.60 -21.49 -32.91
C ALA B 400 18.47 -22.10 -31.80
N PRO B 401 18.45 -21.67 -30.54
CA PRO B 401 19.47 -22.22 -29.62
C PRO B 401 19.44 -23.73 -29.41
N ALA B 402 18.26 -24.34 -29.20
CA ALA B 402 18.21 -25.75 -28.83
C ALA B 402 18.75 -26.64 -29.96
N LEU B 403 18.27 -26.44 -31.18
CA LEU B 403 18.71 -27.29 -32.28
C LEU B 403 20.16 -26.99 -32.66
N THR B 404 20.58 -25.74 -32.45
CA THR B 404 21.99 -25.45 -32.69
C THR B 404 22.88 -26.28 -31.75
N SER B 405 22.43 -26.51 -30.50
CA SER B 405 23.19 -27.36 -29.59
C SER B 405 23.30 -28.80 -30.06
N ARG B 406 22.45 -29.23 -31.00
CA ARG B 406 22.49 -30.55 -31.58
C ARG B 406 23.23 -30.56 -32.89
N GLN B 407 24.06 -29.53 -33.14
CA GLN B 407 24.89 -29.40 -34.34
C GLN B 407 24.10 -29.15 -35.63
N PHE B 408 22.86 -28.68 -35.55
CA PHE B 408 22.17 -28.16 -36.73
C PHE B 408 22.95 -27.00 -37.32
N ARG B 409 23.08 -26.99 -38.66
CA ARG B 409 23.67 -25.89 -39.40
C ARG B 409 22.61 -25.22 -40.28
N GLU B 410 23.03 -24.25 -41.10
CA GLU B 410 22.07 -23.41 -41.83
C GLU B 410 21.15 -24.25 -42.72
N ASP B 411 21.71 -25.19 -43.47
CA ASP B 411 20.87 -25.99 -44.35
C ASP B 411 19.90 -26.84 -43.57
N ASP B 412 20.28 -27.26 -42.36
CA ASP B 412 19.36 -27.99 -41.52
C ASP B 412 18.20 -27.11 -41.10
N PHE B 413 18.44 -25.83 -40.80
CA PHE B 413 17.32 -24.93 -40.51
C PHE B 413 16.47 -24.62 -41.75
N ARG B 414 17.05 -24.64 -42.94
CA ARG B 414 16.22 -24.55 -44.13
C ARG B 414 15.27 -25.75 -44.19
N ARG B 415 15.75 -26.94 -43.83
CA ARG B 415 14.89 -28.12 -43.83
C ARG B 415 13.80 -28.01 -42.76
N VAL B 416 14.14 -27.44 -41.60
CA VAL B 416 13.12 -27.17 -40.59
C VAL B 416 11.98 -26.33 -41.18
N VAL B 417 12.33 -25.27 -41.89
CA VAL B 417 11.30 -24.41 -42.48
C VAL B 417 10.47 -25.17 -43.49
N ASP B 418 11.08 -26.07 -44.28
CA ASP B 418 10.27 -26.87 -45.19
C ASP B 418 9.21 -27.67 -44.43
N PHE B 419 9.59 -28.27 -43.30
CA PHE B 419 8.63 -29.02 -42.49
C PHE B 419 7.55 -28.09 -41.92
N ILE B 420 7.97 -26.91 -41.44
CA ILE B 420 6.98 -25.96 -40.90
C ILE B 420 5.96 -25.61 -41.97
N ASP B 421 6.44 -25.35 -43.19
CA ASP B 421 5.56 -24.95 -44.27
C ASP B 421 4.57 -26.05 -44.60
N GLU B 422 5.02 -27.31 -44.56
CA GLU B 422 4.09 -28.41 -44.74
C GLU B 422 3.01 -28.40 -43.67
N GLY B 423 3.39 -28.11 -42.43
CA GLY B 423 2.41 -28.05 -41.36
C GLY B 423 1.46 -26.87 -41.55
N VAL B 424 2.00 -25.71 -41.91
CA VAL B 424 1.16 -24.56 -42.20
C VAL B 424 0.15 -24.91 -43.28
N ASN B 425 0.58 -25.65 -44.30
CA ASN B 425 -0.34 -26.00 -45.38
C ASN B 425 -1.45 -26.93 -44.89
N ILE B 426 -1.12 -27.87 -43.99
CA ILE B 426 -2.15 -28.74 -43.41
C ILE B 426 -3.15 -27.91 -42.61
N GLY B 427 -2.66 -26.96 -41.85
CA GLY B 427 -3.54 -26.09 -41.08
C GLY B 427 -4.48 -25.29 -41.96
N LEU B 428 -3.97 -24.75 -43.08
CA LEU B 428 -4.83 -24.03 -44.01
C LEU B 428 -5.91 -24.93 -44.57
N GLU B 429 -5.58 -26.19 -44.86
CA GLU B 429 -6.61 -27.10 -45.35
C GLU B 429 -7.66 -27.38 -44.28
N VAL B 430 -7.23 -27.59 -43.03
CA VAL B 430 -8.18 -27.87 -41.96
C VAL B 430 -9.03 -26.63 -41.65
N LYS B 431 -8.44 -25.45 -41.72
CA LYS B 431 -9.21 -24.23 -41.52
C LYS B 431 -10.33 -24.10 -42.54
N SER B 432 -10.06 -24.48 -43.80
CA SER B 432 -11.09 -24.44 -44.83
C SER B 432 -12.24 -25.40 -44.53
N LYS B 433 -12.04 -26.37 -43.63
CA LYS B 433 -13.05 -27.39 -43.36
C LYS B 433 -13.72 -27.26 -42.01
N THR B 434 -13.32 -26.29 -41.18
CA THR B 434 -13.83 -26.15 -39.83
C THR B 434 -14.05 -24.68 -39.50
N ALA B 435 -14.81 -24.44 -38.43
CA ALA B 435 -15.23 -23.08 -38.06
C ALA B 435 -14.42 -22.55 -36.89
N LYS B 436 -14.75 -22.98 -35.68
CA LYS B 436 -14.09 -22.44 -34.50
C LYS B 436 -12.76 -23.11 -34.24
N LEU B 437 -11.95 -22.47 -33.40
CA LEU B 437 -10.69 -23.07 -33.02
C LEU B 437 -10.91 -24.44 -32.40
N GLN B 438 -11.97 -24.59 -31.62
CA GLN B 438 -12.25 -25.87 -31.01
C GLN B 438 -12.60 -26.94 -32.05
N ASP B 439 -13.21 -26.55 -33.16
CA ASP B 439 -13.54 -27.53 -34.19
C ASP B 439 -12.31 -27.90 -34.99
N PHE B 440 -11.47 -26.92 -35.29
CA PHE B 440 -10.18 -27.17 -35.91
C PHE B 440 -9.40 -28.23 -35.13
N LYS B 441 -9.28 -28.04 -33.82
CA LYS B 441 -8.46 -28.94 -33.01
C LYS B 441 -9.02 -30.35 -32.98
N SER B 442 -10.35 -30.49 -32.86
CA SER B 442 -10.96 -31.82 -32.87
C SER B 442 -10.74 -32.49 -34.22
N PHE B 443 -10.74 -31.71 -35.31
CA PHE B 443 -10.63 -32.27 -36.65
C PHE B 443 -9.25 -32.88 -36.86
N LEU B 444 -8.21 -32.23 -36.31
CA LEU B 444 -6.86 -32.79 -36.40
C LEU B 444 -6.81 -34.21 -35.83
N LEU B 445 -7.67 -34.51 -34.86
CA LEU B 445 -7.64 -35.80 -34.17
C LEU B 445 -8.61 -36.81 -34.75
N LYS B 446 -9.75 -36.34 -35.25
CA LYS B 446 -10.85 -37.22 -35.62
C LYS B 446 -10.97 -37.47 -37.12
N ASP B 447 -10.51 -36.54 -37.97
CA ASP B 447 -10.58 -36.77 -39.41
C ASP B 447 -9.43 -37.69 -39.84
N SER B 448 -9.77 -38.79 -40.51
CA SER B 448 -8.75 -39.79 -40.82
C SER B 448 -7.79 -39.28 -41.89
N GLU B 449 -8.31 -38.63 -42.92
CA GLU B 449 -7.44 -38.05 -43.94
C GLU B 449 -6.42 -37.12 -43.30
N THR B 450 -6.88 -36.21 -42.44
CA THR B 450 -5.96 -35.32 -41.75
C THR B 450 -5.04 -36.11 -40.81
N SER B 451 -5.58 -37.07 -40.07
CA SER B 451 -4.75 -37.78 -39.11
C SER B 451 -3.62 -38.51 -39.82
N GLN B 452 -3.90 -39.08 -41.00
CA GLN B 452 -2.85 -39.79 -41.72
C GLN B 452 -1.81 -38.83 -42.24
N ARG B 453 -2.23 -37.67 -42.80
CA ARG B 453 -1.28 -36.65 -43.22
C ARG B 453 -0.38 -36.18 -42.07
N LEU B 454 -0.96 -35.98 -40.88
CA LEU B 454 -0.14 -35.58 -39.74
C LEU B 454 0.84 -36.68 -39.32
N ALA B 455 0.42 -37.95 -39.38
CA ALA B 455 1.28 -39.05 -38.97
C ALA B 455 2.48 -39.19 -39.90
N ASN B 456 2.26 -38.98 -41.20
CA ASN B 456 3.34 -39.06 -42.18
C ASN B 456 4.34 -37.95 -41.98
N LEU B 457 3.85 -36.71 -41.81
CA LEU B 457 4.74 -35.59 -41.53
C LEU B 457 5.47 -35.82 -40.20
N ARG B 458 4.77 -36.31 -39.16
CA ARG B 458 5.43 -36.59 -37.90
C ARG B 458 6.57 -37.61 -38.07
N GLN B 459 6.32 -38.70 -38.81
CA GLN B 459 7.36 -39.72 -39.01
C GLN B 459 8.60 -39.12 -39.65
N ARG B 460 8.40 -38.26 -40.65
CA ARG B 460 9.53 -37.64 -41.36
C ARG B 460 10.25 -36.62 -40.49
N VAL B 461 9.51 -35.81 -39.72
CA VAL B 461 10.16 -34.89 -38.80
C VAL B 461 11.03 -35.67 -37.83
N GLU B 462 10.47 -36.73 -37.22
CA GLU B 462 11.18 -37.44 -36.17
C GLU B 462 12.40 -38.16 -36.72
N GLN B 463 12.30 -38.76 -37.90
CA GLN B 463 13.47 -39.46 -38.41
C GLN B 463 14.61 -38.49 -38.71
N PHE B 464 14.28 -37.28 -39.17
CA PHE B 464 15.30 -36.27 -39.37
C PHE B 464 15.93 -35.84 -38.07
N ALA B 465 15.12 -35.50 -37.06
CA ALA B 465 15.65 -34.96 -35.82
C ALA B 465 16.48 -36.01 -35.06
N ARG B 466 16.04 -37.26 -35.05
CA ARG B 466 16.69 -38.26 -34.21
C ARG B 466 18.14 -38.49 -34.61
N ALA B 467 18.51 -38.18 -35.86
CA ALA B 467 19.85 -38.47 -36.34
C ALA B 467 20.90 -37.52 -35.77
N PHE B 468 20.50 -36.44 -35.17
CA PHE B 468 21.44 -35.44 -34.68
C PHE B 468 21.89 -35.75 -33.25
N PRO B 469 23.09 -35.34 -32.85
CA PRO B 469 23.53 -35.59 -31.46
C PRO B 469 22.70 -34.79 -30.47
N MET B 470 22.77 -35.23 -29.20
CA MET B 470 22.01 -34.60 -28.13
C MET B 470 22.82 -34.46 -26.85
N PRO B 471 22.98 -33.24 -26.33
CA PRO B 471 23.68 -33.09 -25.04
C PRO B 471 22.97 -33.83 -23.91
N GLY B 472 23.75 -34.25 -22.90
CA GLY B 472 23.24 -34.82 -21.67
C GLY B 472 23.53 -36.31 -21.54
N PHE B 473 22.73 -36.96 -20.70
CA PHE B 473 22.86 -38.40 -20.53
C PHE B 473 22.28 -39.12 -21.76
N ASP B 474 22.55 -40.41 -21.88
CA ASP B 474 22.10 -41.13 -23.07
C ASP B 474 20.57 -41.29 -23.09
N GLU B 475 19.96 -41.58 -21.94
CA GLU B 475 18.59 -42.04 -21.94
C GLU B 475 17.70 -41.30 -20.96
N HIS B 476 18.22 -40.32 -20.24
CA HIS B 476 17.40 -39.56 -19.27
C HIS B 476 17.89 -38.13 -19.11
N TRP C 15 -31.01 43.93 -6.84
CA TRP C 15 -30.23 43.07 -5.94
C TRP C 15 -28.92 43.71 -5.52
N THR C 16 -28.66 43.70 -4.22
CA THR C 16 -27.47 44.32 -3.67
C THR C 16 -26.57 43.33 -2.94
N GLY C 17 -27.09 42.15 -2.58
CA GLY C 17 -26.39 41.25 -1.69
C GLY C 17 -26.22 41.85 -0.31
N GLN C 18 -26.97 42.92 -0.03
CA GLN C 18 -27.00 43.55 1.27
C GLN C 18 -28.32 43.34 1.98
N GLU C 19 -29.25 42.62 1.36
CA GLU C 19 -30.54 42.35 1.96
C GLU C 19 -30.36 41.45 3.19
N SER C 20 -31.25 41.63 4.16
CA SER C 20 -31.23 40.77 5.34
C SER C 20 -31.79 39.40 5.00
N LEU C 21 -31.32 38.38 5.72
CA LEU C 21 -31.83 37.03 5.53
C LEU C 21 -33.33 36.96 5.81
N SER C 22 -33.79 37.71 6.80
CA SER C 22 -35.20 37.63 7.19
C SER C 22 -36.12 38.06 6.05
N ASP C 23 -35.69 38.97 5.18
CA ASP C 23 -36.52 39.44 4.07
C ASP C 23 -36.33 38.59 2.81
N SER C 24 -35.08 38.23 2.52
CA SER C 24 -34.78 37.61 1.23
C SER C 24 -35.01 36.10 1.21
N ASP C 25 -34.98 35.43 2.36
CA ASP C 25 -35.12 33.98 2.42
C ASP C 25 -35.94 33.66 3.66
N PRO C 26 -37.23 34.00 3.65
CA PRO C 26 -38.08 33.66 4.81
C PRO C 26 -38.03 32.19 5.23
N GLU C 27 -38.01 31.26 4.27
CA GLU C 27 -38.01 29.84 4.63
C GLU C 27 -36.79 29.50 5.49
N MET C 28 -35.62 29.96 5.09
CA MET C 28 -34.43 29.66 5.88
C MET C 28 -34.42 30.44 7.19
N TRP C 29 -34.96 31.66 7.18
CA TRP C 29 -35.01 32.44 8.42
C TRP C 29 -35.84 31.73 9.48
N GLU C 30 -37.01 31.21 9.10
CA GLU C 30 -37.81 30.55 10.11
C GLU C 30 -37.11 29.29 10.60
N LEU C 31 -36.27 28.67 9.76
CA LEU C 31 -35.53 27.48 10.18
C LEU C 31 -34.47 27.84 11.24
N LEU C 32 -33.71 28.91 11.00
CA LEU C 32 -32.74 29.37 11.98
C LEU C 32 -33.42 29.68 13.30
N GLN C 33 -34.53 30.42 13.27
CA GLN C 33 -35.26 30.73 14.50
C GLN C 33 -35.73 29.46 15.21
N ARG C 34 -36.14 28.46 14.45
CA ARG C 34 -36.60 27.22 15.08
C ARG C 34 -35.48 26.50 15.80
N GLU C 35 -34.27 26.54 15.24
CA GLU C 35 -33.13 25.88 15.89
C GLU C 35 -32.71 26.66 17.13
N LYS C 36 -32.78 28.00 17.06
CA LYS C 36 -32.50 28.79 18.25
C LYS C 36 -33.52 28.50 19.34
N ASP C 37 -34.80 28.40 18.97
CA ASP C 37 -35.80 28.04 19.98
C ASP C 37 -35.49 26.69 20.60
N ARG C 38 -35.13 25.70 19.78
CA ARG C 38 -34.82 24.37 20.28
C ARG C 38 -33.68 24.42 21.28
N GLN C 39 -32.64 25.19 20.95
CA GLN C 39 -31.51 25.33 21.87
C GLN C 39 -31.94 25.97 23.17
N CYS C 40 -32.81 26.95 23.10
CA CYS C 40 -33.12 27.70 24.32
C CYS C 40 -34.02 26.92 25.28
N ARG C 41 -34.83 26.01 24.76
CA ARG C 41 -35.79 25.31 25.58
C ARG C 41 -35.30 23.96 26.06
N GLY C 42 -34.13 23.52 25.64
CA GLY C 42 -33.65 22.20 25.98
C GLY C 42 -32.66 22.15 27.11
N LEU C 43 -32.60 21.00 27.75
CA LEU C 43 -31.47 20.65 28.62
C LEU C 43 -30.47 19.90 27.75
N GLU C 44 -29.45 20.62 27.31
CA GLU C 44 -28.51 20.18 26.29
C GLU C 44 -27.32 19.61 27.02
N LEU C 45 -27.28 18.28 27.09
CA LEU C 45 -26.26 17.55 27.81
C LEU C 45 -25.29 16.79 26.90
N ILE C 46 -25.28 17.10 25.60
CA ILE C 46 -24.28 16.49 24.72
C ILE C 46 -22.92 17.06 25.10
N ALA C 47 -22.00 16.18 25.51
CA ALA C 47 -20.75 16.64 26.14
C ALA C 47 -19.86 17.42 25.20
N SER C 48 -20.02 17.27 23.90
CA SER C 48 -19.24 17.97 22.92
C SER C 48 -19.88 19.28 22.47
N GLU C 49 -21.01 19.66 23.03
CA GLU C 49 -21.65 20.89 22.56
C GLU C 49 -21.41 22.04 23.51
N ASN C 50 -21.58 23.24 22.96
CA ASN C 50 -21.48 24.47 23.73
C ASN C 50 -22.30 25.55 23.02
N PHE C 51 -22.41 26.70 23.63
CA PHE C 51 -23.14 27.82 23.03
C PHE C 51 -22.14 28.93 22.75
N CYS C 52 -21.87 29.17 21.46
CA CYS C 52 -20.84 30.13 21.06
C CYS C 52 -21.33 31.55 21.27
N SER C 53 -20.40 32.44 21.65
CA SER C 53 -20.71 33.82 21.90
C SER C 53 -21.14 34.57 20.63
N ARG C 54 -21.95 35.61 20.84
CA ARG C 54 -22.32 36.47 19.73
C ARG C 54 -21.09 37.04 19.06
N ALA C 55 -20.09 37.45 19.85
CA ALA C 55 -18.90 38.09 19.29
C ALA C 55 -18.19 37.18 18.32
N ALA C 56 -17.98 35.93 18.70
CA ALA C 56 -17.32 35.02 17.78
C ALA C 56 -18.18 34.78 16.55
N LEU C 57 -19.50 34.67 16.75
CA LEU C 57 -20.38 34.43 15.62
C LEU C 57 -20.38 35.61 14.65
N GLU C 58 -20.22 36.85 15.17
CA GLU C 58 -20.08 38.04 14.31
C GLU C 58 -18.84 37.96 13.43
N ALA C 59 -17.73 37.41 13.95
CA ALA C 59 -16.53 37.21 13.12
C ALA C 59 -16.72 36.08 12.13
N LEU C 60 -17.42 35.02 12.56
CA LEU C 60 -17.65 33.84 11.74
C LEU C 60 -18.45 34.18 10.48
N GLY C 61 -19.46 35.05 10.61
CA GLY C 61 -20.24 35.51 9.48
C GLY C 61 -19.78 36.86 8.98
N SER C 62 -18.54 36.95 8.49
CA SER C 62 -17.97 38.22 8.08
C SER C 62 -17.41 38.16 6.65
N CYS C 63 -16.93 39.32 6.19
CA CYS C 63 -16.30 39.36 4.87
C CYS C 63 -15.03 38.53 4.80
N LEU C 64 -14.49 38.07 5.92
CA LEU C 64 -13.33 37.18 5.86
C LEU C 64 -13.62 35.94 5.05
N ASN C 65 -14.89 35.58 4.90
CA ASN C 65 -15.29 34.48 4.03
C ASN C 65 -14.74 34.66 2.63
N ASN C 66 -14.63 35.91 2.16
CA ASN C 66 -14.39 36.22 0.76
C ASN C 66 -12.94 35.99 0.32
N LYS C 67 -11.98 35.97 1.25
CA LYS C 67 -10.56 36.05 0.91
C LYS C 67 -9.92 34.67 0.73
N TYR C 68 -9.38 34.41 -0.46
CA TYR C 68 -8.49 33.25 -0.67
C TYR C 68 -7.08 33.57 -0.15
N SER C 69 -6.54 32.73 0.73
CA SER C 69 -5.20 32.98 1.29
C SER C 69 -4.42 31.68 1.52
N GLU C 70 -4.39 30.85 0.49
CA GLU C 70 -3.56 29.66 0.53
C GLU C 70 -2.13 30.00 0.95
N GLY C 71 -1.56 29.14 1.80
CA GLY C 71 -0.23 29.35 2.31
C GLY C 71 -0.27 29.80 3.75
N TYR C 72 0.76 30.53 4.17
CA TYR C 72 0.91 30.95 5.56
C TYR C 72 1.37 32.40 5.62
N PRO C 73 1.17 33.05 6.77
CA PRO C 73 1.49 34.48 6.88
C PRO C 73 2.91 34.76 6.39
N GLY C 74 3.02 35.74 5.49
CA GLY C 74 4.29 36.13 4.94
C GLY C 74 4.83 35.20 3.89
N LYS C 75 4.09 34.14 3.56
CA LYS C 75 4.49 33.14 2.59
C LYS C 75 3.23 32.61 1.94
N ARG C 76 2.47 33.53 1.34
CA ARG C 76 1.23 33.25 0.64
C ARG C 76 1.50 33.06 -0.84
N TYR C 77 0.56 32.38 -1.51
CA TYR C 77 0.64 32.29 -2.97
C TYR C 77 0.27 33.61 -3.64
N TYR C 78 -0.64 34.38 -3.03
CA TYR C 78 -1.19 35.59 -3.61
C TYR C 78 -0.93 36.79 -2.71
N GLY C 79 -1.17 37.98 -3.27
CA GLY C 79 -1.11 39.21 -2.51
C GLY C 79 -2.46 39.58 -1.93
N GLY C 80 -2.51 40.77 -1.35
CA GLY C 80 -3.72 41.26 -0.72
C GLY C 80 -3.96 40.72 0.66
N ALA C 81 -2.95 40.08 1.25
CA ALA C 81 -3.13 39.32 2.49
C ALA C 81 -2.65 40.08 3.72
N GLU C 82 -2.45 41.40 3.62
CA GLU C 82 -2.00 42.18 4.77
C GLU C 82 -2.82 41.85 6.01
N VAL C 83 -4.14 41.95 5.89
CA VAL C 83 -4.98 41.89 7.08
C VAL C 83 -5.19 40.45 7.54
N VAL C 84 -5.49 39.53 6.63
CA VAL C 84 -5.64 38.14 7.03
C VAL C 84 -4.34 37.61 7.64
N ASP C 85 -3.19 38.10 7.17
CA ASP C 85 -1.93 37.74 7.81
C ASP C 85 -1.96 38.15 9.28
N GLU C 86 -2.32 39.41 9.56
CA GLU C 86 -2.38 39.84 10.95
C GLU C 86 -3.37 39.01 11.74
N ILE C 87 -4.50 38.65 11.12
CA ILE C 87 -5.50 37.89 11.85
C ILE C 87 -4.98 36.50 12.17
N GLU C 88 -4.33 35.87 11.19
CA GLU C 88 -3.88 34.49 11.40
C GLU C 88 -2.77 34.46 12.46
N LEU C 89 -1.84 35.43 12.40
CA LEU C 89 -0.78 35.52 13.41
C LEU C 89 -1.34 35.84 14.78
N LEU C 90 -2.38 36.68 14.84
CA LEU C 90 -2.99 36.96 16.13
C LEU C 90 -3.68 35.73 16.71
N CYS C 91 -4.36 34.96 15.87
CA CYS C 91 -4.95 33.72 16.34
C CYS C 91 -3.88 32.80 16.91
N GLN C 92 -2.73 32.71 16.24
CA GLN C 92 -1.66 31.85 16.72
C GLN C 92 -1.16 32.31 18.08
N ARG C 93 -0.92 33.63 18.20
CA ARG C 93 -0.51 34.19 19.48
C ARG C 93 -1.55 33.91 20.55
N ARG C 94 -2.84 34.06 20.23
CA ARG C 94 -3.84 33.87 21.27
C ARG C 94 -3.98 32.38 21.65
N ALA C 95 -3.74 31.47 20.69
CA ALA C 95 -3.81 30.04 21.00
C ALA C 95 -2.69 29.64 21.93
N LEU C 96 -1.48 30.16 21.69
CA LEU C 96 -0.38 29.85 22.59
C LEU C 96 -0.61 30.47 23.97
N GLU C 97 -1.16 31.68 24.01
CA GLU C 97 -1.39 32.32 25.30
C GLU C 97 -2.45 31.57 26.10
N ALA C 98 -3.51 31.08 25.44
CA ALA C 98 -4.56 30.38 26.16
C ALA C 98 -4.04 29.13 26.87
N PHE C 99 -2.97 28.53 26.34
CA PHE C 99 -2.41 27.30 26.88
C PHE C 99 -1.08 27.53 27.59
N ASP C 100 -0.73 28.78 27.86
CA ASP C 100 0.47 29.15 28.61
C ASP C 100 1.73 28.58 27.97
N LEU C 101 1.80 28.70 26.64
CA LEU C 101 2.84 28.07 25.86
C LEU C 101 3.85 29.11 25.41
N ASP C 102 5.12 28.77 25.54
CA ASP C 102 6.20 29.63 25.07
C ASP C 102 6.41 29.44 23.57
N PRO C 103 6.35 30.50 22.76
CA PRO C 103 6.68 30.34 21.33
C PRO C 103 7.98 29.62 21.05
N ALA C 104 9.01 29.78 21.89
CA ALA C 104 10.29 29.11 21.66
C ALA C 104 10.20 27.59 21.75
N GLN C 105 9.14 27.06 22.40
CA GLN C 105 8.93 25.63 22.56
C GLN C 105 7.78 25.08 21.72
N TRP C 106 6.84 25.93 21.31
CA TRP C 106 5.60 25.47 20.68
C TRP C 106 5.21 26.38 19.53
N GLY C 107 4.71 25.76 18.46
CA GLY C 107 4.04 26.47 17.40
C GLY C 107 2.63 25.92 17.26
N VAL C 108 1.81 26.62 16.48
CA VAL C 108 0.42 26.20 16.24
C VAL C 108 0.00 26.46 14.81
N ASN C 109 -0.80 25.54 14.29
CA ASN C 109 -1.45 25.70 12.99
C ASN C 109 -2.93 25.90 13.26
N VAL C 110 -3.44 27.06 12.86
CA VAL C 110 -4.81 27.44 13.11
C VAL C 110 -5.73 27.20 11.90
N GLN C 111 -5.25 26.55 10.81
CA GLN C 111 -6.05 26.32 9.61
C GLN C 111 -6.93 25.07 9.54
N PRO C 112 -6.73 24.02 10.36
CA PRO C 112 -7.56 22.81 10.20
C PRO C 112 -9.05 23.15 10.23
N TYR C 113 -9.78 22.61 9.24
CA TYR C 113 -11.20 22.95 9.16
C TYR C 113 -12.01 22.40 10.34
N SER C 114 -11.58 21.31 10.99
CA SER C 114 -12.29 20.74 12.13
C SER C 114 -11.34 19.80 12.87
N GLY C 115 -11.86 19.08 13.86
CA GLY C 115 -11.01 18.14 14.59
C GLY C 115 -10.50 17.02 13.74
N SER C 116 -11.36 16.45 12.88
CA SER C 116 -10.97 15.27 12.12
C SER C 116 -9.89 15.66 11.10
N PRO C 117 -10.05 16.82 10.42
CA PRO C 117 -8.96 17.29 9.54
C PRO C 117 -7.67 17.50 10.29
N ALA C 118 -7.74 17.95 11.54
CA ALA C 118 -6.51 18.18 12.30
C ALA C 118 -5.75 16.88 12.54
N ASN C 119 -6.44 15.83 12.97
CA ASN C 119 -5.76 14.58 13.23
C ASN C 119 -5.24 13.96 11.95
N LEU C 120 -6.00 14.05 10.85
CA LEU C 120 -5.53 13.43 9.62
C LEU C 120 -4.26 14.13 9.13
N ALA C 121 -4.19 15.45 9.32
CA ALA C 121 -2.97 16.18 8.97
C ALA C 121 -1.75 15.74 9.79
N VAL C 122 -1.92 15.52 11.10
CA VAL C 122 -0.82 15.01 11.91
C VAL C 122 -0.31 13.67 11.36
N TYR C 123 -1.22 12.73 11.02
CA TYR C 123 -0.79 11.44 10.50
C TYR C 123 -0.07 11.59 9.18
N THR C 124 -0.62 12.42 8.30
CA THR C 124 -0.04 12.62 6.99
C THR C 124 1.33 13.27 7.11
N ALA C 125 1.50 14.11 8.10
CA ALA C 125 2.75 14.84 8.27
C ALA C 125 3.87 13.96 8.82
N LEU C 126 3.53 13.03 9.74
CA LEU C 126 4.54 12.29 10.47
C LEU C 126 4.71 10.84 10.03
N LEU C 127 3.74 10.26 9.30
CA LEU C 127 3.70 8.84 8.98
C LEU C 127 3.66 8.62 7.47
N GLN C 128 4.18 7.49 7.03
CA GLN C 128 3.96 7.06 5.67
C GLN C 128 2.64 6.30 5.60
N PRO C 129 2.04 6.21 4.41
CA PRO C 129 0.86 5.34 4.27
C PRO C 129 1.16 3.95 4.82
N HIS C 130 0.19 3.41 5.54
CA HIS C 130 0.24 2.11 6.21
C HIS C 130 1.14 2.04 7.43
N ASP C 131 1.71 3.16 7.88
CA ASP C 131 2.40 3.14 9.16
C ASP C 131 1.38 2.93 10.28
N ARG C 132 1.86 2.51 11.44
CA ARG C 132 1.02 1.99 12.49
C ARG C 132 0.73 3.05 13.56
N ILE C 133 -0.53 3.10 14.02
CA ILE C 133 -0.98 3.98 15.08
C ILE C 133 -1.79 3.17 16.09
N MET C 134 -1.78 3.62 17.35
CA MET C 134 -2.62 3.02 18.36
C MET C 134 -3.44 4.09 19.07
N GLY C 135 -4.76 3.89 19.16
CA GLY C 135 -5.61 4.76 19.94
C GLY C 135 -6.63 3.97 20.75
N LEU C 136 -7.32 4.66 21.67
CA LEU C 136 -8.35 4.02 22.45
C LEU C 136 -9.48 3.59 21.54
N ASP C 137 -9.88 2.33 21.64
CA ASP C 137 -10.97 1.82 20.83
C ASP C 137 -12.21 2.67 20.98
N LEU C 138 -12.95 2.83 19.88
CA LEU C 138 -14.15 3.65 19.91
C LEU C 138 -15.16 3.20 20.97
N PRO C 139 -15.56 1.92 21.04
CA PRO C 139 -16.47 1.51 22.13
C PRO C 139 -15.96 1.83 23.51
N ASP C 140 -14.66 1.93 23.68
CA ASP C 140 -14.03 2.16 24.96
C ASP C 140 -13.85 3.63 25.24
N GLY C 141 -14.27 4.51 24.32
CA GLY C 141 -14.18 5.93 24.56
C GLY C 141 -13.30 6.72 23.62
N GLY C 142 -12.57 6.14 22.68
CA GLY C 142 -11.81 6.93 21.74
C GLY C 142 -12.66 7.46 20.61
N HIS C 143 -12.00 8.16 19.71
CA HIS C 143 -12.65 8.81 18.58
C HIS C 143 -12.40 8.04 17.31
N LEU C 144 -13.32 8.22 16.33
CA LEU C 144 -13.17 7.62 15.01
C LEU C 144 -11.76 7.84 14.46
N THR C 145 -11.26 9.08 14.59
CA THR C 145 -10.00 9.42 13.94
C THR C 145 -8.77 8.93 14.68
N HIS C 146 -8.97 8.15 15.73
CA HIS C 146 -7.86 7.49 16.38
C HIS C 146 -7.60 6.12 15.81
N GLY C 147 -8.21 5.83 14.66
CA GLY C 147 -7.88 4.66 13.90
C GLY C 147 -8.95 3.61 13.89
N TYR C 148 -10.21 3.98 14.01
CA TYR C 148 -11.25 2.99 14.23
C TYR C 148 -11.61 2.18 12.99
N MET C 149 -11.58 0.86 13.16
CA MET C 149 -12.17 -0.11 12.26
C MET C 149 -12.86 -1.15 13.12
N SER C 150 -13.86 -1.83 12.56
CA SER C 150 -14.58 -2.86 13.27
C SER C 150 -14.12 -4.23 12.79
N ASP C 151 -14.65 -5.27 13.43
CA ASP C 151 -14.44 -6.63 12.94
C ASP C 151 -14.90 -6.81 11.50
N VAL C 152 -15.78 -5.92 11.01
CA VAL C 152 -16.50 -6.13 9.75
C VAL C 152 -15.94 -5.28 8.62
N LYS C 153 -15.47 -4.07 8.90
CA LYS C 153 -14.84 -3.32 7.83
C LYS C 153 -14.15 -2.10 8.40
N ARG C 154 -13.40 -1.43 7.53
CA ARG C 154 -12.61 -0.26 7.92
C ARG C 154 -13.54 0.94 7.86
N ILE C 155 -13.51 1.75 8.90
CA ILE C 155 -14.52 2.78 9.09
C ILE C 155 -13.91 4.16 8.90
N SER C 156 -13.04 4.58 9.81
CA SER C 156 -12.30 5.82 9.64
C SER C 156 -11.27 5.72 8.52
N ALA C 157 -11.07 6.81 7.77
CA ALA C 157 -9.92 6.88 6.87
C ALA C 157 -8.59 6.70 7.61
N THR C 158 -8.55 6.97 8.90
CA THR C 158 -7.36 6.73 9.70
C THR C 158 -7.04 5.27 9.86
N SER C 159 -7.95 4.34 9.49
CA SER C 159 -7.71 2.92 9.44
C SER C 159 -7.54 2.40 8.03
N ILE C 160 -7.81 3.25 7.03
CA ILE C 160 -7.60 2.92 5.63
C ILE C 160 -6.20 3.33 5.17
N PHE C 161 -5.83 4.58 5.39
CA PHE C 161 -4.53 5.08 4.95
C PHE C 161 -3.41 4.71 5.89
N PHE C 162 -3.73 4.34 7.13
CA PHE C 162 -2.78 3.94 8.16
C PHE C 162 -3.26 2.64 8.74
N GLU C 163 -2.38 2.00 9.48
CA GLU C 163 -2.67 0.69 10.07
C GLU C 163 -2.83 0.89 11.57
N SER C 164 -4.04 0.66 12.08
CA SER C 164 -4.36 0.93 13.48
C SER C 164 -4.61 -0.36 14.26
N MET C 165 -4.27 -0.31 15.55
CA MET C 165 -4.64 -1.35 16.48
C MET C 165 -5.07 -0.62 17.74
N PRO C 166 -6.24 -0.92 18.29
CA PRO C 166 -6.72 -0.17 19.45
C PRO C 166 -6.08 -0.66 20.73
N TYR C 167 -6.10 0.22 21.73
CA TYR C 167 -5.95 -0.14 23.12
C TYR C 167 -7.27 0.05 23.83
N LYS C 168 -7.34 -0.49 25.06
CA LYS C 168 -8.61 -0.82 25.68
C LYS C 168 -8.67 -0.29 27.10
N LEU C 169 -9.90 -0.15 27.60
CA LEU C 169 -10.14 -0.01 29.02
C LEU C 169 -9.90 -1.34 29.72
N ASN C 170 -9.53 -1.28 30.99
CA ASN C 170 -9.70 -2.40 31.89
C ASN C 170 -11.18 -2.46 32.24
N PRO C 171 -11.93 -3.47 31.79
CA PRO C 171 -13.38 -3.44 32.02
C PRO C 171 -13.79 -3.46 33.48
N LYS C 172 -12.92 -3.93 34.39
CA LYS C 172 -13.26 -4.01 35.80
C LYS C 172 -13.11 -2.69 36.53
N THR C 173 -12.28 -1.77 36.01
CA THR C 173 -12.09 -0.47 36.62
C THR C 173 -12.66 0.67 35.78
N GLY C 174 -12.89 0.47 34.49
CA GLY C 174 -13.27 1.57 33.63
C GLY C 174 -12.16 2.51 33.26
N LEU C 175 -10.92 2.20 33.64
CA LEU C 175 -9.80 3.07 33.32
C LEU C 175 -9.00 2.48 32.16
N ILE C 176 -8.28 3.35 31.46
CA ILE C 176 -7.35 2.91 30.44
C ILE C 176 -6.41 1.90 31.06
N ASP C 177 -6.20 0.79 30.36
CA ASP C 177 -5.30 -0.25 30.83
C ASP C 177 -3.89 0.04 30.32
N TYR C 178 -3.14 0.81 31.11
CA TYR C 178 -1.83 1.26 30.67
C TYR C 178 -0.89 0.08 30.58
N ASN C 179 -1.08 -0.91 31.45
CA ASN C 179 -0.24 -2.09 31.41
C ASN C 179 -0.39 -2.84 30.10
N GLN C 180 -1.63 -3.01 29.61
CA GLN C 180 -1.81 -3.77 28.39
C GLN C 180 -1.39 -2.95 27.19
N LEU C 181 -1.55 -1.64 27.27
CA LEU C 181 -1.07 -0.78 26.21
C LEU C 181 0.44 -0.97 26.05
N ALA C 182 1.18 -0.93 27.16
CA ALA C 182 2.61 -1.18 27.12
C ALA C 182 2.93 -2.56 26.52
N LEU C 183 2.18 -3.59 26.93
CA LEU C 183 2.45 -4.94 26.43
C LEU C 183 2.22 -5.03 24.93
N THR C 184 1.08 -4.50 24.45
CA THR C 184 0.76 -4.66 23.04
C THR C 184 1.60 -3.73 22.17
N ALA C 185 1.93 -2.53 22.68
CA ALA C 185 2.76 -1.63 21.89
C ALA C 185 4.12 -2.26 21.54
N ARG C 186 4.68 -3.04 22.47
CA ARG C 186 5.94 -3.72 22.17
C ARG C 186 5.80 -4.73 21.04
N LEU C 187 4.61 -5.33 20.90
CA LEU C 187 4.38 -6.30 19.84
C LEU C 187 4.06 -5.64 18.50
N PHE C 188 3.22 -4.59 18.54
CA PHE C 188 2.66 -3.96 17.34
C PHE C 188 3.62 -2.92 16.78
N ARG C 189 4.49 -2.35 17.61
CA ARG C 189 5.44 -1.32 17.17
C ARG C 189 4.78 -0.11 16.50
N PRO C 190 3.96 0.65 17.21
CA PRO C 190 3.33 1.81 16.57
C PRO C 190 4.33 2.91 16.37
N ARG C 191 4.14 3.68 15.31
CA ARG C 191 4.92 4.89 15.11
C ARG C 191 4.32 6.09 15.83
N LEU C 192 3.06 6.02 16.21
CA LEU C 192 2.38 7.11 16.91
C LEU C 192 1.26 6.52 17.75
N ILE C 193 1.12 7.04 18.97
CA ILE C 193 0.07 6.66 19.91
C ILE C 193 -0.74 7.90 20.24
N ILE C 194 -2.07 7.77 20.25
CA ILE C 194 -2.96 8.90 20.57
C ILE C 194 -3.46 8.76 22.00
N ALA C 195 -3.29 9.82 22.79
CA ALA C 195 -3.80 9.92 24.14
C ALA C 195 -4.91 10.97 24.09
N GLY C 196 -6.15 10.55 24.16
CA GLY C 196 -7.27 11.47 24.14
C GLY C 196 -8.53 10.72 23.83
N THR C 197 -9.66 11.30 24.25
CA THR C 197 -10.92 10.55 24.30
C THR C 197 -12.08 11.42 23.88
N SER C 198 -13.10 10.74 23.38
CA SER C 198 -14.42 11.32 23.25
C SER C 198 -15.31 11.08 24.45
N ALA C 199 -15.19 9.92 25.13
CA ALA C 199 -16.08 9.55 26.24
C ALA C 199 -15.27 8.84 27.32
N TYR C 200 -14.61 9.65 28.16
CA TYR C 200 -13.85 9.14 29.30
C TYR C 200 -13.92 10.21 30.38
N ALA C 201 -14.27 9.80 31.60
CA ALA C 201 -14.55 10.74 32.67
C ALA C 201 -13.38 10.97 33.61
N ARG C 202 -12.25 10.34 33.35
CA ARG C 202 -11.09 10.45 34.23
C ARG C 202 -9.95 11.13 33.51
N LEU C 203 -8.95 11.53 34.30
CA LEU C 203 -7.75 12.17 33.75
C LEU C 203 -6.81 11.15 33.15
N ILE C 204 -6.23 11.48 31.99
CA ILE C 204 -5.30 10.56 31.32
C ILE C 204 -3.93 10.70 31.93
N ASP C 205 -3.24 9.57 32.12
CA ASP C 205 -1.89 9.57 32.67
C ASP C 205 -0.88 9.86 31.55
N TYR C 206 -0.72 11.15 31.23
CA TYR C 206 0.12 11.53 30.11
C TYR C 206 1.59 11.16 30.35
N ALA C 207 2.03 11.15 31.61
CA ALA C 207 3.39 10.72 31.93
C ALA C 207 3.61 9.25 31.58
N ARG C 208 2.62 8.39 31.86
CA ARG C 208 2.74 6.98 31.52
C ARG C 208 2.72 6.79 30.01
N MET C 209 1.82 7.50 29.32
CA MET C 209 1.80 7.44 27.86
C MET C 209 3.16 7.82 27.30
N ARG C 210 3.76 8.88 27.85
CA ARG C 210 5.09 9.29 27.44
C ARG C 210 6.11 8.18 27.66
N GLU C 211 6.03 7.49 28.80
CA GLU C 211 6.95 6.39 29.05
C GLU C 211 6.83 5.32 27.98
N VAL C 212 5.60 4.93 27.62
CA VAL C 212 5.41 3.91 26.60
C VAL C 212 5.98 4.40 25.27
N CYS C 213 5.67 5.64 24.92
CA CYS C 213 6.10 6.16 23.63
C CYS C 213 7.62 6.22 23.57
N ASP C 214 8.26 6.57 24.69
CA ASP C 214 9.71 6.62 24.71
C ASP C 214 10.31 5.22 24.54
N GLU C 215 9.69 4.22 25.17
CA GLU C 215 10.20 2.87 25.09
C GLU C 215 10.17 2.36 23.66
N VAL C 216 9.01 2.47 23.00
CA VAL C 216 8.82 1.92 21.65
C VAL C 216 9.14 2.91 20.53
N LYS C 217 9.62 4.11 20.87
CA LYS C 217 9.99 5.14 19.87
C LYS C 217 8.81 5.53 18.98
N ALA C 218 7.69 5.87 19.63
CA ALA C 218 6.49 6.38 18.98
C ALA C 218 6.30 7.85 19.33
N HIS C 219 5.75 8.60 18.40
CA HIS C 219 5.27 9.93 18.69
C HIS C 219 4.07 9.87 19.61
N LEU C 220 4.03 10.77 20.60
CA LEU C 220 2.85 10.93 21.45
C LEU C 220 2.02 12.09 20.92
N LEU C 221 0.80 11.79 20.43
CA LEU C 221 -0.20 12.81 20.11
C LEU C 221 -1.25 12.86 21.21
N ALA C 222 -1.45 14.02 21.79
CA ALA C 222 -2.59 14.25 22.67
C ALA C 222 -3.70 14.92 21.88
N ASP C 223 -4.84 14.27 21.79
CA ASP C 223 -6.04 14.86 21.20
C ASP C 223 -6.93 15.29 22.35
N MET C 224 -6.84 16.56 22.70
CA MET C 224 -7.47 17.08 23.90
C MET C 224 -8.81 17.74 23.60
N ALA C 225 -9.41 17.45 22.44
CA ALA C 225 -10.62 18.15 22.01
C ALA C 225 -11.63 18.36 23.15
N HIS C 226 -11.99 17.29 23.86
CA HIS C 226 -13.04 17.42 24.85
C HIS C 226 -12.63 18.29 26.03
N ILE C 227 -11.37 18.18 26.44
CA ILE C 227 -10.89 18.81 27.67
C ILE C 227 -10.18 20.13 27.41
N SER C 228 -10.11 20.59 26.16
CA SER C 228 -9.32 21.77 25.80
C SER C 228 -9.63 22.98 26.69
N GLY C 229 -10.91 23.29 26.93
CA GLY C 229 -11.23 24.44 27.77
C GLY C 229 -10.76 24.28 29.20
N LEU C 230 -10.82 23.06 29.73
CA LEU C 230 -10.36 22.79 31.09
C LEU C 230 -8.85 22.95 31.18
N VAL C 231 -8.14 22.54 30.15
CA VAL C 231 -6.69 22.68 30.16
C VAL C 231 -6.29 24.15 30.10
N ALA C 232 -6.93 24.92 29.19
CA ALA C 232 -6.61 26.34 29.08
C ALA C 232 -6.85 27.05 30.41
N ALA C 233 -7.90 26.63 31.13
CA ALA C 233 -8.28 27.23 32.39
C ALA C 233 -7.42 26.76 33.56
N LYS C 234 -6.58 25.75 33.32
CA LYS C 234 -5.64 25.20 34.31
C LYS C 234 -6.38 24.55 35.47
N VAL C 235 -7.59 24.03 35.20
CA VAL C 235 -8.33 23.35 36.24
C VAL C 235 -8.11 21.84 36.21
N ILE C 236 -7.44 21.32 35.19
CA ILE C 236 -6.91 19.96 35.19
C ILE C 236 -5.49 20.00 34.61
N PRO C 237 -4.73 18.94 34.83
CA PRO C 237 -3.35 18.94 34.30
C PRO C 237 -3.27 18.99 32.78
N SER C 238 -2.12 19.47 32.30
CA SER C 238 -2.01 19.76 30.87
C SER C 238 -1.24 18.69 30.12
N PRO C 239 -1.75 18.29 28.95
CA PRO C 239 -1.01 17.32 28.13
C PRO C 239 0.25 17.91 27.51
N PHE C 240 0.33 19.24 27.40
CA PHE C 240 1.51 19.86 26.81
C PHE C 240 2.77 19.57 27.62
N LYS C 241 2.64 19.13 28.88
CA LYS C 241 3.83 18.78 29.65
C LYS C 241 4.54 17.56 29.06
N HIS C 242 3.81 16.69 28.41
CA HIS C 242 4.36 15.41 27.98
C HIS C 242 4.19 15.07 26.51
N ALA C 243 3.30 15.74 25.77
CA ALA C 243 3.03 15.41 24.39
C ALA C 243 4.01 16.07 23.39
N ASP C 244 4.23 15.38 22.26
CA ASP C 244 4.95 15.96 21.12
C ASP C 244 4.06 16.90 20.32
N ILE C 245 2.82 16.47 20.10
CA ILE C 245 1.84 17.16 19.26
C ILE C 245 0.56 17.13 20.08
N VAL C 246 -0.24 18.21 19.99
CA VAL C 246 -1.54 18.27 20.62
C VAL C 246 -2.54 18.78 19.59
N THR C 247 -3.59 18.03 19.34
CA THR C 247 -4.70 18.54 18.54
C THR C 247 -5.90 18.85 19.40
N THR C 248 -6.80 19.66 18.84
CA THR C 248 -8.06 19.97 19.49
C THR C 248 -9.04 20.58 18.51
N THR C 249 -10.31 20.50 18.86
CA THR C 249 -11.33 21.33 18.27
C THR C 249 -11.46 22.60 19.10
N THR C 250 -12.18 23.58 18.54
CA THR C 250 -12.37 24.87 19.19
C THR C 250 -13.79 25.09 19.64
N HIS C 251 -14.68 24.11 19.43
CA HIS C 251 -16.12 24.25 19.63
C HIS C 251 -16.69 23.46 20.80
N LYS C 252 -15.86 22.79 21.60
CA LYS C 252 -16.38 22.01 22.71
C LYS C 252 -16.21 22.87 23.96
N THR C 253 -15.32 22.49 24.87
CA THR C 253 -15.12 23.25 26.10
C THR C 253 -14.44 24.60 25.87
N LEU C 254 -13.83 24.83 24.71
CA LEU C 254 -13.31 26.16 24.39
C LEU C 254 -14.38 27.12 23.90
N ARG C 255 -15.57 26.63 23.57
CA ARG C 255 -16.73 27.49 23.40
C ARG C 255 -16.58 28.44 22.23
N GLY C 256 -15.85 28.02 21.19
CA GLY C 256 -15.67 28.79 19.98
C GLY C 256 -16.47 28.27 18.80
N ALA C 257 -16.11 28.78 17.62
CA ALA C 257 -16.68 28.34 16.37
C ALA C 257 -16.08 26.99 16.02
N ARG C 258 -16.71 26.29 15.08
CA ARG C 258 -16.26 24.97 14.68
C ARG C 258 -14.96 25.07 13.88
N SER C 259 -13.89 24.50 14.40
CA SER C 259 -12.58 24.58 13.74
C SER C 259 -11.66 23.60 14.45
N GLY C 260 -10.42 23.51 13.98
CA GLY C 260 -9.42 22.67 14.62
C GLY C 260 -8.12 23.43 14.81
N LEU C 261 -7.27 22.88 15.68
CA LEU C 261 -5.91 23.42 15.90
C LEU C 261 -4.91 22.27 16.05
N ILE C 262 -3.68 22.48 15.57
CA ILE C 262 -2.58 21.53 15.76
C ILE C 262 -1.43 22.28 16.42
N PHE C 263 -1.06 21.87 17.64
CA PHE C 263 0.10 22.43 18.31
C PHE C 263 1.25 21.45 18.20
N TYR C 264 2.48 21.96 18.12
CA TYR C 264 3.62 21.08 17.90
C TYR C 264 4.82 21.67 18.59
N ARG C 265 5.68 20.79 19.10
CA ARG C 265 6.94 21.22 19.66
C ARG C 265 7.85 21.76 18.57
N LYS C 266 8.75 22.64 18.99
CA LYS C 266 9.77 23.23 18.13
C LYS C 266 10.92 23.64 19.02
N GLY C 267 12.03 24.04 18.37
CA GLY C 267 13.25 24.35 19.09
C GLY C 267 14.06 23.09 19.35
N VAL C 268 14.87 23.12 20.41
CA VAL C 268 15.82 22.04 20.71
C VAL C 268 15.07 20.95 21.46
N LYS C 269 15.43 19.69 21.19
CA LYS C 269 14.92 18.55 21.94
C LYS C 269 16.09 17.80 22.61
N PRO C 280 17.36 19.31 17.04
CA PRO C 280 16.15 20.13 16.94
C PRO C 280 14.91 19.33 16.56
N TYR C 281 13.74 19.75 17.03
CA TYR C 281 12.50 19.14 16.58
C TYR C 281 12.29 19.41 15.09
N THR C 282 11.58 18.51 14.42
CA THR C 282 11.35 18.61 12.99
C THR C 282 9.88 18.43 12.66
N PHE C 283 9.00 18.90 13.55
CA PHE C 283 7.57 18.76 13.35
C PHE C 283 6.98 19.88 12.50
N GLU C 284 7.47 21.10 12.72
CA GLU C 284 6.81 22.31 12.24
C GLU C 284 6.62 22.30 10.74
N ASP C 285 7.71 22.14 9.99
CA ASP C 285 7.59 22.19 8.54
C ASP C 285 6.68 21.06 8.02
N ARG C 286 6.76 19.88 8.63
CA ARG C 286 5.96 18.76 8.13
C ARG C 286 4.50 18.96 8.41
N ILE C 287 4.17 19.41 9.63
CA ILE C 287 2.78 19.68 10.00
C ILE C 287 2.19 20.73 9.09
N ASN C 288 2.87 21.86 8.92
CA ASN C 288 2.31 22.95 8.13
C ASN C 288 2.15 22.52 6.66
N PHE C 289 3.09 21.74 6.15
CA PHE C 289 3.02 21.28 4.77
C PHE C 289 1.84 20.33 4.58
N ALA C 290 1.59 19.48 5.57
CA ALA C 290 0.50 18.52 5.48
C ALA C 290 -0.85 19.22 5.41
N VAL C 291 -1.06 20.23 6.25
CA VAL C 291 -2.32 20.95 6.20
C VAL C 291 -2.46 21.62 4.85
N PHE C 292 -1.41 22.29 4.40
CA PHE C 292 -1.38 22.96 3.10
C PHE C 292 0.06 22.95 2.56
N PRO C 293 0.30 22.46 1.32
CA PRO C 293 -0.65 22.07 0.28
C PRO C 293 -1.17 20.63 0.30
N SER C 294 -0.82 19.75 1.23
CA SER C 294 -1.16 18.34 1.06
C SER C 294 -2.66 18.08 1.17
N LEU C 295 -3.28 18.56 2.24
CA LEU C 295 -4.65 18.15 2.55
C LEU C 295 -5.69 19.20 2.24
N GLN C 296 -5.47 20.43 2.66
CA GLN C 296 -6.50 21.47 2.60
C GLN C 296 -6.23 22.42 1.46
N GLY C 297 -7.24 23.23 1.15
CA GLY C 297 -7.15 24.32 0.21
C GLY C 297 -7.01 25.65 0.91
N GLY C 298 -7.76 26.66 0.48
CA GLY C 298 -7.77 27.94 1.14
C GLY C 298 -8.28 27.85 2.57
N PRO C 299 -7.62 28.57 3.51
CA PRO C 299 -8.12 28.64 4.88
C PRO C 299 -9.51 29.24 4.96
N HIS C 300 -10.19 28.98 6.05
CA HIS C 300 -11.49 29.60 6.29
C HIS C 300 -11.26 30.76 7.26
N ASN C 301 -10.95 31.94 6.70
CA ASN C 301 -10.46 33.03 7.53
C ASN C 301 -11.53 33.52 8.51
N HIS C 302 -12.80 33.46 8.11
CA HIS C 302 -13.88 33.78 9.04
C HIS C 302 -13.84 32.86 10.27
N ALA C 303 -13.51 31.59 10.08
CA ALA C 303 -13.41 30.66 11.20
C ALA C 303 -12.19 30.96 12.06
N ILE C 304 -11.04 31.22 11.43
CA ILE C 304 -9.84 31.59 12.18
C ILE C 304 -10.11 32.81 13.07
N ALA C 305 -10.76 33.83 12.52
CA ALA C 305 -11.04 35.02 13.31
C ALA C 305 -11.94 34.70 14.49
N ALA C 306 -13.01 33.93 14.23
CA ALA C 306 -13.94 33.57 15.30
C ALA C 306 -13.23 32.78 16.40
N VAL C 307 -12.35 31.85 16.01
CA VAL C 307 -11.54 31.10 16.96
C VAL C 307 -10.67 32.06 17.78
N ALA C 308 -10.08 33.06 17.11
CA ALA C 308 -9.22 34.00 17.85
C ALA C 308 -10.03 34.76 18.91
N VAL C 309 -11.28 35.11 18.58
CA VAL C 309 -12.18 35.76 19.53
C VAL C 309 -12.42 34.86 20.73
N ALA C 310 -12.69 33.59 20.48
CA ALA C 310 -12.95 32.66 21.58
C ALA C 310 -11.68 32.41 22.41
N LEU C 311 -10.53 32.32 21.74
CA LEU C 311 -9.28 32.09 22.47
C LEU C 311 -8.99 33.25 23.42
N LYS C 312 -9.26 34.48 23.01
CA LYS C 312 -9.05 35.59 23.92
C LYS C 312 -9.97 35.49 25.13
N GLN C 313 -11.24 35.11 24.92
CA GLN C 313 -12.15 34.87 26.03
C GLN C 313 -11.59 33.81 26.97
N ALA C 314 -10.91 32.80 26.40
CA ALA C 314 -10.43 31.66 27.18
C ALA C 314 -9.28 32.02 28.11
N CYS C 315 -8.59 33.14 27.88
CA CYS C 315 -7.50 33.59 28.74
C CYS C 315 -7.96 34.40 29.95
N THR C 316 -9.29 34.58 30.15
CA THR C 316 -9.72 35.53 31.17
C THR C 316 -10.02 34.83 32.48
N PRO C 317 -10.05 35.59 33.59
CA PRO C 317 -10.55 35.02 34.84
C PRO C 317 -11.97 34.50 34.72
N MET C 318 -12.80 35.16 33.89
CA MET C 318 -14.15 34.68 33.64
C MET C 318 -14.14 33.23 33.18
N PHE C 319 -13.22 32.90 32.29
CA PHE C 319 -13.26 31.57 31.71
C PHE C 319 -12.73 30.53 32.70
N ARG C 320 -11.80 30.92 33.57
CA ARG C 320 -11.38 29.99 34.62
C ARG C 320 -12.52 29.70 35.59
N GLU C 321 -13.27 30.74 35.99
CA GLU C 321 -14.44 30.50 36.82
C GLU C 321 -15.45 29.61 36.10
N TYR C 322 -15.71 29.87 34.81
CA TYR C 322 -16.60 29.01 34.04
C TYR C 322 -16.15 27.55 34.09
N SER C 323 -14.85 27.32 33.90
CA SER C 323 -14.32 25.97 33.81
C SER C 323 -14.34 25.27 35.16
N LEU C 324 -14.05 26.01 36.24
CA LEU C 324 -14.21 25.45 37.58
C LEU C 324 -15.67 25.06 37.82
N GLN C 325 -16.60 25.87 37.32
CA GLN C 325 -18.02 25.56 37.49
C GLN C 325 -18.43 24.33 36.68
N VAL C 326 -17.85 24.16 35.47
CA VAL C 326 -18.11 22.95 34.67
C VAL C 326 -17.75 21.70 35.46
N LEU C 327 -16.55 21.71 36.09
CA LEU C 327 -16.13 20.61 36.95
C LEU C 327 -17.10 20.40 38.10
N LYS C 328 -17.47 21.45 38.82
CA LYS C 328 -18.36 21.27 39.93
C LYS C 328 -19.72 20.76 39.46
N ASN C 329 -20.18 21.22 38.30
CA ASN C 329 -21.51 20.81 37.82
C ASN C 329 -21.50 19.35 37.41
N ALA C 330 -20.46 18.91 36.71
CA ALA C 330 -20.34 17.50 36.39
C ALA C 330 -20.31 16.65 37.66
N ARG C 331 -19.61 17.11 38.70
CA ARG C 331 -19.55 16.35 39.95
C ARG C 331 -20.90 16.30 40.62
N ALA C 332 -21.60 17.43 40.62
CA ALA C 332 -22.93 17.48 41.20
C ALA C 332 -23.88 16.55 40.48
N MET C 333 -23.81 16.53 39.13
CA MET C 333 -24.67 15.63 38.36
C MET C 333 -24.31 14.17 38.65
N ALA C 334 -23.02 13.86 38.75
CA ALA C 334 -22.59 12.51 39.10
C ALA C 334 -23.13 12.09 40.46
N ASP C 335 -22.95 12.96 41.47
CA ASP C 335 -23.37 12.62 42.82
C ASP C 335 -24.88 12.41 42.89
N ALA C 336 -25.65 13.22 42.13
CA ALA C 336 -27.12 13.05 42.11
C ALA C 336 -27.52 11.73 41.48
N LEU C 337 -26.91 11.35 40.37
CA LEU C 337 -27.21 10.05 39.76
C LEU C 337 -26.89 8.90 40.70
N LEU C 338 -25.74 8.97 41.39
CA LEU C 338 -25.41 7.91 42.35
C LEU C 338 -26.45 7.83 43.46
N GLU C 339 -26.92 8.98 43.96
CA GLU C 339 -27.95 9.01 44.99
C GLU C 339 -29.25 8.37 44.51
N ARG C 340 -29.55 8.42 43.22
CA ARG C 340 -30.75 7.83 42.68
C ARG C 340 -30.54 6.40 42.21
N GLY C 341 -29.39 5.80 42.53
CA GLY C 341 -29.16 4.41 42.24
C GLY C 341 -28.66 4.14 40.85
N TYR C 342 -28.17 5.15 40.16
CA TYR C 342 -27.45 4.94 38.91
C TYR C 342 -26.03 4.51 39.21
N SER C 343 -25.46 3.76 38.28
CA SER C 343 -24.04 3.43 38.31
C SER C 343 -23.30 4.28 37.31
N LEU C 344 -22.05 4.59 37.61
CA LEU C 344 -21.20 5.43 36.77
C LEU C 344 -19.97 4.62 36.37
N VAL C 345 -19.65 4.65 35.08
CA VAL C 345 -18.44 3.99 34.60
C VAL C 345 -17.23 4.71 35.19
N SER C 346 -16.34 3.94 35.81
CA SER C 346 -15.19 4.40 36.61
C SER C 346 -15.62 5.05 37.92
N GLY C 347 -16.92 5.02 38.25
CA GLY C 347 -17.38 5.41 39.57
C GLY C 347 -17.54 6.90 39.84
N GLY C 348 -17.33 7.76 38.85
CA GLY C 348 -17.37 9.20 39.09
C GLY C 348 -16.75 9.94 37.92
N THR C 349 -16.44 11.23 38.14
CA THR C 349 -15.80 12.05 37.12
C THR C 349 -14.75 12.94 37.75
N ASP C 350 -13.74 13.30 36.93
CA ASP C 350 -12.70 14.31 37.23
C ASP C 350 -12.69 15.37 36.11
N ASN C 351 -13.70 15.37 35.24
CA ASN C 351 -13.73 16.32 34.10
C ASN C 351 -15.16 16.84 33.86
N HIS C 352 -15.51 17.20 32.64
CA HIS C 352 -16.76 17.84 32.28
C HIS C 352 -17.91 16.89 32.01
N LEU C 353 -17.68 15.57 32.02
CA LEU C 353 -18.73 14.65 31.62
C LEU C 353 -18.90 13.52 32.63
N VAL C 354 -20.01 12.81 32.49
CA VAL C 354 -20.34 11.66 33.33
C VAL C 354 -20.76 10.54 32.40
N LEU C 355 -20.27 9.33 32.66
CA LEU C 355 -20.69 8.16 31.91
C LEU C 355 -21.60 7.33 32.78
N VAL C 356 -22.89 7.28 32.44
CA VAL C 356 -23.89 6.59 33.23
C VAL C 356 -24.11 5.18 32.69
N ASP C 357 -24.10 4.21 33.58
CA ASP C 357 -24.42 2.83 33.24
C ASP C 357 -25.85 2.56 33.68
N LEU C 358 -26.78 2.49 32.71
CA LEU C 358 -28.18 2.22 32.99
C LEU C 358 -28.50 0.73 33.12
N ARG C 359 -27.54 -0.16 32.83
CA ARG C 359 -27.83 -1.59 32.81
C ARG C 359 -28.47 -2.08 34.10
N PRO C 360 -27.94 -1.76 35.28
CA PRO C 360 -28.62 -2.23 36.50
C PRO C 360 -30.05 -1.73 36.60
N LYS C 361 -30.26 -0.46 36.30
CA LYS C 361 -31.58 0.15 36.31
C LYS C 361 -32.58 -0.56 35.39
N GLY C 362 -32.10 -1.39 34.47
CA GLY C 362 -32.95 -2.14 33.58
C GLY C 362 -33.33 -1.44 32.29
N LEU C 363 -32.63 -0.36 31.92
CA LEU C 363 -32.89 0.36 30.68
C LEU C 363 -31.56 0.60 29.97
N ASP C 364 -31.55 0.47 28.65
CA ASP C 364 -30.34 0.69 27.89
C ASP C 364 -30.28 2.13 27.36
N GLY C 365 -29.10 2.52 26.88
CA GLY C 365 -28.88 3.89 26.43
C GLY C 365 -29.65 4.26 25.18
N ALA C 366 -29.93 3.29 24.31
CA ALA C 366 -30.68 3.59 23.10
C ALA C 366 -32.11 3.98 23.46
N ARG C 367 -32.71 3.20 24.34
CA ARG C 367 -34.06 3.51 24.81
C ARG C 367 -34.07 4.81 25.58
N ALA C 368 -33.13 4.97 26.52
CA ALA C 368 -33.13 6.16 27.37
C ALA C 368 -32.86 7.44 26.58
N GLU C 369 -31.94 7.39 25.61
CA GLU C 369 -31.63 8.58 24.81
C GLU C 369 -32.90 9.08 24.10
N ARG C 370 -33.69 8.16 23.56
CA ARG C 370 -34.86 8.58 22.80
C ARG C 370 -35.96 9.16 23.71
N VAL C 371 -36.22 8.53 24.87
CA VAL C 371 -37.21 9.10 25.79
C VAL C 371 -36.78 10.49 26.21
N LEU C 372 -35.52 10.62 26.57
CA LEU C 372 -35.03 11.93 26.99
C LEU C 372 -35.17 12.94 25.86
N GLU C 373 -34.82 12.55 24.62
CA GLU C 373 -34.95 13.49 23.50
C GLU C 373 -36.37 14.02 23.39
N LEU C 374 -37.37 13.16 23.57
CA LEU C 374 -38.76 13.56 23.43
C LEU C 374 -39.24 14.46 24.56
N VAL C 375 -38.48 14.61 25.65
CA VAL C 375 -38.79 15.59 26.69
C VAL C 375 -37.76 16.73 26.68
N SER C 376 -37.07 16.90 25.55
CA SER C 376 -36.19 18.05 25.32
C SER C 376 -34.93 17.98 26.16
N ILE C 377 -34.51 16.77 26.48
CA ILE C 377 -33.23 16.53 27.17
C ILE C 377 -32.35 15.78 26.19
N THR C 378 -31.25 16.41 25.71
CA THR C 378 -30.43 15.84 24.65
C THR C 378 -29.18 15.22 25.26
N ALA C 379 -29.03 13.92 25.11
CA ALA C 379 -27.82 13.23 25.50
C ALA C 379 -27.48 12.28 24.38
N ASN C 380 -26.49 11.42 24.60
CA ASN C 380 -26.25 10.38 23.61
C ASN C 380 -25.94 9.06 24.30
N LYS C 381 -26.38 7.99 23.65
CA LYS C 381 -26.07 6.65 24.13
C LYS C 381 -24.57 6.42 24.16
N ASN C 382 -24.15 5.53 25.05
CA ASN C 382 -22.74 5.28 25.29
C ASN C 382 -22.56 3.83 25.68
N THR C 383 -21.61 3.15 25.03
CA THR C 383 -21.28 1.78 25.36
C THR C 383 -20.70 1.70 26.76
N CYS C 384 -21.02 0.63 27.47
CA CYS C 384 -20.44 0.41 28.78
C CYS C 384 -19.68 -0.91 28.81
N PRO C 385 -18.58 -0.98 29.56
CA PRO C 385 -17.84 -2.25 29.65
C PRO C 385 -18.72 -3.43 29.99
N GLY C 386 -19.76 -3.23 30.79
CA GLY C 386 -20.64 -4.32 31.17
C GLY C 386 -21.67 -4.69 30.11
N ASP C 387 -21.45 -4.28 28.87
CA ASP C 387 -22.47 -4.48 27.85
C ASP C 387 -22.42 -5.90 27.33
N ARG C 388 -23.60 -6.48 27.16
CA ARG C 388 -23.74 -7.84 26.67
C ARG C 388 -24.19 -7.89 25.21
N SER C 389 -24.59 -6.76 24.64
CA SER C 389 -25.04 -6.66 23.25
C SER C 389 -24.26 -5.51 22.64
N ALA C 390 -23.23 -5.84 21.84
CA ALA C 390 -22.42 -4.81 21.18
C ALA C 390 -23.27 -3.86 20.33
N ILE C 391 -24.54 -4.21 20.11
CA ILE C 391 -25.39 -3.39 19.25
C ILE C 391 -26.23 -2.36 20.04
N THR C 392 -26.57 -2.63 21.30
CA THR C 392 -27.44 -1.74 22.08
C THR C 392 -26.69 -1.23 23.31
N PRO C 393 -26.18 0.00 23.27
CA PRO C 393 -25.36 0.49 24.39
C PRO C 393 -26.15 0.48 25.69
N GLY C 394 -25.45 0.23 26.78
CA GLY C 394 -26.07 0.22 28.09
C GLY C 394 -26.02 1.52 28.86
N GLY C 395 -25.47 2.60 28.30
CA GLY C 395 -25.18 3.79 29.07
C GLY C 395 -25.58 5.07 28.34
N LEU C 396 -25.31 6.19 29.00
CA LEU C 396 -25.43 7.52 28.45
C LEU C 396 -24.19 8.31 28.78
N ARG C 397 -23.83 9.24 27.88
CA ARG C 397 -22.82 10.26 28.11
C ARG C 397 -23.53 11.58 28.32
N LEU C 398 -23.24 12.23 29.45
CA LEU C 398 -23.86 13.49 29.86
C LEU C 398 -22.76 14.51 30.12
N GLY C 399 -22.94 15.72 29.60
CA GLY C 399 -21.93 16.76 29.74
C GLY C 399 -22.46 18.03 30.37
N ALA C 400 -21.60 18.72 31.13
CA ALA C 400 -21.94 19.99 31.76
C ALA C 400 -21.54 21.28 31.03
N PRO C 401 -20.68 21.26 30.01
CA PRO C 401 -20.26 22.56 29.42
C PRO C 401 -21.41 23.44 28.92
N ALA C 402 -22.37 22.90 28.14
CA ALA C 402 -23.36 23.77 27.51
C ALA C 402 -24.23 24.47 28.55
N LEU C 403 -24.79 23.72 29.49
CA LEU C 403 -25.72 24.34 30.43
C LEU C 403 -24.98 25.21 31.43
N THR C 404 -23.71 24.87 31.70
CA THR C 404 -22.91 25.76 32.52
C THR C 404 -22.75 27.12 31.83
N SER C 405 -22.70 27.15 30.49
CA SER C 405 -22.61 28.41 29.76
C SER C 405 -23.86 29.27 29.88
N ARG C 406 -24.99 28.68 30.31
CA ARG C 406 -26.22 29.41 30.59
C ARG C 406 -26.38 29.68 32.08
N GLN C 407 -25.30 29.58 32.86
CA GLN C 407 -25.28 29.95 34.28
C GLN C 407 -25.97 28.92 35.18
N PHE C 408 -26.13 27.67 34.71
CA PHE C 408 -26.57 26.60 35.60
C PHE C 408 -25.52 26.44 36.70
N ARG C 409 -25.98 26.15 37.92
CA ARG C 409 -25.12 25.85 39.06
C ARG C 409 -25.42 24.42 39.53
N GLU C 410 -24.80 24.02 40.66
CA GLU C 410 -24.92 22.62 41.09
C GLU C 410 -26.37 22.24 41.35
N ASP C 411 -27.13 23.11 42.03
CA ASP C 411 -28.53 22.79 42.31
C ASP C 411 -29.34 22.62 41.02
N ASP C 412 -29.01 23.38 39.98
CA ASP C 412 -29.74 23.25 38.71
C ASP C 412 -29.47 21.89 38.07
N PHE C 413 -28.23 21.42 38.16
CA PHE C 413 -27.88 20.09 37.69
C PHE C 413 -28.51 18.99 38.52
N ARG C 414 -28.73 19.22 39.81
CA ARG C 414 -29.52 18.26 40.55
C ARG C 414 -30.95 18.18 39.98
N ARG C 415 -31.52 19.33 39.62
CA ARG C 415 -32.87 19.31 39.06
C ARG C 415 -32.89 18.64 37.70
N VAL C 416 -31.84 18.84 36.91
CA VAL C 416 -31.67 18.11 35.66
C VAL C 416 -31.75 16.61 35.92
N VAL C 417 -31.05 16.12 36.95
CA VAL C 417 -31.02 14.68 37.20
C VAL C 417 -32.40 14.16 37.59
N ASP C 418 -33.17 14.94 38.37
CA ASP C 418 -34.52 14.52 38.72
C ASP C 418 -35.42 14.41 37.47
N PHE C 419 -35.26 15.32 36.50
CA PHE C 419 -35.98 15.20 35.24
C PHE C 419 -35.55 13.95 34.46
N ILE C 420 -34.24 13.69 34.37
CA ILE C 420 -33.75 12.47 33.72
C ILE C 420 -34.42 11.25 34.33
N ASP C 421 -34.46 11.21 35.66
CA ASP C 421 -34.99 10.04 36.35
C ASP C 421 -36.47 9.86 36.06
N GLU C 422 -37.21 10.96 35.95
CA GLU C 422 -38.62 10.87 35.53
C GLU C 422 -38.72 10.24 34.15
N GLY C 423 -37.83 10.63 33.24
CA GLY C 423 -37.84 10.07 31.89
C GLY C 423 -37.44 8.61 31.87
N VAL C 424 -36.38 8.25 32.61
CA VAL C 424 -35.97 6.85 32.70
C VAL C 424 -37.12 5.98 33.20
N ASN C 425 -37.90 6.48 34.18
CA ASN C 425 -39.01 5.68 34.69
C ASN C 425 -40.11 5.51 33.66
N ILE C 426 -40.37 6.53 32.84
CA ILE C 426 -41.25 6.36 31.70
C ILE C 426 -40.72 5.28 30.78
N GLY C 427 -39.44 5.36 30.46
CA GLY C 427 -38.86 4.36 29.60
C GLY C 427 -39.08 2.97 30.13
N LEU C 428 -38.96 2.80 31.45
CA LEU C 428 -39.10 1.46 32.02
C LEU C 428 -40.52 0.94 31.84
N GLU C 429 -41.53 1.80 32.04
CA GLU C 429 -42.91 1.41 31.79
C GLU C 429 -43.10 0.99 30.33
N VAL C 430 -42.55 1.75 29.38
CA VAL C 430 -42.72 1.43 27.98
C VAL C 430 -41.98 0.14 27.62
N LYS C 431 -40.81 -0.09 28.23
CA LYS C 431 -40.09 -1.35 28.01
C LYS C 431 -40.94 -2.54 28.42
N SER C 432 -41.63 -2.44 29.56
CA SER C 432 -42.51 -3.52 30.01
C SER C 432 -43.64 -3.80 29.03
N LYS C 433 -43.96 -2.86 28.13
CA LYS C 433 -45.10 -2.99 27.24
C LYS C 433 -44.72 -3.25 25.79
N THR C 434 -43.43 -3.26 25.46
CA THR C 434 -42.97 -3.41 24.09
C THR C 434 -41.82 -4.43 24.04
N ALA C 435 -41.52 -4.87 22.82
CA ALA C 435 -40.58 -5.95 22.61
C ALA C 435 -39.23 -5.43 22.11
N LYS C 436 -39.15 -5.04 20.85
CA LYS C 436 -37.89 -4.63 20.26
C LYS C 436 -37.68 -3.12 20.40
N LEU C 437 -36.48 -2.66 20.05
CA LEU C 437 -36.18 -1.24 20.16
C LEU C 437 -37.15 -0.41 19.33
N GLN C 438 -37.31 -0.77 18.06
CA GLN C 438 -38.21 -0.02 17.20
C GLN C 438 -39.62 0.01 17.78
N ASP C 439 -40.04 -1.09 18.41
CA ASP C 439 -41.35 -1.10 19.07
C ASP C 439 -41.37 -0.07 20.19
N PHE C 440 -40.33 -0.08 21.02
CA PHE C 440 -40.20 0.89 22.11
C PHE C 440 -40.34 2.30 21.58
N LYS C 441 -39.58 2.64 20.54
CA LYS C 441 -39.56 4.01 20.06
C LYS C 441 -40.91 4.44 19.49
N SER C 442 -41.54 3.56 18.70
CA SER C 442 -42.83 3.92 18.12
C SER C 442 -43.91 4.09 19.19
N PHE C 443 -43.84 3.29 20.26
CA PHE C 443 -44.80 3.40 21.35
C PHE C 443 -44.73 4.78 22.02
N LEU C 444 -43.51 5.30 22.23
CA LEU C 444 -43.34 6.63 22.78
C LEU C 444 -44.08 7.68 21.97
N LEU C 445 -44.11 7.52 20.65
CA LEU C 445 -44.72 8.53 19.81
C LEU C 445 -46.23 8.42 19.80
N LYS C 446 -46.75 7.19 19.67
CA LYS C 446 -48.12 7.00 19.25
C LYS C 446 -49.03 6.48 20.34
N ASP C 447 -48.51 5.98 21.45
CA ASP C 447 -49.40 5.60 22.54
C ASP C 447 -49.91 6.85 23.26
N SER C 448 -51.23 7.09 23.19
CA SER C 448 -51.76 8.36 23.67
C SER C 448 -51.42 8.61 25.14
N GLU C 449 -51.51 7.58 25.97
CA GLU C 449 -51.22 7.75 27.40
C GLU C 449 -49.77 8.13 27.62
N THR C 450 -48.86 7.43 26.94
CA THR C 450 -47.44 7.74 27.05
C THR C 450 -47.15 9.14 26.55
N SER C 451 -47.75 9.53 25.42
CA SER C 451 -47.42 10.83 24.85
C SER C 451 -47.91 11.95 25.76
N GLN C 452 -48.97 11.72 26.54
CA GLN C 452 -49.40 12.74 27.48
C GLN C 452 -48.42 12.92 28.63
N ARG C 453 -47.91 11.81 29.18
CA ARG C 453 -46.93 11.94 30.25
C ARG C 453 -45.66 12.59 29.74
N LEU C 454 -45.26 12.25 28.52
CA LEU C 454 -44.07 12.88 27.93
C LEU C 454 -44.31 14.36 27.71
N ALA C 455 -45.52 14.75 27.27
CA ALA C 455 -45.82 16.16 27.07
C ALA C 455 -45.75 16.94 28.37
N ASN C 456 -46.27 16.37 29.47
CA ASN C 456 -46.22 17.03 30.77
C ASN C 456 -44.78 17.27 31.21
N LEU C 457 -43.92 16.23 31.10
CA LEU C 457 -42.55 16.36 31.56
C LEU C 457 -41.76 17.32 30.67
N ARG C 458 -41.99 17.24 29.36
CA ARG C 458 -41.40 18.16 28.39
C ARG C 458 -41.73 19.61 28.74
N GLN C 459 -42.99 19.90 29.10
CA GLN C 459 -43.33 21.29 29.40
C GLN C 459 -42.57 21.78 30.62
N ARG C 460 -42.45 20.93 31.65
CA ARG C 460 -41.74 21.37 32.85
C ARG C 460 -40.25 21.55 32.56
N VAL C 461 -39.64 20.63 31.80
CA VAL C 461 -38.24 20.76 31.41
C VAL C 461 -38.01 22.07 30.66
N GLU C 462 -38.84 22.33 29.64
CA GLU C 462 -38.64 23.49 28.78
C GLU C 462 -38.84 24.82 29.52
N GLN C 463 -39.85 24.90 30.39
CA GLN C 463 -40.07 26.17 31.06
C GLN C 463 -38.96 26.45 32.06
N PHE C 464 -38.36 25.38 32.59
CA PHE C 464 -37.20 25.52 33.44
C PHE C 464 -36.02 26.05 32.62
N ALA C 465 -35.76 25.43 31.47
CA ALA C 465 -34.61 25.78 30.66
C ALA C 465 -34.73 27.16 30.06
N ARG C 466 -35.93 27.53 29.61
CA ARG C 466 -36.09 28.82 28.91
C ARG C 466 -35.73 30.01 29.79
N ALA C 467 -35.80 29.86 31.12
CA ALA C 467 -35.57 30.98 32.04
C ALA C 467 -34.10 31.33 32.20
N PHE C 468 -33.18 30.51 31.67
CA PHE C 468 -31.75 30.82 31.79
C PHE C 468 -31.22 31.68 30.63
N PRO C 469 -30.18 32.46 30.87
CA PRO C 469 -29.56 33.23 29.78
C PRO C 469 -28.99 32.29 28.74
N MET C 470 -28.79 32.80 27.52
CA MET C 470 -28.26 32.03 26.43
C MET C 470 -27.24 32.85 25.65
N PRO C 471 -26.00 32.38 25.50
CA PRO C 471 -25.06 33.12 24.64
C PRO C 471 -25.54 33.14 23.20
N GLY C 472 -25.10 34.16 22.48
CA GLY C 472 -25.34 34.31 21.05
C GLY C 472 -26.28 35.46 20.75
N PHE C 473 -26.75 35.50 19.51
CA PHE C 473 -27.76 36.46 19.13
C PHE C 473 -29.06 36.17 19.87
N ASP C 474 -29.98 37.15 19.80
CA ASP C 474 -31.25 37.03 20.50
C ASP C 474 -32.11 35.94 19.89
N GLU C 475 -32.17 35.91 18.56
CA GLU C 475 -33.18 35.13 17.86
C GLU C 475 -32.64 34.13 16.86
N HIS C 476 -31.32 34.08 16.63
CA HIS C 476 -30.76 33.15 15.63
C HIS C 476 -29.35 32.75 15.99
N TRP D 15 -20.80 37.40 32.71
CA TRP D 15 -20.54 37.18 31.28
C TRP D 15 -21.75 36.51 30.65
N THR D 16 -22.22 37.10 29.55
CA THR D 16 -23.41 36.59 28.86
C THR D 16 -23.11 35.89 27.56
N GLY D 17 -22.03 36.25 26.88
CA GLY D 17 -21.87 35.80 25.50
C GLY D 17 -22.85 36.43 24.54
N GLN D 18 -23.52 37.50 24.96
CA GLN D 18 -24.40 38.27 24.10
C GLN D 18 -23.83 39.64 23.75
N GLU D 19 -22.60 39.94 24.19
CA GLU D 19 -21.96 41.21 23.89
C GLU D 19 -21.55 41.24 22.42
N SER D 20 -21.42 42.45 21.88
CA SER D 20 -21.03 42.57 20.49
C SER D 20 -19.51 42.46 20.34
N LEU D 21 -19.09 42.13 19.12
CA LEU D 21 -17.66 42.03 18.84
C LEU D 21 -16.97 43.38 19.02
N SER D 22 -17.61 44.47 18.59
CA SER D 22 -16.95 45.78 18.67
C SER D 22 -16.66 46.20 20.11
N ASP D 23 -17.54 45.84 21.06
CA ASP D 23 -17.31 46.17 22.46
C ASP D 23 -16.36 45.19 23.14
N SER D 24 -16.40 43.88 22.82
CA SER D 24 -15.72 42.90 23.64
C SER D 24 -14.32 42.54 23.16
N ASP D 25 -13.99 42.84 21.90
CA ASP D 25 -12.69 42.53 21.32
C ASP D 25 -12.38 43.61 20.30
N PRO D 26 -12.12 44.83 20.75
CA PRO D 26 -11.84 45.93 19.82
C PRO D 26 -10.73 45.63 18.86
N GLU D 27 -9.71 44.86 19.28
CA GLU D 27 -8.59 44.57 18.41
C GLU D 27 -9.04 43.78 17.18
N MET D 28 -9.90 42.79 17.39
CA MET D 28 -10.37 41.98 16.27
C MET D 28 -11.39 42.74 15.44
N TRP D 29 -12.21 43.56 16.08
CA TRP D 29 -13.18 44.34 15.33
C TRP D 29 -12.46 45.24 14.34
N GLU D 30 -11.35 45.86 14.78
CA GLU D 30 -10.62 46.75 13.90
C GLU D 30 -10.02 46.00 12.72
N LEU D 31 -9.50 44.79 12.96
CA LEU D 31 -9.00 44.00 11.85
C LEU D 31 -10.10 43.66 10.86
N LEU D 32 -11.29 43.29 11.33
CA LEU D 32 -12.36 43.01 10.39
C LEU D 32 -12.69 44.24 9.53
N GLN D 33 -12.72 45.43 10.15
CA GLN D 33 -13.01 46.66 9.41
C GLN D 33 -11.93 46.95 8.38
N ARG D 34 -10.67 46.75 8.76
CA ARG D 34 -9.55 46.95 7.83
C ARG D 34 -9.66 46.01 6.64
N GLU D 35 -10.04 44.76 6.86
CA GLU D 35 -10.18 43.84 5.74
C GLU D 35 -11.33 44.27 4.84
N LYS D 36 -12.42 44.74 5.43
CA LYS D 36 -13.55 45.19 4.62
C LYS D 36 -13.15 46.39 3.77
N ASP D 37 -12.41 47.33 4.36
CA ASP D 37 -11.93 48.48 3.60
C ASP D 37 -11.03 48.06 2.45
N ARG D 38 -10.13 47.09 2.67
CA ARG D 38 -9.30 46.57 1.58
C ARG D 38 -10.15 46.03 0.45
N GLN D 39 -11.17 45.23 0.79
CA GLN D 39 -12.04 44.66 -0.23
C GLN D 39 -12.79 45.74 -1.00
N CYS D 40 -13.13 46.85 -0.33
CA CYS D 40 -13.92 47.87 -1.00
C CYS D 40 -13.09 48.80 -1.87
N ARG D 41 -11.83 49.02 -1.49
CA ARG D 41 -11.00 49.99 -2.20
C ARG D 41 -10.13 49.36 -3.28
N GLY D 42 -10.14 48.04 -3.42
CA GLY D 42 -9.31 47.36 -4.39
C GLY D 42 -10.09 46.91 -5.62
N LEU D 43 -9.35 46.62 -6.69
CA LEU D 43 -9.89 45.93 -7.84
C LEU D 43 -9.48 44.47 -7.67
N GLU D 44 -10.42 43.64 -7.25
CA GLU D 44 -10.13 42.25 -6.91
C GLU D 44 -10.32 41.41 -8.17
N LEU D 45 -9.24 40.91 -8.73
CA LEU D 45 -9.30 40.14 -9.96
C LEU D 45 -8.96 38.66 -9.74
N ILE D 46 -8.86 38.21 -8.50
CA ILE D 46 -8.55 36.80 -8.28
C ILE D 46 -9.74 35.97 -8.75
N ALA D 47 -9.48 35.05 -9.69
CA ALA D 47 -10.57 34.43 -10.43
C ALA D 47 -11.44 33.56 -9.56
N SER D 48 -10.94 33.14 -8.41
CA SER D 48 -11.65 32.25 -7.51
C SER D 48 -12.35 32.99 -6.38
N GLU D 49 -12.31 34.31 -6.34
CA GLU D 49 -12.93 35.11 -5.29
C GLU D 49 -14.28 35.67 -5.73
N ASN D 50 -15.06 36.02 -4.71
CA ASN D 50 -16.36 36.65 -4.91
C ASN D 50 -16.74 37.32 -3.59
N PHE D 51 -17.89 38.00 -3.60
CA PHE D 51 -18.38 38.77 -2.44
C PHE D 51 -19.71 38.14 -2.03
N CYS D 52 -19.68 37.42 -0.92
CA CYS D 52 -20.85 36.72 -0.41
C CYS D 52 -21.91 37.71 0.09
N SER D 53 -23.17 37.35 -0.12
CA SER D 53 -24.27 38.19 0.32
C SER D 53 -24.36 38.26 1.85
N ARG D 54 -24.85 39.41 2.35
CA ARG D 54 -25.15 39.54 3.78
C ARG D 54 -26.05 38.41 4.25
N ALA D 55 -27.03 38.03 3.45
CA ALA D 55 -28.00 37.04 3.90
C ALA D 55 -27.32 35.70 4.18
N ALA D 56 -26.38 35.31 3.33
CA ALA D 56 -25.67 34.05 3.51
C ALA D 56 -24.76 34.12 4.73
N LEU D 57 -24.13 35.28 4.92
CA LEU D 57 -23.26 35.47 6.08
C LEU D 57 -24.06 35.48 7.38
N GLU D 58 -25.27 36.03 7.39
CA GLU D 58 -26.12 35.96 8.58
C GLU D 58 -26.40 34.51 8.98
N ALA D 59 -26.56 33.61 8.01
CA ALA D 59 -26.75 32.20 8.35
C ALA D 59 -25.43 31.57 8.81
N LEU D 60 -24.33 31.95 8.18
CA LEU D 60 -23.03 31.40 8.51
C LEU D 60 -22.65 31.70 9.95
N GLY D 61 -22.91 32.94 10.38
CA GLY D 61 -22.67 33.34 11.76
C GLY D 61 -23.84 33.22 12.71
N SER D 62 -24.35 31.98 12.88
CA SER D 62 -25.61 31.74 13.58
C SER D 62 -25.46 30.59 14.58
N CYS D 63 -26.51 30.43 15.36
CA CYS D 63 -26.51 29.37 16.36
C CYS D 63 -26.41 27.99 15.74
N LEU D 64 -26.52 27.86 14.42
CA LEU D 64 -26.29 26.57 13.79
C LEU D 64 -24.88 26.06 14.04
N ASN D 65 -23.94 26.95 14.34
CA ASN D 65 -22.58 26.54 14.69
C ASN D 65 -22.55 25.60 15.90
N ASN D 66 -23.57 25.68 16.75
CA ASN D 66 -23.51 25.03 18.05
C ASN D 66 -23.86 23.54 17.99
N LYS D 67 -24.43 23.05 16.89
CA LYS D 67 -25.10 21.74 16.88
C LYS D 67 -24.20 20.65 16.31
N TYR D 68 -23.98 19.59 17.09
CA TYR D 68 -23.39 18.35 16.62
C TYR D 68 -24.44 17.47 15.96
N SER D 69 -24.22 17.10 14.69
CA SER D 69 -25.20 16.27 13.98
C SER D 69 -24.49 15.28 13.05
N GLU D 70 -23.54 14.50 13.58
CA GLU D 70 -22.88 13.48 12.78
C GLU D 70 -23.90 12.53 12.20
N GLY D 71 -23.65 12.11 10.96
CA GLY D 71 -24.57 11.28 10.22
C GLY D 71 -25.31 12.04 9.14
N TYR D 72 -26.48 11.54 8.78
CA TYR D 72 -27.33 12.14 7.77
C TYR D 72 -28.78 12.25 8.25
N PRO D 73 -29.59 13.10 7.61
CA PRO D 73 -30.96 13.30 8.04
C PRO D 73 -31.71 11.98 8.26
N GLY D 74 -32.38 11.89 9.41
CA GLY D 74 -33.05 10.68 9.82
C GLY D 74 -32.17 9.58 10.33
N LYS D 75 -30.85 9.63 10.05
CA LYS D 75 -29.90 8.60 10.49
C LYS D 75 -28.72 9.28 11.18
N ARG D 76 -29.02 9.99 12.24
CA ARG D 76 -28.01 10.69 13.02
C ARG D 76 -27.52 9.81 14.15
N TYR D 77 -26.36 10.17 14.71
CA TYR D 77 -25.89 9.51 15.92
C TYR D 77 -26.49 10.11 17.19
N TYR D 78 -26.87 11.41 17.17
CA TYR D 78 -27.42 12.11 18.32
C TYR D 78 -28.85 12.56 18.04
N GLY D 79 -29.57 12.86 19.11
CA GLY D 79 -30.88 13.46 19.00
C GLY D 79 -30.80 14.97 18.87
N GLY D 80 -31.98 15.59 18.83
CA GLY D 80 -32.07 17.02 18.73
C GLY D 80 -31.86 17.57 17.34
N ALA D 81 -31.88 16.72 16.31
CA ALA D 81 -31.52 17.12 14.96
C ALA D 81 -32.73 17.47 14.11
N GLU D 82 -33.90 17.69 14.71
CA GLU D 82 -35.11 17.87 13.92
C GLU D 82 -34.94 19.02 12.92
N VAL D 83 -34.39 20.13 13.37
CA VAL D 83 -34.29 21.32 12.53
C VAL D 83 -33.12 21.24 11.56
N VAL D 84 -31.95 20.77 12.02
CA VAL D 84 -30.83 20.65 11.10
C VAL D 84 -31.09 19.59 10.04
N ASP D 85 -31.89 18.58 10.37
CA ASP D 85 -32.36 17.65 9.34
C ASP D 85 -33.11 18.41 8.24
N GLU D 86 -34.12 19.21 8.63
CA GLU D 86 -34.86 20.01 7.66
C GLU D 86 -33.94 20.93 6.86
N ILE D 87 -32.92 21.49 7.53
CA ILE D 87 -32.05 22.43 6.82
C ILE D 87 -31.19 21.69 5.81
N GLU D 88 -30.60 20.57 6.23
CA GLU D 88 -29.73 19.81 5.33
C GLU D 88 -30.50 19.31 4.12
N LEU D 89 -31.71 18.81 4.34
CA LEU D 89 -32.53 18.32 3.23
C LEU D 89 -32.95 19.46 2.30
N LEU D 90 -33.20 20.65 2.86
CA LEU D 90 -33.49 21.81 2.03
C LEU D 90 -32.28 22.20 1.20
N CYS D 91 -31.10 22.18 1.79
CA CYS D 91 -29.88 22.46 1.03
C CYS D 91 -29.70 21.47 -0.12
N GLN D 92 -29.90 20.17 0.13
CA GLN D 92 -29.84 19.19 -0.97
C GLN D 92 -30.82 19.54 -2.08
N ARG D 93 -32.06 19.86 -1.71
CA ARG D 93 -33.07 20.14 -2.74
C ARG D 93 -32.72 21.37 -3.54
N ARG D 94 -32.27 22.44 -2.86
CA ARG D 94 -31.86 23.65 -3.57
C ARG D 94 -30.62 23.41 -4.43
N ALA D 95 -29.72 22.51 -4.00
CA ALA D 95 -28.55 22.17 -4.82
C ALA D 95 -28.98 21.50 -6.12
N LEU D 96 -29.85 20.50 -6.03
CA LEU D 96 -30.31 19.83 -7.25
C LEU D 96 -31.11 20.80 -8.12
N GLU D 97 -31.94 21.63 -7.51
CA GLU D 97 -32.71 22.61 -8.27
C GLU D 97 -31.81 23.58 -9.01
N ALA D 98 -30.74 24.05 -8.34
CA ALA D 98 -29.86 25.04 -8.95
C ALA D 98 -29.24 24.51 -10.24
N PHE D 99 -28.99 23.21 -10.30
CA PHE D 99 -28.33 22.60 -11.46
C PHE D 99 -29.29 21.80 -12.33
N ASP D 100 -30.59 21.99 -12.13
CA ASP D 100 -31.62 21.42 -13.01
C ASP D 100 -31.55 19.89 -13.06
N LEU D 101 -31.35 19.28 -11.90
CA LEU D 101 -31.13 17.85 -11.79
C LEU D 101 -32.39 17.15 -11.27
N ASP D 102 -32.76 16.06 -11.93
CA ASP D 102 -33.84 15.19 -11.51
C ASP D 102 -33.43 14.45 -10.24
N PRO D 103 -34.17 14.57 -9.14
CA PRO D 103 -33.74 13.91 -7.89
C PRO D 103 -33.72 12.40 -7.97
N ALA D 104 -34.43 11.81 -8.95
CA ALA D 104 -34.41 10.36 -9.15
C ALA D 104 -33.15 9.90 -9.87
N GLN D 105 -32.42 10.81 -10.51
CA GLN D 105 -31.19 10.46 -11.20
C GLN D 105 -29.95 11.01 -10.53
N TRP D 106 -30.08 11.99 -9.64
CA TRP D 106 -28.93 12.60 -8.99
C TRP D 106 -29.22 12.78 -7.51
N GLY D 107 -28.14 12.65 -6.71
CA GLY D 107 -28.16 13.04 -5.32
C GLY D 107 -26.99 13.96 -5.04
N VAL D 108 -26.95 14.50 -3.82
CA VAL D 108 -25.91 15.47 -3.43
C VAL D 108 -25.60 15.34 -1.95
N ASN D 109 -24.31 15.45 -1.64
CA ASN D 109 -23.80 15.48 -0.27
C ASN D 109 -23.37 16.91 -0.02
N VAL D 110 -24.00 17.55 0.97
CA VAL D 110 -23.76 18.96 1.25
C VAL D 110 -22.82 19.17 2.42
N GLN D 111 -22.20 18.10 2.94
CA GLN D 111 -21.33 18.24 4.11
C GLN D 111 -19.85 18.57 3.86
N PRO D 112 -19.27 18.41 2.67
CA PRO D 112 -17.81 18.64 2.55
C PRO D 112 -17.41 20.02 3.07
N TYR D 113 -16.31 20.09 3.83
CA TYR D 113 -15.96 21.34 4.46
C TYR D 113 -15.42 22.36 3.46
N SER D 114 -14.89 21.92 2.33
CA SER D 114 -14.38 22.82 1.30
C SER D 114 -14.22 22.01 0.02
N GLY D 115 -13.66 22.64 -1.01
CA GLY D 115 -13.43 21.92 -2.25
C GLY D 115 -12.47 20.75 -2.12
N SER D 116 -11.36 20.95 -1.41
CA SER D 116 -10.36 19.89 -1.30
C SER D 116 -10.91 18.68 -0.54
N PRO D 117 -11.61 18.89 0.58
CA PRO D 117 -12.29 17.76 1.24
C PRO D 117 -13.25 17.02 0.32
N ALA D 118 -13.95 17.75 -0.55
CA ALA D 118 -14.91 17.09 -1.42
C ALA D 118 -14.20 16.13 -2.37
N ASN D 119 -13.11 16.58 -2.97
CA ASN D 119 -12.41 15.70 -3.92
C ASN D 119 -11.79 14.50 -3.20
N LEU D 120 -11.21 14.71 -2.02
CA LEU D 120 -10.64 13.58 -1.30
C LEU D 120 -11.71 12.55 -0.91
N ALA D 121 -12.92 13.02 -0.56
CA ALA D 121 -13.99 12.09 -0.26
C ALA D 121 -14.42 11.27 -1.48
N VAL D 122 -14.44 11.87 -2.67
CA VAL D 122 -14.74 11.11 -3.87
C VAL D 122 -13.73 9.97 -4.07
N TYR D 123 -12.43 10.28 -4.05
CA TYR D 123 -11.41 9.26 -4.25
C TYR D 123 -11.54 8.17 -3.20
N THR D 124 -11.79 8.55 -1.96
CA THR D 124 -11.83 7.59 -0.88
C THR D 124 -13.05 6.68 -1.03
N ALA D 125 -14.12 7.24 -1.59
CA ALA D 125 -15.35 6.47 -1.79
C ALA D 125 -15.18 5.44 -2.87
N LEU D 126 -14.55 5.82 -3.97
CA LEU D 126 -14.61 4.99 -5.16
C LEU D 126 -13.34 4.21 -5.46
N LEU D 127 -12.19 4.59 -4.87
CA LEU D 127 -10.92 3.96 -5.13
C LEU D 127 -10.30 3.32 -3.89
N GLN D 128 -9.49 2.28 -4.08
CA GLN D 128 -8.63 1.77 -3.01
C GLN D 128 -7.37 2.63 -2.94
N PRO D 129 -6.71 2.68 -1.78
CA PRO D 129 -5.37 3.29 -1.70
C PRO D 129 -4.46 2.78 -2.81
N HIS D 130 -3.72 3.71 -3.44
CA HIS D 130 -2.81 3.49 -4.56
C HIS D 130 -3.50 3.22 -5.89
N ASP D 131 -4.85 3.32 -5.95
CA ASP D 131 -5.52 3.31 -7.23
C ASP D 131 -5.19 4.58 -8.00
N ARG D 132 -5.39 4.52 -9.31
CA ARG D 132 -4.84 5.51 -10.21
C ARG D 132 -5.84 6.58 -10.63
N ILE D 133 -5.36 7.82 -10.65
CA ILE D 133 -6.16 8.95 -11.11
C ILE D 133 -5.34 9.78 -12.08
N MET D 134 -6.03 10.47 -13.00
CA MET D 134 -5.37 11.39 -13.91
C MET D 134 -6.06 12.74 -13.87
N GLY D 135 -5.29 13.83 -13.72
CA GLY D 135 -5.82 15.16 -13.79
C GLY D 135 -4.91 16.09 -14.58
N LEU D 136 -5.45 17.27 -14.91
CA LEU D 136 -4.63 18.26 -15.60
C LEU D 136 -3.51 18.71 -14.67
N ASP D 137 -2.30 18.75 -15.20
CA ASP D 137 -1.14 19.07 -14.38
C ASP D 137 -1.30 20.47 -13.80
N LEU D 138 -0.80 20.64 -12.58
CA LEU D 138 -0.89 21.92 -11.90
C LEU D 138 -0.35 23.09 -12.74
N PRO D 139 0.89 23.03 -13.24
CA PRO D 139 1.37 24.15 -14.06
C PRO D 139 0.55 24.38 -15.32
N ASP D 140 -0.16 23.36 -15.80
CA ASP D 140 -1.00 23.46 -16.97
C ASP D 140 -2.42 23.92 -16.65
N GLY D 141 -2.72 24.23 -15.39
CA GLY D 141 -3.99 24.80 -15.03
C GLY D 141 -4.86 23.92 -14.16
N GLY D 142 -4.39 22.75 -13.73
CA GLY D 142 -5.17 21.89 -12.87
C GLY D 142 -5.03 22.28 -11.41
N HIS D 143 -5.75 21.55 -10.55
CA HIS D 143 -5.76 21.81 -9.13
C HIS D 143 -4.91 20.79 -8.39
N LEU D 144 -4.33 21.24 -7.27
CA LEU D 144 -3.60 20.35 -6.37
C LEU D 144 -4.27 19.02 -6.16
N THR D 145 -5.57 19.03 -5.83
CA THR D 145 -6.31 17.83 -5.49
C THR D 145 -6.65 16.98 -6.70
N HIS D 146 -6.10 17.29 -7.88
CA HIS D 146 -6.25 16.42 -9.03
C HIS D 146 -5.09 15.49 -9.17
N GLY D 147 -4.21 15.47 -8.17
CA GLY D 147 -3.22 14.45 -7.98
C GLY D 147 -1.81 14.97 -8.09
N TYR D 148 -1.60 16.22 -7.73
CA TYR D 148 -0.33 16.87 -8.07
C TYR D 148 0.85 16.38 -7.23
N MET D 149 1.89 15.92 -7.93
CA MET D 149 3.24 15.76 -7.40
C MET D 149 4.23 16.30 -8.42
N SER D 150 5.43 16.64 -7.94
CA SER D 150 6.48 17.15 -8.80
C SER D 150 7.50 16.07 -9.05
N ASP D 151 8.56 16.44 -9.79
CA ASP D 151 9.66 15.51 -10.04
C ASP D 151 10.40 15.12 -8.76
N VAL D 152 10.24 15.91 -7.69
CA VAL D 152 11.08 15.76 -6.51
C VAL D 152 10.33 15.44 -5.24
N LYS D 153 9.01 15.59 -5.20
CA LYS D 153 8.28 15.08 -4.04
C LYS D 153 6.79 15.07 -4.28
N ARG D 154 6.11 14.28 -3.46
CA ARG D 154 4.66 14.14 -3.49
C ARG D 154 4.06 15.30 -2.70
N ILE D 155 3.22 16.08 -3.35
CA ILE D 155 2.78 17.37 -2.83
C ILE D 155 1.33 17.29 -2.33
N SER D 156 0.39 17.02 -3.22
CA SER D 156 -0.98 16.81 -2.74
C SER D 156 -1.10 15.46 -2.05
N ALA D 157 -1.95 15.38 -1.03
CA ALA D 157 -2.27 14.08 -0.46
C ALA D 157 -2.93 13.15 -1.50
N THR D 158 -3.52 13.72 -2.55
CA THR D 158 -4.12 12.90 -3.61
C THR D 158 -3.09 12.20 -4.47
N SER D 159 -1.79 12.53 -4.34
CA SER D 159 -0.72 11.80 -4.94
C SER D 159 0.01 10.91 -3.93
N ILE D 160 -0.35 10.98 -2.65
CA ILE D 160 0.25 10.12 -1.61
C ILE D 160 -0.61 8.89 -1.37
N PHE D 161 -1.90 9.11 -1.15
CA PHE D 161 -2.82 8.01 -0.90
C PHE D 161 -3.30 7.36 -2.19
N PHE D 162 -3.14 8.01 -3.34
CA PHE D 162 -3.51 7.49 -4.65
C PHE D 162 -2.34 7.70 -5.59
N GLU D 163 -2.37 7.04 -6.72
CA GLU D 163 -1.29 7.12 -7.68
C GLU D 163 -1.74 7.96 -8.86
N SER D 164 -1.12 9.13 -9.08
CA SER D 164 -1.56 10.05 -10.11
C SER D 164 -0.56 10.10 -11.26
N MET D 165 -1.11 10.43 -12.44
CA MET D 165 -0.31 10.75 -13.59
C MET D 165 -1.02 11.92 -14.30
N PRO D 166 -0.34 13.02 -14.57
CA PRO D 166 -1.05 14.17 -15.14
C PRO D 166 -1.34 13.97 -16.61
N TYR D 167 -2.27 14.76 -17.10
CA TYR D 167 -2.34 15.06 -18.53
C TYR D 167 -2.08 16.54 -18.73
N LYS D 168 -1.85 16.92 -20.00
CA LYS D 168 -1.19 18.16 -20.33
C LYS D 168 -1.96 18.96 -21.37
N LEU D 169 -1.70 20.26 -21.37
CA LEU D 169 -2.07 21.09 -22.51
C LEU D 169 -1.23 20.75 -23.73
N ASN D 170 -1.81 20.94 -24.89
CA ASN D 170 -1.00 21.07 -26.09
C ASN D 170 -0.35 22.44 -26.03
N PRO D 171 0.97 22.55 -25.95
CA PRO D 171 1.59 23.85 -25.66
C PRO D 171 1.48 24.82 -26.80
N LYS D 172 1.31 24.34 -28.03
CA LYS D 172 1.18 25.22 -29.17
C LYS D 172 -0.16 25.96 -29.15
N THR D 173 -1.22 25.28 -28.72
CA THR D 173 -2.56 25.82 -28.79
C THR D 173 -3.06 26.36 -27.46
N GLY D 174 -2.52 25.89 -26.34
CA GLY D 174 -3.05 26.25 -25.05
C GLY D 174 -4.28 25.49 -24.64
N LEU D 175 -4.70 24.49 -25.42
CA LEU D 175 -5.86 23.69 -25.11
C LEU D 175 -5.44 22.34 -24.52
N ILE D 176 -6.33 21.76 -23.70
CA ILE D 176 -6.12 20.39 -23.25
C ILE D 176 -5.90 19.49 -24.47
N ASP D 177 -4.87 18.68 -24.41
CA ASP D 177 -4.55 17.77 -25.50
C ASP D 177 -5.34 16.48 -25.31
N TYR D 178 -6.54 16.44 -25.88
CA TYR D 178 -7.39 15.28 -25.67
C TYR D 178 -6.84 14.05 -26.37
N ASN D 179 -6.13 14.25 -27.47
CA ASN D 179 -5.50 13.12 -28.15
C ASN D 179 -4.44 12.48 -27.26
N GLN D 180 -3.56 13.28 -26.65
CA GLN D 180 -2.53 12.67 -25.81
C GLN D 180 -3.12 12.06 -24.55
N LEU D 181 -4.17 12.68 -24.01
CA LEU D 181 -4.86 12.10 -22.85
C LEU D 181 -5.39 10.70 -23.18
N ALA D 182 -6.03 10.54 -24.34
CA ALA D 182 -6.53 9.22 -24.70
C ALA D 182 -5.38 8.24 -24.80
N LEU D 183 -4.30 8.63 -25.48
CA LEU D 183 -3.18 7.72 -25.67
C LEU D 183 -2.60 7.27 -24.32
N THR D 184 -2.41 8.20 -23.38
CA THR D 184 -1.72 7.84 -22.14
C THR D 184 -2.66 7.16 -21.16
N ALA D 185 -3.97 7.46 -21.20
CA ALA D 185 -4.90 6.71 -20.35
C ALA D 185 -4.99 5.22 -20.73
N ARG D 186 -4.85 4.88 -22.00
CA ARG D 186 -4.82 3.47 -22.38
C ARG D 186 -3.65 2.73 -21.73
N LEU D 187 -2.54 3.42 -21.49
CA LEU D 187 -1.36 2.83 -20.92
C LEU D 187 -1.35 2.81 -19.39
N PHE D 188 -1.75 3.92 -18.77
CA PHE D 188 -1.77 4.11 -17.31
C PHE D 188 -2.96 3.45 -16.65
N ARG D 189 -4.11 3.37 -17.36
CA ARG D 189 -5.31 2.65 -16.88
C ARG D 189 -5.85 3.30 -15.60
N PRO D 190 -6.11 4.59 -15.62
CA PRO D 190 -6.68 5.24 -14.44
C PRO D 190 -8.03 4.65 -14.06
N ARG D 191 -8.30 4.63 -12.77
CA ARG D 191 -9.64 4.29 -12.30
C ARG D 191 -10.57 5.49 -12.32
N LEU D 192 -10.03 6.72 -12.36
CA LEU D 192 -10.80 7.95 -12.31
C LEU D 192 -9.99 9.04 -13.02
N ILE D 193 -10.68 9.84 -13.84
CA ILE D 193 -10.08 10.96 -14.54
C ILE D 193 -10.85 12.21 -14.15
N ILE D 194 -10.14 13.31 -13.84
CA ILE D 194 -10.77 14.53 -13.35
C ILE D 194 -10.82 15.52 -14.50
N ALA D 195 -12.03 15.98 -14.85
CA ALA D 195 -12.26 17.00 -15.86
C ALA D 195 -12.63 18.28 -15.10
N GLY D 196 -11.67 19.19 -14.96
CA GLY D 196 -11.91 20.46 -14.31
C GLY D 196 -10.65 21.23 -14.00
N THR D 197 -10.73 22.56 -13.88
CA THR D 197 -9.52 23.36 -13.88
C THR D 197 -9.60 24.47 -12.86
N SER D 198 -8.40 24.93 -12.47
CA SER D 198 -8.25 26.17 -11.72
C SER D 198 -7.80 27.34 -12.59
N ALA D 199 -7.11 27.08 -13.71
CA ALA D 199 -6.64 28.18 -14.56
C ALA D 199 -6.69 27.73 -16.03
N TYR D 200 -7.88 27.81 -16.60
CA TYR D 200 -8.11 27.44 -17.99
C TYR D 200 -9.25 28.31 -18.46
N ALA D 201 -9.05 28.98 -19.58
CA ALA D 201 -10.02 29.96 -20.08
C ALA D 201 -11.00 29.39 -21.09
N ARG D 202 -10.92 28.11 -21.46
CA ARG D 202 -11.79 27.54 -22.46
C ARG D 202 -12.73 26.51 -21.87
N LEU D 203 -13.76 26.15 -22.62
CA LEU D 203 -14.69 25.13 -22.20
C LEU D 203 -14.10 23.74 -22.41
N ILE D 204 -14.37 22.83 -21.45
CA ILE D 204 -13.85 21.48 -21.49
C ILE D 204 -14.76 20.61 -22.34
N ASP D 205 -14.16 19.76 -23.17
CA ASP D 205 -14.90 18.81 -24.00
C ASP D 205 -15.27 17.61 -23.12
N TYR D 206 -16.34 17.79 -22.31
CA TYR D 206 -16.77 16.72 -21.41
C TYR D 206 -17.20 15.47 -22.18
N ALA D 207 -17.77 15.65 -23.38
CA ALA D 207 -18.17 14.47 -24.15
C ALA D 207 -16.96 13.62 -24.53
N ARG D 208 -15.85 14.27 -24.90
CA ARG D 208 -14.63 13.56 -25.21
C ARG D 208 -14.04 12.91 -23.96
N MET D 209 -14.00 13.66 -22.84
CA MET D 209 -13.56 13.08 -21.58
C MET D 209 -14.34 11.82 -21.25
N ARG D 210 -15.64 11.85 -21.45
CA ARG D 210 -16.47 10.68 -21.16
C ARG D 210 -16.13 9.54 -22.12
N GLU D 211 -15.86 9.86 -23.38
CA GLU D 211 -15.47 8.83 -24.33
C GLU D 211 -14.18 8.14 -23.90
N VAL D 212 -13.18 8.92 -23.45
CA VAL D 212 -11.95 8.32 -22.94
C VAL D 212 -12.25 7.43 -21.74
N CYS D 213 -13.05 7.92 -20.80
CA CYS D 213 -13.34 7.17 -19.59
C CYS D 213 -14.08 5.88 -19.90
N ASP D 214 -15.06 5.94 -20.80
CA ASP D 214 -15.74 4.71 -21.19
C ASP D 214 -14.76 3.73 -21.83
N GLU D 215 -13.76 4.24 -22.57
CA GLU D 215 -12.82 3.35 -23.24
C GLU D 215 -11.94 2.62 -22.23
N VAL D 216 -11.37 3.35 -21.27
CA VAL D 216 -10.46 2.76 -20.29
C VAL D 216 -11.17 2.33 -19.01
N LYS D 217 -12.50 2.44 -18.96
CA LYS D 217 -13.28 1.97 -17.82
C LYS D 217 -12.92 2.73 -16.55
N ALA D 218 -12.85 4.04 -16.68
CA ALA D 218 -12.62 4.94 -15.57
C ALA D 218 -13.90 5.70 -15.24
N HIS D 219 -14.04 6.10 -13.99
CA HIS D 219 -15.05 7.06 -13.60
C HIS D 219 -14.64 8.46 -14.08
N LEU D 220 -15.62 9.25 -14.53
CA LEU D 220 -15.40 10.64 -14.89
C LEU D 220 -15.89 11.55 -13.76
N LEU D 221 -14.97 12.24 -13.11
CA LEU D 221 -15.27 13.27 -12.14
C LEU D 221 -15.09 14.63 -12.79
N ALA D 222 -16.14 15.44 -12.79
CA ALA D 222 -16.01 16.85 -13.18
C ALA D 222 -15.89 17.69 -11.92
N ASP D 223 -14.78 18.42 -11.80
CA ASP D 223 -14.57 19.36 -10.70
C ASP D 223 -14.82 20.75 -11.24
N MET D 224 -16.05 21.22 -11.06
CA MET D 224 -16.52 22.45 -11.69
C MET D 224 -16.41 23.65 -10.78
N ALA D 225 -15.52 23.62 -9.79
CA ALA D 225 -15.47 24.67 -8.78
C ALA D 225 -15.49 26.07 -9.40
N HIS D 226 -14.62 26.32 -10.40
CA HIS D 226 -14.48 27.68 -10.91
C HIS D 226 -15.71 28.14 -11.69
N ILE D 227 -16.40 27.22 -12.37
CA ILE D 227 -17.44 27.55 -13.32
C ILE D 227 -18.83 27.24 -12.80
N SER D 228 -18.94 26.84 -11.52
CA SER D 228 -20.19 26.25 -11.02
C SER D 228 -21.37 27.20 -11.20
N GLY D 229 -21.20 28.49 -10.95
CA GLY D 229 -22.32 29.40 -11.11
C GLY D 229 -22.70 29.61 -12.55
N LEU D 230 -21.71 29.58 -13.45
CA LEU D 230 -22.01 29.67 -14.87
C LEU D 230 -22.84 28.50 -15.32
N VAL D 231 -22.53 27.30 -14.81
CA VAL D 231 -23.31 26.11 -15.12
C VAL D 231 -24.71 26.23 -14.55
N ALA D 232 -24.82 26.58 -13.26
CA ALA D 232 -26.14 26.81 -12.67
C ALA D 232 -26.94 27.81 -13.50
N ALA D 233 -26.31 28.91 -13.93
CA ALA D 233 -27.03 29.92 -14.70
C ALA D 233 -27.29 29.51 -16.14
N LYS D 234 -26.82 28.34 -16.57
CA LYS D 234 -27.05 27.82 -17.91
C LYS D 234 -26.51 28.78 -18.97
N VAL D 235 -25.37 29.41 -18.68
CA VAL D 235 -24.69 30.27 -19.65
C VAL D 235 -23.54 29.54 -20.35
N ILE D 236 -23.20 28.33 -19.93
CA ILE D 236 -22.22 27.47 -20.59
C ILE D 236 -22.72 26.03 -20.45
N PRO D 237 -22.16 25.11 -21.26
CA PRO D 237 -22.62 23.72 -21.19
C PRO D 237 -22.33 23.12 -19.83
N SER D 238 -23.22 22.16 -19.42
CA SER D 238 -23.18 21.57 -18.08
C SER D 238 -22.38 20.28 -18.08
N PRO D 239 -21.45 20.10 -17.15
CA PRO D 239 -20.76 18.80 -17.02
C PRO D 239 -21.70 17.68 -16.65
N PHE D 240 -22.85 17.99 -16.04
CA PHE D 240 -23.76 16.94 -15.58
C PHE D 240 -24.31 16.10 -16.72
N LYS D 241 -24.20 16.56 -17.96
CA LYS D 241 -24.69 15.75 -19.07
C LYS D 241 -23.80 14.56 -19.33
N HIS D 242 -22.56 14.56 -18.86
CA HIS D 242 -21.62 13.50 -19.19
C HIS D 242 -20.89 12.87 -18.01
N ALA D 243 -20.86 13.52 -16.84
CA ALA D 243 -20.09 13.04 -15.70
C ALA D 243 -20.90 12.12 -14.78
N ASP D 244 -20.18 11.19 -14.14
CA ASP D 244 -20.73 10.31 -13.10
C ASP D 244 -20.84 11.05 -11.77
N ILE D 245 -19.83 11.86 -11.46
CA ILE D 245 -19.70 12.57 -10.19
C ILE D 245 -19.30 14.01 -10.54
N VAL D 246 -19.79 14.97 -9.77
CA VAL D 246 -19.45 16.35 -9.99
C VAL D 246 -19.17 16.94 -8.61
N THR D 247 -17.97 17.48 -8.40
CA THR D 247 -17.68 18.22 -7.19
C THR D 247 -17.59 19.70 -7.48
N THR D 248 -17.76 20.50 -6.43
CA THR D 248 -17.60 21.93 -6.57
C THR D 248 -17.40 22.55 -5.19
N THR D 249 -16.86 23.75 -5.19
CA THR D 249 -16.96 24.64 -4.05
C THR D 249 -18.23 25.48 -4.17
N THR D 250 -18.56 26.17 -3.10
CA THR D 250 -19.74 26.99 -3.05
C THR D 250 -19.41 28.48 -3.02
N HIS D 251 -18.12 28.83 -3.01
CA HIS D 251 -17.66 30.20 -2.76
C HIS D 251 -17.07 30.90 -3.96
N LYS D 252 -17.13 30.31 -5.14
CA LYS D 252 -16.49 30.91 -6.32
C LYS D 252 -17.57 31.59 -7.12
N THR D 253 -17.85 31.13 -8.35
CA THR D 253 -18.90 31.79 -9.13
C THR D 253 -20.28 31.57 -8.53
N LEU D 254 -20.43 30.63 -7.57
CA LEU D 254 -21.68 30.43 -6.87
C LEU D 254 -21.94 31.46 -5.77
N ARG D 255 -20.92 32.22 -5.38
CA ARG D 255 -21.12 33.40 -4.54
C ARG D 255 -21.76 33.05 -3.18
N GLY D 256 -21.30 31.93 -2.60
CA GLY D 256 -21.76 31.47 -1.31
C GLY D 256 -20.67 31.52 -0.26
N ALA D 257 -20.96 30.90 0.89
CA ALA D 257 -19.95 30.72 1.93
C ALA D 257 -19.04 29.56 1.54
N ARG D 258 -17.89 29.49 2.18
CA ARG D 258 -16.90 28.50 1.78
C ARG D 258 -17.35 27.12 2.24
N SER D 259 -17.46 26.19 1.30
CA SER D 259 -17.97 24.84 1.52
C SER D 259 -17.78 24.06 0.22
N GLY D 260 -18.19 22.80 0.27
CA GLY D 260 -18.12 21.93 -0.89
C GLY D 260 -19.41 21.14 -1.06
N LEU D 261 -19.54 20.59 -2.27
CA LEU D 261 -20.65 19.71 -2.59
C LEU D 261 -20.11 18.57 -3.43
N ILE D 262 -20.75 17.41 -3.30
CA ILE D 262 -20.50 16.28 -4.19
C ILE D 262 -21.83 15.84 -4.72
N PHE D 263 -21.97 15.84 -6.05
CA PHE D 263 -23.15 15.33 -6.74
C PHE D 263 -22.80 13.98 -7.35
N TYR D 264 -23.77 13.07 -7.35
CA TYR D 264 -23.55 11.73 -7.85
C TYR D 264 -24.83 11.19 -8.48
N ARG D 265 -24.65 10.29 -9.44
CA ARG D 265 -25.79 9.64 -10.07
C ARG D 265 -26.38 8.61 -9.13
N LYS D 266 -27.71 8.46 -9.18
CA LYS D 266 -28.40 7.45 -8.37
C LYS D 266 -29.54 6.88 -9.20
N GLY D 267 -30.00 5.68 -8.84
CA GLY D 267 -31.02 5.02 -9.63
C GLY D 267 -30.49 4.08 -10.69
N VAL D 268 -31.17 3.98 -11.84
CA VAL D 268 -30.81 3.00 -12.86
C VAL D 268 -29.66 3.51 -13.71
N LYS D 269 -28.72 2.62 -14.03
CA LYS D 269 -27.70 2.90 -15.03
C LYS D 269 -28.33 2.74 -16.41
N ILE D 279 -29.85 -2.57 -13.68
CA ILE D 279 -28.63 -2.38 -12.90
C ILE D 279 -28.60 -0.97 -12.30
N PRO D 280 -28.34 -0.84 -10.98
CA PRO D 280 -28.39 0.48 -10.35
C PRO D 280 -27.00 1.10 -10.23
N TYR D 281 -26.95 2.41 -10.03
CA TYR D 281 -25.72 3.09 -9.65
C TYR D 281 -25.37 2.76 -8.20
N THR D 282 -24.07 2.82 -7.87
CA THR D 282 -23.60 2.47 -6.53
C THR D 282 -22.69 3.56 -5.95
N PHE D 283 -22.91 4.82 -6.32
CA PHE D 283 -22.09 5.90 -5.78
C PHE D 283 -22.59 6.37 -4.43
N GLU D 284 -23.93 6.41 -4.26
CA GLU D 284 -24.53 7.16 -3.16
C GLU D 284 -24.05 6.68 -1.81
N ASP D 285 -24.18 5.38 -1.54
CA ASP D 285 -23.77 4.87 -0.23
C ASP D 285 -22.27 5.05 -0.01
N ARG D 286 -21.45 4.81 -1.05
CA ARG D 286 -20.01 4.93 -0.89
C ARG D 286 -19.58 6.38 -0.68
N ILE D 287 -20.19 7.31 -1.44
CA ILE D 287 -19.86 8.73 -1.28
C ILE D 287 -20.22 9.20 0.13
N ASN D 288 -21.44 8.94 0.55
CA ASN D 288 -21.87 9.41 1.87
C ASN D 288 -21.01 8.82 2.98
N PHE D 289 -20.71 7.52 2.90
CA PHE D 289 -19.86 6.91 3.91
C PHE D 289 -18.47 7.55 3.93
N ALA D 290 -17.92 7.87 2.76
CA ALA D 290 -16.58 8.45 2.73
C ALA D 290 -16.55 9.79 3.45
N VAL D 291 -17.55 10.62 3.22
CA VAL D 291 -17.60 11.90 3.92
C VAL D 291 -17.74 11.67 5.42
N PHE D 292 -18.71 10.85 5.84
CA PHE D 292 -18.84 10.53 7.23
C PHE D 292 -19.37 9.09 7.29
N PRO D 293 -18.71 8.17 8.05
CA PRO D 293 -17.70 8.42 9.06
C PRO D 293 -16.26 8.39 8.60
N SER D 294 -15.91 8.19 7.33
CA SER D 294 -14.50 7.96 7.06
C SER D 294 -13.65 9.22 7.26
N LEU D 295 -14.05 10.35 6.67
CA LEU D 295 -13.15 11.47 6.54
C LEU D 295 -13.46 12.61 7.50
N GLN D 296 -14.71 12.99 7.61
CA GLN D 296 -15.10 14.18 8.38
C GLN D 296 -15.72 13.81 9.71
N GLY D 297 -15.91 14.82 10.54
CA GLY D 297 -16.63 14.64 11.79
C GLY D 297 -17.99 15.30 11.68
N GLY D 298 -18.36 16.08 12.66
CA GLY D 298 -19.64 16.73 12.62
C GLY D 298 -19.72 17.76 11.51
N PRO D 299 -20.85 17.80 10.82
CA PRO D 299 -21.01 18.81 9.76
C PRO D 299 -21.06 20.22 10.32
N HIS D 300 -20.83 21.17 9.43
CA HIS D 300 -20.83 22.57 9.81
C HIS D 300 -22.16 23.11 9.36
N ASN D 301 -23.14 23.02 10.26
CA ASN D 301 -24.50 23.31 9.88
C ASN D 301 -24.68 24.77 9.51
N HIS D 302 -23.87 25.65 10.11
CA HIS D 302 -23.94 27.05 9.73
C HIS D 302 -23.49 27.27 8.29
N ALA D 303 -22.45 26.55 7.85
CA ALA D 303 -22.03 26.63 6.45
C ALA D 303 -23.09 26.00 5.54
N ILE D 304 -23.66 24.86 5.94
CA ILE D 304 -24.72 24.26 5.15
C ILE D 304 -25.86 25.23 4.93
N ALA D 305 -26.27 25.94 6.00
CA ALA D 305 -27.37 26.90 5.89
C ALA D 305 -27.01 28.04 4.93
N ALA D 306 -25.81 28.60 5.09
CA ALA D 306 -25.40 29.70 4.22
C ALA D 306 -25.37 29.26 2.76
N VAL D 307 -24.92 28.03 2.51
CA VAL D 307 -24.89 27.48 1.16
C VAL D 307 -26.31 27.37 0.60
N ALA D 308 -27.25 26.89 1.41
CA ALA D 308 -28.64 26.81 0.95
C ALA D 308 -29.19 28.19 0.56
N VAL D 309 -28.83 29.23 1.32
CA VAL D 309 -29.21 30.59 0.96
C VAL D 309 -28.64 30.99 -0.40
N ALA D 310 -27.36 30.70 -0.63
CA ALA D 310 -26.77 31.12 -1.89
C ALA D 310 -27.32 30.30 -3.06
N LEU D 311 -27.60 29.02 -2.82
CA LEU D 311 -28.16 28.19 -3.88
C LEU D 311 -29.52 28.69 -4.31
N LYS D 312 -30.32 29.16 -3.34
CA LYS D 312 -31.58 29.78 -3.71
C LYS D 312 -31.35 31.00 -4.59
N GLN D 313 -30.36 31.84 -4.23
CA GLN D 313 -30.06 33.01 -5.05
C GLN D 313 -29.65 32.60 -6.47
N ALA D 314 -28.96 31.46 -6.60
CA ALA D 314 -28.43 31.05 -7.89
C ALA D 314 -29.50 30.51 -8.81
N CYS D 315 -30.71 30.26 -8.30
CA CYS D 315 -31.82 29.76 -9.08
C CYS D 315 -32.59 30.87 -9.80
N THR D 316 -32.33 32.14 -9.49
CA THR D 316 -33.17 33.28 -9.90
C THR D 316 -32.75 33.80 -11.27
N PRO D 317 -33.60 34.63 -11.87
CA PRO D 317 -33.18 35.38 -13.08
C PRO D 317 -32.07 36.38 -12.80
N MET D 318 -32.07 36.99 -11.62
CA MET D 318 -30.98 37.88 -11.23
C MET D 318 -29.63 37.20 -11.40
N PHE D 319 -29.55 35.93 -11.03
CA PHE D 319 -28.26 35.26 -11.07
C PHE D 319 -27.89 34.86 -12.50
N ARG D 320 -28.88 34.56 -13.34
CA ARG D 320 -28.56 34.34 -14.74
C ARG D 320 -28.03 35.62 -15.39
N GLU D 321 -28.62 36.78 -15.04
CA GLU D 321 -28.07 38.01 -15.61
C GLU D 321 -26.68 38.30 -15.07
N TYR D 322 -26.45 38.05 -13.77
CA TYR D 322 -25.10 38.19 -13.24
C TYR D 322 -24.12 37.32 -14.01
N SER D 323 -24.48 36.06 -14.25
CA SER D 323 -23.54 35.15 -14.88
C SER D 323 -23.27 35.56 -16.32
N LEU D 324 -24.29 36.06 -17.04
CA LEU D 324 -24.07 36.56 -18.39
C LEU D 324 -23.11 37.74 -18.38
N GLN D 325 -23.26 38.63 -17.40
CA GLN D 325 -22.37 39.78 -17.31
C GLN D 325 -20.95 39.35 -16.96
N VAL D 326 -20.80 38.26 -16.19
CA VAL D 326 -19.47 37.71 -15.91
C VAL D 326 -18.76 37.36 -17.22
N LEU D 327 -19.46 36.64 -18.10
CA LEU D 327 -18.84 36.26 -19.38
C LEU D 327 -18.54 37.49 -20.22
N LYS D 328 -19.54 38.36 -20.39
CA LYS D 328 -19.35 39.60 -21.13
C LYS D 328 -18.18 40.40 -20.57
N ASN D 329 -18.05 40.46 -19.24
CA ASN D 329 -16.97 41.24 -18.63
C ASN D 329 -15.62 40.59 -18.86
N ALA D 330 -15.54 39.26 -18.78
CA ALA D 330 -14.28 38.60 -19.06
C ALA D 330 -13.86 38.83 -20.50
N ARG D 331 -14.80 38.72 -21.44
CA ARG D 331 -14.54 38.98 -22.85
C ARG D 331 -14.09 40.42 -23.07
N ALA D 332 -14.72 41.37 -22.38
CA ALA D 332 -14.33 42.76 -22.54
C ALA D 332 -12.92 42.99 -22.00
N MET D 333 -12.59 42.32 -20.89
CA MET D 333 -11.22 42.39 -20.36
C MET D 333 -10.23 41.81 -21.37
N ALA D 334 -10.57 40.65 -21.94
CA ALA D 334 -9.69 40.05 -22.93
C ALA D 334 -9.46 40.98 -24.11
N ASP D 335 -10.54 41.57 -24.63
CA ASP D 335 -10.39 42.39 -25.82
C ASP D 335 -9.56 43.63 -25.52
N ALA D 336 -9.77 44.25 -24.36
CA ALA D 336 -8.99 45.42 -23.98
C ALA D 336 -7.52 45.09 -23.83
N LEU D 337 -7.21 43.91 -23.32
CA LEU D 337 -5.82 43.49 -23.23
C LEU D 337 -5.23 43.26 -24.62
N LEU D 338 -5.96 42.57 -25.50
CA LEU D 338 -5.45 42.34 -26.86
C LEU D 338 -5.25 43.67 -27.57
N GLU D 339 -6.17 44.61 -27.39
CA GLU D 339 -6.03 45.93 -28.01
C GLU D 339 -4.78 46.64 -27.54
N ARG D 340 -4.30 46.34 -26.34
CA ARG D 340 -3.12 46.99 -25.77
C ARG D 340 -1.86 46.16 -25.96
N GLY D 341 -1.91 45.14 -26.82
CA GLY D 341 -0.73 44.41 -27.23
C GLY D 341 -0.31 43.29 -26.31
N TYR D 342 -1.18 42.88 -25.38
CA TYR D 342 -0.95 41.68 -24.59
C TYR D 342 -1.35 40.44 -25.38
N SER D 343 -0.90 39.30 -24.90
CA SER D 343 -1.26 38.01 -25.47
C SER D 343 -2.04 37.21 -24.44
N LEU D 344 -2.90 36.32 -24.92
CA LEU D 344 -3.77 35.51 -24.08
C LEU D 344 -3.51 34.04 -24.37
N VAL D 345 -3.25 33.27 -23.31
CA VAL D 345 -3.06 31.85 -23.49
C VAL D 345 -4.35 31.24 -24.01
N SER D 346 -4.24 30.43 -25.07
CA SER D 346 -5.35 29.93 -25.88
C SER D 346 -5.98 31.03 -26.72
N GLY D 347 -5.40 32.23 -26.72
CA GLY D 347 -5.81 33.33 -27.58
C GLY D 347 -7.04 34.10 -27.13
N GLY D 348 -7.64 33.79 -25.99
CA GLY D 348 -8.91 34.39 -25.63
C GLY D 348 -9.56 33.65 -24.47
N THR D 349 -10.84 33.96 -24.24
CA THR D 349 -11.60 33.27 -23.20
C THR D 349 -13.02 32.91 -23.64
N ASP D 350 -13.55 31.86 -23.01
CA ASP D 350 -14.94 31.47 -23.10
C ASP D 350 -15.59 31.37 -21.72
N ASN D 351 -14.92 31.83 -20.68
CA ASN D 351 -15.54 31.72 -19.37
C ASN D 351 -15.29 32.97 -18.54
N HIS D 352 -15.15 32.84 -17.22
CA HIS D 352 -15.11 33.97 -16.32
C HIS D 352 -13.72 34.57 -16.16
N LEU D 353 -12.69 33.98 -16.78
CA LEU D 353 -11.31 34.37 -16.51
C LEU D 353 -10.54 34.51 -17.82
N VAL D 354 -9.37 35.14 -17.70
CA VAL D 354 -8.46 35.29 -18.81
C VAL D 354 -7.04 35.01 -18.32
N LEU D 355 -6.27 34.35 -19.17
CA LEU D 355 -4.90 33.94 -18.86
C LEU D 355 -4.01 34.84 -19.72
N VAL D 356 -3.41 35.83 -19.09
CA VAL D 356 -2.56 36.81 -19.76
C VAL D 356 -1.14 36.25 -19.84
N ASP D 357 -0.52 36.39 -21.00
CA ASP D 357 0.88 36.04 -21.20
C ASP D 357 1.60 37.37 -21.38
N LEU D 358 2.45 37.72 -20.40
CA LEU D 358 3.14 39.01 -20.38
C LEU D 358 4.54 38.99 -20.97
N ARG D 359 5.09 37.81 -21.28
CA ARG D 359 6.45 37.78 -21.80
C ARG D 359 6.59 38.60 -23.09
N PRO D 360 5.58 38.64 -23.99
CA PRO D 360 5.63 39.57 -25.13
C PRO D 360 5.98 40.99 -24.72
N LYS D 361 5.37 41.51 -23.64
CA LYS D 361 5.57 42.91 -23.16
C LYS D 361 6.92 43.04 -22.44
N GLY D 362 7.55 41.94 -22.07
CA GLY D 362 8.89 41.95 -21.43
C GLY D 362 8.78 42.05 -19.93
N LEU D 363 7.70 41.57 -19.31
CA LEU D 363 7.53 41.59 -17.86
C LEU D 363 6.86 40.31 -17.41
N ASP D 364 7.42 39.68 -16.40
CA ASP D 364 6.91 38.41 -15.91
C ASP D 364 5.78 38.63 -14.92
N GLY D 365 5.07 37.53 -14.62
CA GLY D 365 3.92 37.60 -13.75
C GLY D 365 4.25 37.84 -12.29
N ALA D 366 5.43 37.42 -11.84
CA ALA D 366 5.81 37.68 -10.44
C ALA D 366 6.03 39.17 -10.23
N ARG D 367 6.75 39.82 -11.13
CA ARG D 367 6.92 41.27 -11.07
C ARG D 367 5.59 41.98 -11.19
N ALA D 368 4.87 41.75 -12.28
CA ALA D 368 3.61 42.45 -12.47
C ALA D 368 2.68 42.24 -11.26
N GLU D 369 2.70 41.06 -10.68
CA GLU D 369 1.76 40.77 -9.60
C GLU D 369 2.04 41.68 -8.42
N ARG D 370 3.33 41.91 -8.13
CA ARG D 370 3.69 42.73 -6.98
C ARG D 370 3.37 44.20 -7.23
N VAL D 371 3.72 44.72 -8.42
CA VAL D 371 3.40 46.12 -8.75
C VAL D 371 1.90 46.35 -8.62
N LEU D 372 1.11 45.43 -9.15
CA LEU D 372 -0.34 45.61 -9.14
C LEU D 372 -0.89 45.54 -7.71
N GLU D 373 -0.37 44.64 -6.89
CA GLU D 373 -0.78 44.59 -5.48
C GLU D 373 -0.61 45.96 -4.83
N LEU D 374 0.51 46.63 -5.10
CA LEU D 374 0.81 47.90 -4.45
C LEU D 374 -0.04 49.04 -4.96
N VAL D 375 -0.82 48.85 -6.01
CA VAL D 375 -1.80 49.84 -6.44
C VAL D 375 -3.23 49.33 -6.26
N SER D 376 -3.39 48.28 -5.43
CA SER D 376 -4.69 47.82 -4.97
C SER D 376 -5.46 47.07 -6.06
N ILE D 377 -4.73 46.39 -6.93
CA ILE D 377 -5.26 45.49 -7.92
C ILE D 377 -4.69 44.13 -7.59
N THR D 378 -5.54 43.19 -7.22
CA THR D 378 -5.11 41.88 -6.76
C THR D 378 -5.32 40.86 -7.87
N ALA D 379 -4.22 40.32 -8.36
CA ALA D 379 -4.22 39.26 -9.35
C ALA D 379 -3.22 38.22 -8.90
N ASN D 380 -3.06 37.16 -9.68
CA ASN D 380 -2.03 36.20 -9.31
C ASN D 380 -1.21 35.79 -10.51
N LYS D 381 0.10 35.66 -10.27
CA LYS D 381 1.02 35.14 -11.26
C LYS D 381 0.59 33.72 -11.67
N ASN D 382 0.81 33.41 -12.95
CA ASN D 382 0.34 32.15 -13.52
C ASN D 382 1.35 31.62 -14.52
N THR D 383 1.66 30.34 -14.43
CA THR D 383 2.55 29.69 -15.39
C THR D 383 1.93 29.69 -16.77
N CYS D 384 2.74 29.96 -17.78
CA CYS D 384 2.35 29.91 -19.18
C CYS D 384 3.05 28.79 -19.93
N PRO D 385 2.43 28.26 -21.00
CA PRO D 385 3.09 27.24 -21.80
C PRO D 385 4.43 27.75 -22.32
N GLY D 386 5.47 26.96 -22.09
CA GLY D 386 6.81 27.34 -22.50
C GLY D 386 7.64 28.00 -21.42
N ASP D 387 7.02 28.44 -20.32
CA ASP D 387 7.78 29.06 -19.24
C ASP D 387 8.99 28.22 -18.91
N ARG D 388 10.05 28.89 -18.48
CA ARG D 388 11.30 28.26 -18.11
C ARG D 388 11.54 28.19 -16.61
N SER D 389 11.00 29.12 -15.83
CA SER D 389 11.23 29.17 -14.40
C SER D 389 9.91 29.39 -13.67
N ALA D 390 9.81 28.80 -12.47
CA ALA D 390 8.59 28.94 -11.67
C ALA D 390 8.63 30.22 -10.84
N ILE D 391 9.82 30.68 -10.49
CA ILE D 391 9.98 31.91 -9.71
C ILE D 391 9.51 33.11 -10.51
N THR D 392 9.55 33.02 -11.84
CA THR D 392 9.19 34.12 -12.74
C THR D 392 8.28 33.60 -13.84
N PRO D 393 7.07 33.16 -13.50
CA PRO D 393 6.12 32.70 -14.52
C PRO D 393 5.77 33.83 -15.47
N GLY D 394 5.34 33.45 -16.67
CA GLY D 394 5.15 34.44 -17.71
C GLY D 394 3.86 35.24 -17.66
N GLY D 395 2.88 34.84 -16.82
CA GLY D 395 1.52 35.28 -17.00
C GLY D 395 0.85 35.77 -15.73
N LEU D 396 -0.38 36.23 -15.91
CA LEU D 396 -1.29 36.49 -14.82
C LEU D 396 -2.62 35.82 -15.11
N ARG D 397 -3.30 35.38 -14.05
CA ARG D 397 -4.69 34.96 -14.10
C ARG D 397 -5.58 36.11 -13.61
N LEU D 398 -6.53 36.52 -14.44
CA LEU D 398 -7.44 37.61 -14.12
C LEU D 398 -8.87 37.10 -14.24
N GLY D 399 -9.70 37.41 -13.25
CA GLY D 399 -11.07 36.94 -13.23
C GLY D 399 -12.03 38.10 -13.13
N ALA D 400 -13.25 37.90 -13.65
CA ALA D 400 -14.33 38.87 -13.53
C ALA D 400 -15.41 38.64 -12.47
N PRO D 401 -15.52 37.48 -11.82
CA PRO D 401 -16.69 37.31 -10.92
C PRO D 401 -16.85 38.34 -9.80
N ALA D 402 -15.77 38.63 -9.07
CA ALA D 402 -15.91 39.48 -7.89
C ALA D 402 -16.41 40.88 -8.25
N LEU D 403 -15.71 41.54 -9.17
CA LEU D 403 -16.11 42.88 -9.56
C LEU D 403 -17.46 42.88 -10.29
N THR D 404 -17.79 41.82 -11.02
CA THR D 404 -19.13 41.78 -11.61
C THR D 404 -20.18 41.85 -10.51
N SER D 405 -19.89 41.26 -9.34
CA SER D 405 -20.79 41.35 -8.19
C SER D 405 -20.85 42.74 -7.59
N ARG D 406 -19.95 43.65 -7.99
CA ARG D 406 -20.06 45.05 -7.62
C ARG D 406 -20.69 45.89 -8.73
N GLN D 407 -21.36 45.25 -9.68
CA GLN D 407 -22.01 45.92 -10.81
C GLN D 407 -21.02 46.60 -11.76
N PHE D 408 -19.79 46.10 -11.85
CA PHE D 408 -18.96 46.49 -12.98
C PHE D 408 -19.56 45.98 -14.28
N ARG D 409 -19.42 46.77 -15.33
CA ARG D 409 -19.81 46.41 -16.69
C ARG D 409 -18.59 46.48 -17.60
N GLU D 410 -18.81 46.30 -18.91
CA GLU D 410 -17.70 46.17 -19.85
C GLU D 410 -16.80 47.40 -19.79
N ASP D 411 -17.40 48.60 -19.85
CA ASP D 411 -16.61 49.82 -19.83
C ASP D 411 -15.73 49.90 -18.59
N ASP D 412 -16.27 49.44 -17.45
CA ASP D 412 -15.51 49.48 -16.21
C ASP D 412 -14.33 48.52 -16.26
N PHE D 413 -14.51 47.37 -16.89
CA PHE D 413 -13.40 46.44 -17.06
C PHE D 413 -12.37 46.97 -18.06
N ARG D 414 -12.78 47.82 -19.01
CA ARG D 414 -11.81 48.52 -19.84
C ARG D 414 -10.98 49.49 -19.01
N ARG D 415 -11.62 50.19 -18.07
CA ARG D 415 -10.86 51.02 -17.14
C ARG D 415 -9.92 50.17 -16.27
N VAL D 416 -10.39 49.00 -15.82
CA VAL D 416 -9.50 48.09 -15.09
C VAL D 416 -8.26 47.79 -15.91
N VAL D 417 -8.44 47.45 -17.18
CA VAL D 417 -7.26 47.15 -18.01
C VAL D 417 -6.39 48.38 -18.19
N ASP D 418 -7.00 49.57 -18.32
CA ASP D 418 -6.22 50.79 -18.40
C ASP D 418 -5.29 50.93 -17.21
N PHE D 419 -5.81 50.64 -16.01
CA PHE D 419 -5.01 50.72 -14.78
C PHE D 419 -3.95 49.62 -14.74
N ILE D 420 -4.32 48.39 -15.12
CA ILE D 420 -3.34 47.31 -15.20
C ILE D 420 -2.18 47.73 -16.10
N ASP D 421 -2.48 48.35 -17.24
CA ASP D 421 -1.44 48.69 -18.21
C ASP D 421 -0.50 49.74 -17.64
N GLU D 422 -1.05 50.70 -16.89
CA GLU D 422 -0.21 51.67 -16.20
C GLU D 422 0.74 50.97 -15.23
N GLY D 423 0.23 49.99 -14.48
CA GLY D 423 1.06 49.27 -13.53
C GLY D 423 2.14 48.44 -14.21
N VAL D 424 1.77 47.76 -15.30
CA VAL D 424 2.78 47.06 -16.10
C VAL D 424 3.86 48.03 -16.55
N ASN D 425 3.46 49.21 -17.03
CA ASN D 425 4.43 50.19 -17.50
C ASN D 425 5.36 50.63 -16.38
N ILE D 426 4.80 50.80 -15.18
CA ILE D 426 5.64 51.07 -14.01
C ILE D 426 6.61 49.90 -13.80
N GLY D 427 6.10 48.68 -13.85
CA GLY D 427 6.96 47.54 -13.65
C GLY D 427 8.07 47.45 -14.69
N LEU D 428 7.75 47.85 -15.93
CA LEU D 428 8.75 47.77 -17.00
C LEU D 428 9.90 48.73 -16.73
N GLU D 429 9.60 49.90 -16.15
CA GLU D 429 10.65 50.86 -15.80
C GLU D 429 11.50 50.36 -14.64
N VAL D 430 10.87 49.81 -13.59
CA VAL D 430 11.64 49.28 -12.47
C VAL D 430 12.47 48.08 -12.93
N LYS D 431 11.90 47.22 -13.77
CA LYS D 431 12.70 46.12 -14.31
C LYS D 431 13.94 46.67 -15.02
N SER D 432 13.80 47.82 -15.69
CA SER D 432 14.93 48.42 -16.35
C SER D 432 15.97 48.94 -15.36
N LYS D 433 15.60 49.14 -14.10
CA LYS D 433 16.52 49.66 -13.09
C LYS D 433 16.89 48.63 -12.04
N THR D 434 16.59 47.35 -12.26
CA THR D 434 16.77 46.35 -11.21
C THR D 434 17.14 45.00 -11.84
N ALA D 435 17.84 44.17 -11.04
CA ALA D 435 18.38 42.90 -11.52
C ALA D 435 17.44 41.74 -11.22
N LYS D 436 17.24 41.53 -9.99
CA LYS D 436 16.60 40.33 -9.51
C LYS D 436 15.18 40.62 -8.99
N LEU D 437 14.45 39.47 -8.77
CA LEU D 437 13.09 39.67 -8.27
C LEU D 437 13.09 40.41 -6.94
N GLN D 438 14.08 40.15 -6.08
CA GLN D 438 14.12 40.84 -4.79
C GLN D 438 14.53 42.30 -4.93
N ASP D 439 15.46 42.60 -5.85
CA ASP D 439 15.81 44.01 -6.08
C ASP D 439 14.60 44.78 -6.58
N PHE D 440 13.95 44.24 -7.60
CA PHE D 440 12.70 44.80 -8.10
C PHE D 440 11.76 45.15 -6.97
N LYS D 441 11.57 44.23 -6.03
CA LYS D 441 10.49 44.37 -5.05
C LYS D 441 10.80 45.45 -4.01
N SER D 442 12.03 45.48 -3.49
CA SER D 442 12.38 46.54 -2.55
C SER D 442 12.39 47.90 -3.24
N PHE D 443 12.74 47.94 -4.52
CA PHE D 443 12.75 49.20 -5.26
C PHE D 443 11.38 49.85 -5.25
N LEU D 444 10.33 49.05 -5.40
CA LEU D 444 8.98 49.60 -5.39
C LEU D 444 8.69 50.37 -4.10
N LEU D 445 9.39 50.01 -3.02
CA LEU D 445 9.22 50.62 -1.71
C LEU D 445 10.26 51.71 -1.45
N LYS D 446 11.49 51.52 -1.90
CA LYS D 446 12.59 52.42 -1.58
C LYS D 446 12.56 53.68 -2.44
N ASP D 447 12.71 53.52 -3.76
CA ASP D 447 12.80 54.64 -4.68
C ASP D 447 11.59 55.55 -4.57
N SER D 448 11.80 56.79 -4.12
CA SER D 448 10.67 57.68 -3.91
C SER D 448 9.98 58.05 -5.22
N GLU D 449 10.72 58.15 -6.34
CA GLU D 449 10.05 58.44 -7.60
C GLU D 449 9.15 57.29 -8.03
N THR D 450 9.56 56.04 -7.79
CA THR D 450 8.70 54.91 -8.10
C THR D 450 7.50 54.88 -7.15
N SER D 451 7.71 55.14 -5.85
CA SER D 451 6.59 55.03 -4.92
C SER D 451 5.61 56.19 -5.05
N GLN D 452 6.03 57.31 -5.64
CA GLN D 452 5.09 58.38 -5.96
C GLN D 452 4.16 57.97 -7.09
N ARG D 453 4.71 57.43 -8.17
CA ARG D 453 3.87 56.96 -9.27
C ARG D 453 2.94 55.84 -8.80
N LEU D 454 3.45 54.93 -7.96
CA LEU D 454 2.58 53.92 -7.37
C LEU D 454 1.51 54.57 -6.50
N ALA D 455 1.87 55.58 -5.72
CA ALA D 455 0.88 56.21 -4.85
C ALA D 455 -0.19 56.91 -5.68
N ASN D 456 0.20 57.60 -6.75
CA ASN D 456 -0.80 58.31 -7.56
C ASN D 456 -1.71 57.32 -8.28
N LEU D 457 -1.14 56.25 -8.84
CA LEU D 457 -1.96 55.21 -9.44
C LEU D 457 -2.88 54.56 -8.42
N ARG D 458 -2.34 54.26 -7.24
CA ARG D 458 -3.15 53.62 -6.20
C ARG D 458 -4.34 54.49 -5.81
N GLN D 459 -4.11 55.79 -5.63
CA GLN D 459 -5.19 56.71 -5.31
C GLN D 459 -6.28 56.68 -6.37
N ARG D 460 -5.88 56.74 -7.64
CA ARG D 460 -6.88 56.71 -8.71
C ARG D 460 -7.60 55.37 -8.75
N VAL D 461 -6.86 54.27 -8.58
CA VAL D 461 -7.47 52.94 -8.51
C VAL D 461 -8.52 52.90 -7.39
N GLU D 462 -8.13 53.36 -6.20
CA GLU D 462 -9.03 53.27 -5.05
C GLU D 462 -10.22 54.21 -5.19
N GLN D 463 -10.02 55.39 -5.79
CA GLN D 463 -11.16 56.27 -6.05
C GLN D 463 -12.17 55.60 -6.95
N PHE D 464 -11.70 54.91 -7.99
CA PHE D 464 -12.59 54.23 -8.92
C PHE D 464 -13.31 53.07 -8.23
N ALA D 465 -12.55 52.19 -7.57
CA ALA D 465 -13.14 51.01 -6.95
C ALA D 465 -14.07 51.38 -5.80
N ARG D 466 -13.69 52.36 -4.97
CA ARG D 466 -14.49 52.73 -3.81
C ARG D 466 -15.88 53.19 -4.24
N ALA D 467 -16.02 53.69 -5.47
CA ALA D 467 -17.28 54.24 -5.93
C ALA D 467 -18.34 53.17 -6.20
N PHE D 468 -17.93 51.81 -6.30
CA PHE D 468 -18.92 50.80 -6.64
C PHE D 468 -19.51 50.16 -5.39
N PRO D 469 -20.72 49.62 -5.49
CA PRO D 469 -21.35 48.98 -4.33
C PRO D 469 -20.63 47.69 -3.98
N MET D 470 -20.96 47.15 -2.80
CA MET D 470 -20.31 45.95 -2.29
C MET D 470 -21.30 45.06 -1.55
N PRO D 471 -21.43 43.79 -1.92
CA PRO D 471 -22.30 42.88 -1.17
C PRO D 471 -21.78 42.68 0.23
N GLY D 472 -22.70 42.39 1.16
CA GLY D 472 -22.33 42.00 2.51
C GLY D 472 -22.78 43.02 3.54
N PHE D 473 -22.19 42.92 4.73
CA PHE D 473 -22.46 43.93 5.75
C PHE D 473 -21.81 45.26 5.36
N ASP D 474 -22.18 46.32 6.07
CA ASP D 474 -21.66 47.65 5.74
C ASP D 474 -20.17 47.76 6.10
N GLU D 475 -19.77 47.21 7.24
CA GLU D 475 -18.48 47.53 7.83
C GLU D 475 -17.59 46.34 8.13
N HIS D 476 -18.09 45.11 8.02
CA HIS D 476 -17.27 43.96 8.32
C HIS D 476 -17.65 42.78 7.47
N1 PLG E . 9.32 -22.85 6.84
C2 PLG E . 9.94 -23.32 7.92
C2A PLG E . 9.06 -23.62 9.15
C3 PLG E . 11.35 -23.50 7.84
O3 PLG E . 11.98 -23.96 8.98
C4 PLG E . 12.07 -23.19 6.69
C4A PLG E . 13.58 -23.34 6.54
C5 PLG E . 11.38 -22.71 5.61
C6 PLG E . 10.00 -22.58 5.71
C5A PLG E . 12.01 -22.28 4.31
OP4 PLG E . 12.57 -23.23 3.49
P PLG E . 13.58 -22.77 2.34
OP1 PLG E . 13.62 -23.86 1.31
OP2 PLG E . 13.11 -21.46 1.73
OP3 PLG E . 14.89 -22.51 3.09
C PLG E . 16.06 -24.25 9.15
O PLG E . 17.31 -24.41 9.40
OXT PLG E . 15.24 -24.33 10.08
CA PLG E . 15.58 -23.99 7.73
N PLG E . 14.29 -23.37 7.79
C1 EDO F . -12.41 -6.00 18.87
O1 EDO F . -13.32 -5.61 19.89
C2 EDO F . -11.03 -5.55 19.29
O2 EDO F . -10.79 -6.02 20.60
C1 EDO G . 17.36 -17.10 16.11
O1 EDO G . 16.67 -16.18 16.96
C2 EDO G . 18.05 -18.22 16.89
O2 EDO G . 17.09 -18.99 17.60
N1 PLG H . 13.08 -12.74 -18.01
C2 PLG H . 12.86 -12.95 -19.31
C2A PLG H . 13.25 -11.85 -20.26
C3 PLG H . 12.30 -14.19 -19.71
O3 PLG H . 12.09 -14.39 -21.06
C4 PLG H . 11.98 -15.16 -18.79
C4A PLG H . 11.37 -16.52 -19.12
C5 PLG H . 12.21 -14.91 -17.45
C6 PLG H . 12.76 -13.68 -17.11
C5A PLG H . 11.81 -15.86 -16.34
OP4 PLG H . 12.62 -16.95 -16.03
P PLG H . 11.97 -18.13 -15.17
OP1 PLG H . 10.89 -18.78 -16.06
OP2 PLG H . 11.33 -17.50 -13.96
OP3 PLG H . 13.07 -19.07 -14.86
C PLG H . 10.09 -17.76 -22.35
O PLG H . 9.57 -18.71 -22.99
OXT PLG H . 10.36 -16.71 -22.97
CA PLG H . 10.38 -17.89 -20.86
N PLG H . 10.59 -16.58 -20.31
C1 EDO I . 20.01 11.67 -20.26
O1 EDO I . 19.00 12.07 -21.18
C2 EDO I . 21.38 12.05 -20.80
O2 EDO I . 22.31 11.04 -20.41
C1 EDO J . -14.09 -29.98 -28.47
O1 EDO J . -13.92 -31.37 -28.16
C2 EDO J . -14.73 -29.78 -29.84
O2 EDO J . -16.15 -29.91 -29.67
C1 EDO K . 5.63 15.86 -16.35
O1 EDO K . 5.14 16.43 -17.57
C2 EDO K . 6.83 16.67 -15.85
O2 EDO K . 6.53 18.08 -15.81
N1 PLG L . -11.22 14.36 18.53
C2 PLG L . -12.05 14.04 19.54
C2A PLG L . -11.38 13.49 20.79
C3 PLG L . -13.45 14.20 19.37
O3 PLG L . -14.28 13.85 20.45
C4 PLG L . -13.97 14.73 18.19
C4A PLG L . -15.47 14.92 17.93
C5 PLG L . -13.08 15.03 17.21
C6 PLG L . -11.73 14.86 17.39
C5A PLG L . -13.48 15.53 15.83
OP4 PLG L . -14.01 16.79 15.75
P PLG L . -14.89 17.18 14.42
OP1 PLG L . -14.27 16.56 13.22
OP2 PLG L . -14.97 18.64 14.35
OP3 PLG L . -16.27 16.63 14.70
C PLG L . -18.35 14.11 20.14
O PLG L . -17.62 13.57 21.02
OXT PLG L . -19.62 14.13 20.28
CA PLG L . -17.71 14.70 18.91
N PLG L . -16.33 14.27 18.90
C1 EDO M . -31.01 37.57 -2.35
O1 EDO M . -32.15 36.79 -2.01
C2 EDO M . -30.40 38.26 -1.13
O2 EDO M . -29.11 38.81 -1.41
C1 EDO N . 10.52 13.90 -15.55
O1 EDO N . 9.15 14.28 -15.32
C2 EDO N . 11.15 13.32 -14.30
O2 EDO N . 10.37 12.25 -13.78
N1 PLG O . -11.07 22.46 -7.21
C2 PLG O . -10.71 23.47 -8.01
C2A PLG O . -10.88 23.26 -9.51
C3 PLG O . -10.27 24.64 -7.44
O3 PLG O . -9.89 25.66 -8.28
C4 PLG O . -10.14 24.74 -6.08
C4A PLG O . -9.63 26.04 -5.44
C5 PLG O . -10.48 23.67 -5.27
C6 PLG O . -10.97 22.53 -5.86
C5A PLG O . -10.33 23.69 -3.76
OP4 PLG O . -11.25 24.41 -3.01
P PLG O . -10.75 24.75 -1.51
OP1 PLG O . -10.21 23.55 -0.86
OP2 PLG O . -12.00 25.25 -0.84
OP3 PLG O . -9.72 25.87 -1.61
C PLG O . -8.09 29.04 -6.92
O PLG O . -8.14 28.59 -8.09
OXT PLG O . -7.64 30.20 -6.71
CA PLG O . -8.51 28.15 -5.76
N PLG O . -8.87 26.87 -6.32
C1 EDO P . 1.93 17.99 -24.61
O1 EDO P . 3.00 17.90 -25.56
C2 EDO P . 0.63 17.63 -25.30
O2 EDO P . 0.70 18.07 -26.68
#